data_1J75
# 
_entry.id   1J75 
# 
_audit_conform.dict_name       mmcif_pdbx.dic 
_audit_conform.dict_version    5.376 
_audit_conform.dict_location   http://mmcif.pdb.org/dictionaries/ascii/mmcif_pdbx.dic 
# 
loop_
_database_2.database_id 
_database_2.database_code 
_database_2.pdbx_database_accession 
_database_2.pdbx_DOI 
PDB   1J75         pdb_00001j75 10.2210/pdb1j75/pdb 
NDB   PD0215       ?            ?                   
RCSB  RCSB013443   ?            ?                   
WWPDB D_1000013443 ?            ?                   
# 
_pdbx_database_status.status_code                     REL 
_pdbx_database_status.entry_id                        1J75 
_pdbx_database_status.recvd_initial_deposition_date   2001-05-15 
_pdbx_database_status.deposit_site                    RCSB 
_pdbx_database_status.process_site                    RCSB 
_pdbx_database_status.status_code_sf                  REL 
_pdbx_database_status.SG_entry                        . 
_pdbx_database_status.pdb_format_compatible           Y 
_pdbx_database_status.status_code_mr                  ? 
_pdbx_database_status.status_code_cs                  ? 
_pdbx_database_status.status_code_nmr_data            ? 
_pdbx_database_status.methods_development_category    ? 
# 
loop_
_audit_author.name 
_audit_author.pdbx_ordinal 
'Schwartz, T.'   1 
'Behlke, J.'     2 
'Lowenhaupt, K.' 3 
'Heinemann, U.'  4 
'Rich, A.'       5 
# 
_citation.id                        primary 
_citation.title                     'Structure of the DLM-1-Z-DNA complex reveals a conserved family of Z-DNA-binding proteins.' 
_citation.journal_abbrev            Nat.Struct.Biol. 
_citation.journal_volume            8 
_citation.page_first                761 
_citation.page_last                 765 
_citation.year                      2001 
_citation.journal_id_ASTM           NSBIEW 
_citation.country                   US 
_citation.journal_id_ISSN           1072-8368 
_citation.journal_id_CSD            2024 
_citation.book_publisher            ? 
_citation.pdbx_database_id_PubMed   11524677 
_citation.pdbx_database_id_DOI      10.1038/nsb0901-761 
# 
loop_
_citation_author.citation_id 
_citation_author.name 
_citation_author.ordinal 
_citation_author.identifier_ORCID 
primary 'Schwartz, T.'   1 ? 
primary 'Behlke, J.'     2 ? 
primary 'Lowenhaupt, K.' 3 ? 
primary 'Heinemann, U.'  4 ? 
primary 'Rich, A.'       5 ? 
# 
_cell.entry_id           1J75 
_cell.length_a           63.611 
_cell.length_b           63.611 
_cell.length_c           72.238 
_cell.angle_alpha        90.00 
_cell.angle_beta         90.00 
_cell.angle_gamma        120.00 
_cell.Z_PDB              12 
_cell.pdbx_unique_axis   ? 
# 
_symmetry.entry_id                         1J75 
_symmetry.space_group_name_H-M             'P 65 2 2' 
_symmetry.pdbx_full_space_group_name_H-M   ? 
_symmetry.cell_setting                     ? 
_symmetry.Int_Tables_number                179 
# 
loop_
_entity.id 
_entity.type 
_entity.src_method 
_entity.pdbx_description 
_entity.formula_weight 
_entity.pdbx_number_of_molecules 
_entity.pdbx_ec 
_entity.pdbx_mutation 
_entity.pdbx_fragment 
_entity.details 
1 polymer syn "5'-D(*TP*CP*GP*CP*GP*CP*G)-3'"                       2114.398 1   ? ? ?                                       ? 
2 polymer man 'Tumor Stroma and Activated Macrophage Protein DLM-1' 7328.450 1   ? ? 'N-TERMINAL WINGED-HELIX DOMAIN ZALPHA' ? 
3 water   nat water                                                 18.015   102 ? ? ?                                       ? 
# 
loop_
_entity_poly.entity_id 
_entity_poly.type 
_entity_poly.nstd_linkage 
_entity_poly.nstd_monomer 
_entity_poly.pdbx_seq_one_letter_code 
_entity_poly.pdbx_seq_one_letter_code_can 
_entity_poly.pdbx_strand_id 
_entity_poly.pdbx_target_identifier 
1 polydeoxyribonucleotide no no '(DT)(DC)(DG)(DC)(DG)(DC)(DG)'                                      TCGCGCG B ? 
2 'polypeptide(L)'        no no GSHMLSTGDNLEQKILQVLSDDGGPVKIGQLVKKCQVPKKTLNQVLYRLKKEDRVSSPEPATWSIGG 
GSHMLSTGDNLEQKILQVLSDDGGPVKIGQLVKKCQVPKKTLNQVLYRLKKEDRVSSPEPATWSIGG A ? 
# 
loop_
_entity_poly_seq.entity_id 
_entity_poly_seq.num 
_entity_poly_seq.mon_id 
_entity_poly_seq.hetero 
1 1  DT  n 
1 2  DC  n 
1 3  DG  n 
1 4  DC  n 
1 5  DG  n 
1 6  DC  n 
1 7  DG  n 
2 1  GLY n 
2 2  SER n 
2 3  HIS n 
2 4  MET n 
2 5  LEU n 
2 6  SER n 
2 7  THR n 
2 8  GLY n 
2 9  ASP n 
2 10 ASN n 
2 11 LEU n 
2 12 GLU n 
2 13 GLN n 
2 14 LYS n 
2 15 ILE n 
2 16 LEU n 
2 17 GLN n 
2 18 VAL n 
2 19 LEU n 
2 20 SER n 
2 21 ASP n 
2 22 ASP n 
2 23 GLY n 
2 24 GLY n 
2 25 PRO n 
2 26 VAL n 
2 27 LYS n 
2 28 ILE n 
2 29 GLY n 
2 30 GLN n 
2 31 LEU n 
2 32 VAL n 
2 33 LYS n 
2 34 LYS n 
2 35 CYS n 
2 36 GLN n 
2 37 VAL n 
2 38 PRO n 
2 39 LYS n 
2 40 LYS n 
2 41 THR n 
2 42 LEU n 
2 43 ASN n 
2 44 GLN n 
2 45 VAL n 
2 46 LEU n 
2 47 TYR n 
2 48 ARG n 
2 49 LEU n 
2 50 LYS n 
2 51 LYS n 
2 52 GLU n 
2 53 ASP n 
2 54 ARG n 
2 55 VAL n 
2 56 SER n 
2 57 SER n 
2 58 PRO n 
2 59 GLU n 
2 60 PRO n 
2 61 ALA n 
2 62 THR n 
2 63 TRP n 
2 64 SER n 
2 65 ILE n 
2 66 GLY n 
2 67 GLY n 
# 
_entity_src_gen.entity_id                          2 
_entity_src_gen.pdbx_src_id                        1 
_entity_src_gen.pdbx_alt_source_flag               sample 
_entity_src_gen.pdbx_seq_type                      ? 
_entity_src_gen.pdbx_beg_seq_num                   ? 
_entity_src_gen.pdbx_end_seq_num                   ? 
_entity_src_gen.gene_src_common_name               'house mouse' 
_entity_src_gen.gene_src_genus                     Mus 
_entity_src_gen.pdbx_gene_src_gene                 ? 
_entity_src_gen.gene_src_species                   ? 
_entity_src_gen.gene_src_strain                    ? 
_entity_src_gen.gene_src_tissue                    ? 
_entity_src_gen.gene_src_tissue_fraction           ? 
_entity_src_gen.gene_src_details                   ? 
_entity_src_gen.pdbx_gene_src_fragment             ? 
_entity_src_gen.pdbx_gene_src_scientific_name      'Mus musculus' 
_entity_src_gen.pdbx_gene_src_ncbi_taxonomy_id     10090 
_entity_src_gen.pdbx_gene_src_variant              ? 
_entity_src_gen.pdbx_gene_src_cell_line            ? 
_entity_src_gen.pdbx_gene_src_atcc                 ? 
_entity_src_gen.pdbx_gene_src_organ                ? 
_entity_src_gen.pdbx_gene_src_organelle            ? 
_entity_src_gen.pdbx_gene_src_cell                 ? 
_entity_src_gen.pdbx_gene_src_cellular_location    ? 
_entity_src_gen.host_org_common_name               ? 
_entity_src_gen.pdbx_host_org_scientific_name      'Escherichia coli' 
_entity_src_gen.pdbx_host_org_ncbi_taxonomy_id     562 
_entity_src_gen.host_org_genus                     Escherichia 
_entity_src_gen.pdbx_host_org_gene                 ? 
_entity_src_gen.pdbx_host_org_organ                ? 
_entity_src_gen.host_org_species                   ? 
_entity_src_gen.pdbx_host_org_tissue               ? 
_entity_src_gen.pdbx_host_org_tissue_fraction      ? 
_entity_src_gen.pdbx_host_org_strain               'Novablue (DE3)' 
_entity_src_gen.pdbx_host_org_variant              ? 
_entity_src_gen.pdbx_host_org_cell_line            ? 
_entity_src_gen.pdbx_host_org_atcc                 ? 
_entity_src_gen.pdbx_host_org_culture_collection   ? 
_entity_src_gen.pdbx_host_org_cell                 ? 
_entity_src_gen.pdbx_host_org_organelle            ? 
_entity_src_gen.pdbx_host_org_cellular_location    ? 
_entity_src_gen.pdbx_host_org_vector_type          PLASMID 
_entity_src_gen.pdbx_host_org_vector               ? 
_entity_src_gen.host_org_details                   ? 
_entity_src_gen.expression_system_id               ? 
_entity_src_gen.plasmid_name                       pET28a 
_entity_src_gen.plasmid_details                    ? 
_entity_src_gen.pdbx_description                   ? 
# 
loop_
_struct_ref.id 
_struct_ref.db_name 
_struct_ref.db_code 
_struct_ref.entity_id 
_struct_ref.pdbx_seq_one_letter_code 
_struct_ref.pdbx_align_begin 
_struct_ref.pdbx_db_accession 
_struct_ref.pdbx_db_isoform 
1 UNP ZBP1_MOUSE 2 LSTGDNLEQKILQVLSDDGGPVKIGQLVKKCQVPKKTLNQVLYRLKKEDRVSSPEPATWSIGG 8 Q9QY24 ? 
2 PDB 1J75       1 ?                                                               ? 1J75   ? 
# 
loop_
_struct_ref_seq.align_id 
_struct_ref_seq.ref_id 
_struct_ref_seq.pdbx_PDB_id_code 
_struct_ref_seq.pdbx_strand_id 
_struct_ref_seq.seq_align_beg 
_struct_ref_seq.pdbx_seq_align_beg_ins_code 
_struct_ref_seq.seq_align_end 
_struct_ref_seq.pdbx_seq_align_end_ins_code 
_struct_ref_seq.pdbx_db_accession 
_struct_ref_seq.db_align_beg 
_struct_ref_seq.pdbx_db_align_beg_ins_code 
_struct_ref_seq.db_align_end 
_struct_ref_seq.pdbx_db_align_end_ins_code 
_struct_ref_seq.pdbx_auth_seq_align_beg 
_struct_ref_seq.pdbx_auth_seq_align_end 
1 1 1J75 A 5 ? 67 ? Q9QY24 8   ? 70  ? 108 170 
2 2 1J75 B 1 ? 7  ? 1J75   200 ? 206 ? 200 206 
# 
loop_
_struct_ref_seq_dif.align_id 
_struct_ref_seq_dif.pdbx_pdb_id_code 
_struct_ref_seq_dif.mon_id 
_struct_ref_seq_dif.pdbx_pdb_strand_id 
_struct_ref_seq_dif.seq_num 
_struct_ref_seq_dif.pdbx_pdb_ins_code 
_struct_ref_seq_dif.pdbx_seq_db_name 
_struct_ref_seq_dif.pdbx_seq_db_accession_code 
_struct_ref_seq_dif.db_mon_id 
_struct_ref_seq_dif.pdbx_seq_db_seq_num 
_struct_ref_seq_dif.details 
_struct_ref_seq_dif.pdbx_auth_seq_num 
_struct_ref_seq_dif.pdbx_ordinal 
1 1J75 GLY A 1 ? UNP Q9QY24 ? ? 'cloning artifact' 104 1 
1 1J75 SER A 2 ? UNP Q9QY24 ? ? 'cloning artifact' 105 2 
1 1J75 HIS A 3 ? UNP Q9QY24 ? ? 'cloning artifact' 106 3 
1 1J75 MET A 4 ? UNP Q9QY24 ? ? 'cloning artifact' 107 4 
# 
loop_
_chem_comp.id 
_chem_comp.type 
_chem_comp.mon_nstd_flag 
_chem_comp.name 
_chem_comp.pdbx_synonyms 
_chem_comp.formula 
_chem_comp.formula_weight 
ALA 'L-peptide linking' y ALANINE                              ? 'C3 H7 N O2'      89.093  
ARG 'L-peptide linking' y ARGININE                             ? 'C6 H15 N4 O2 1'  175.209 
ASN 'L-peptide linking' y ASPARAGINE                           ? 'C4 H8 N2 O3'     132.118 
ASP 'L-peptide linking' y 'ASPARTIC ACID'                      ? 'C4 H7 N O4'      133.103 
CYS 'L-peptide linking' y CYSTEINE                             ? 'C3 H7 N O2 S'    121.158 
DC  'DNA linking'       y "2'-DEOXYCYTIDINE-5'-MONOPHOSPHATE"  ? 'C9 H14 N3 O7 P'  307.197 
DG  'DNA linking'       y "2'-DEOXYGUANOSINE-5'-MONOPHOSPHATE" ? 'C10 H14 N5 O7 P' 347.221 
DT  'DNA linking'       y "THYMIDINE-5'-MONOPHOSPHATE"         ? 'C10 H15 N2 O8 P' 322.208 
GLN 'L-peptide linking' y GLUTAMINE                            ? 'C5 H10 N2 O3'    146.144 
GLU 'L-peptide linking' y 'GLUTAMIC ACID'                      ? 'C5 H9 N O4'      147.129 
GLY 'peptide linking'   y GLYCINE                              ? 'C2 H5 N O2'      75.067  
HIS 'L-peptide linking' y HISTIDINE                            ? 'C6 H10 N3 O2 1'  156.162 
HOH non-polymer         . WATER                                ? 'H2 O'            18.015  
ILE 'L-peptide linking' y ISOLEUCINE                           ? 'C6 H13 N O2'     131.173 
LEU 'L-peptide linking' y LEUCINE                              ? 'C6 H13 N O2'     131.173 
LYS 'L-peptide linking' y LYSINE                               ? 'C6 H15 N2 O2 1'  147.195 
MET 'L-peptide linking' y METHIONINE                           ? 'C5 H11 N O2 S'   149.211 
PRO 'L-peptide linking' y PROLINE                              ? 'C5 H9 N O2'      115.130 
SER 'L-peptide linking' y SERINE                               ? 'C3 H7 N O3'      105.093 
THR 'L-peptide linking' y THREONINE                            ? 'C4 H9 N O3'      119.119 
TRP 'L-peptide linking' y TRYPTOPHAN                           ? 'C11 H12 N2 O2'   204.225 
TYR 'L-peptide linking' y TYROSINE                             ? 'C9 H11 N O3'     181.189 
VAL 'L-peptide linking' y VALINE                               ? 'C5 H11 N O2'     117.146 
# 
_exptl.entry_id          1J75 
_exptl.method            'X-RAY DIFFRACTION' 
_exptl.crystals_number   2 
# 
_exptl_crystal.id                    1 
_exptl_crystal.density_meas          ? 
_exptl_crystal.density_Matthews      2.59 
_exptl_crystal.density_percent_sol   52.2 
_exptl_crystal.description           ? 
# 
_exptl_crystal_grow.crystal_id      1 
_exptl_crystal_grow.method          'VAPOR DIFFUSION, HANGING DROP' 
_exptl_crystal_grow.temp            297 
_exptl_crystal_grow.temp_details    ? 
_exptl_crystal_grow.pH              6.00 
_exptl_crystal_grow.pdbx_details    
;15% PEG 4000, 0.1M ammonium hydrogen phosphate, 15% ethylene glycol, 0.1M MES pH 6.0, pH 6.00, VAPOR DIFFUSION, HANGING DROP, temperature 297K
;
_exptl_crystal_grow.pdbx_pH_range   ? 
# 
loop_
_exptl_crystal_grow_comp.crystal_id 
_exptl_crystal_grow_comp.id 
_exptl_crystal_grow_comp.sol_id 
_exptl_crystal_grow_comp.name 
_exptl_crystal_grow_comp.volume 
_exptl_crystal_grow_comp.conc 
_exptl_crystal_grow_comp.details 
1 1 1 'PEG 4000'                    ? ? ? 
1 2 1 'ammonium hydrogen phosphate' ? ? ? 
1 3 1 'ethylene glycol'             ? ? ? 
1 4 1 MES                           ? ? ? 
# 
_diffrn.id                     1 
_diffrn.ambient_temp           100.0 
_diffrn.ambient_temp_details   ? 
_diffrn.crystal_id             1 
# 
_diffrn_detector.diffrn_id              1 
_diffrn_detector.detector               CCD 
_diffrn_detector.type                   MARRESEARCH 
_diffrn_detector.pdbx_collection_date   2000-08-16 
_diffrn_detector.details                ? 
# 
_diffrn_radiation.diffrn_id                        1 
_diffrn_radiation.wavelength_id                    1 
_diffrn_radiation.pdbx_monochromatic_or_laue_m_l   M 
_diffrn_radiation.monochromator                    MIRRORS 
_diffrn_radiation.pdbx_diffrn_protocol             'SINGLE WAVELENGTH' 
_diffrn_radiation.pdbx_scattering_type             x-ray 
# 
_diffrn_radiation_wavelength.id           1 
_diffrn_radiation_wavelength.wavelength   0.9102 
_diffrn_radiation_wavelength.wt           1.0 
# 
_diffrn_source.diffrn_id                   1 
_diffrn_source.source                      SYNCHROTRON 
_diffrn_source.type                        'EMBL/DESY, HAMBURG BEAMLINE X11' 
_diffrn_source.pdbx_synchrotron_site       'EMBL/DESY, HAMBURG' 
_diffrn_source.pdbx_synchrotron_beamline   X11 
_diffrn_source.pdbx_wavelength             0.9102 
_diffrn_source.pdbx_wavelength_list        0.9102 
# 
_reflns.entry_id                     1J75 
_reflns.observed_criterion_sigma_I   0.000 
_reflns.observed_criterion_sigma_F   0.000 
_reflns.d_resolution_low             32.0 
_reflns.d_resolution_high            1.85 
_reflns.number_obs                   7802 
_reflns.number_all                   7802 
_reflns.percent_possible_obs         99.8 
_reflns.pdbx_Rmerge_I_obs            0.0660000 
_reflns.pdbx_Rsym_value              ? 
_reflns.pdbx_netI_over_sigmaI        6.7 
_reflns.B_iso_Wilson_estimate        37.6 
_reflns.pdbx_redundancy              23.4 
_reflns.R_free_details               ? 
_reflns.pdbx_diffrn_id               1 
_reflns.pdbx_ordinal                 1 
# 
_reflns_shell.d_res_high             1.85 
_reflns_shell.d_res_low              1.88 
_reflns_shell.percent_possible_all   99.5 
_reflns_shell.Rmerge_I_obs           0.6130000 
_reflns_shell.pdbx_Rsym_value        ? 
_reflns_shell.meanI_over_sigI_obs    2.9 
_reflns_shell.pdbx_redundancy        7.90 
_reflns_shell.percent_possible_obs   ? 
_reflns_shell.number_unique_all      ? 
_reflns_shell.pdbx_diffrn_id         ? 
_reflns_shell.pdbx_ordinal           1 
# 
_refine.entry_id                                 1J75 
_refine.ls_number_reflns_obs                     7778 
_refine.ls_number_reflns_all                     7778 
_refine.pdbx_ls_sigma_I                          0.00 
_refine.pdbx_ls_sigma_F                          0.00 
_refine.pdbx_data_cutoff_high_absF               ? 
_refine.pdbx_data_cutoff_low_absF                ? 
_refine.ls_d_res_low                             32.00 
_refine.ls_d_res_high                            1.85 
_refine.ls_percent_reflns_obs                    99.53 
_refine.ls_R_factor_obs                          0.2250000 
_refine.ls_R_factor_all                          0.2250000 
_refine.ls_R_factor_R_work                       0.2180000 
_refine.ls_R_factor_R_free                       0.2400000 
_refine.ls_R_factor_R_free_error                 ? 
_refine.ls_R_factor_R_free_error_details         ? 
_refine.ls_percent_reflns_R_free                 10.6 
_refine.ls_number_reflns_R_free                  826 
_refine.ls_number_parameters                     ? 
_refine.ls_number_restraints                     ? 
_refine.occupancy_min                            ? 
_refine.occupancy_max                            ? 
_refine.B_iso_mean                               21.3 
_refine.aniso_B[1][1]                            0.08 
_refine.aniso_B[2][2]                            0.08 
_refine.aniso_B[3][3]                            -0.12 
_refine.aniso_B[1][2]                            0.04 
_refine.aniso_B[1][3]                            0.00 
_refine.aniso_B[2][3]                            0.00 
_refine.solvent_model_details                    
'BABINET MODEL WITH MASK PARAMETERS FOR MASK CALCULATION VDW PROBE RADIUS : 1.40 ION PROBE RADIUS : 0.80 SHRINKAGE RADIUS : 0.80' 
_refine.solvent_model_param_ksol                 ? 
_refine.solvent_model_param_bsol                 ? 
_refine.pdbx_ls_cross_valid_method               THROUGHOUT 
_refine.details                                  'CNS 1.0 and REFMAC5 used in refinement' 
_refine.pdbx_starting_model                      'PDB ENTRY 1QBJ' 
_refine.pdbx_method_to_determine_struct          'MOLECULAR REPLACEMENT' 
_refine.pdbx_isotropic_thermal_model             ? 
_refine.pdbx_stereochemistry_target_values       'MAXIMUM LIKELIHOOD' 
_refine.pdbx_stereochem_target_val_spec_case     ? 
_refine.pdbx_R_Free_selection_details            'RANDOM R VALUE (WORKING + TEST SET) : 0.22152' 
_refine.pdbx_overall_ESU_R_Free                  ? 
_refine.overall_SU_B                             ? 
_refine.ls_redundancy_reflns_obs                 ? 
_refine.correlation_coeff_Fo_to_Fc               ? 
_refine.correlation_coeff_Fo_to_Fc_free          ? 
_refine.overall_SU_R_Cruickshank_DPI             ? 
_refine.overall_SU_R_free                        ? 
_refine.overall_SU_ML                            ? 
_refine.pdbx_overall_ESU_R                       ? 
_refine.pdbx_data_cutoff_high_rms_absF           ? 
_refine.pdbx_refine_id                           'X-RAY DIFFRACTION' 
_refine.pdbx_diffrn_id                           1 
_refine.pdbx_TLS_residual_ADP_flag               ? 
_refine.pdbx_solvent_vdw_probe_radii             ? 
_refine.pdbx_solvent_ion_probe_radii             ? 
_refine.pdbx_solvent_shrinkage_radii             ? 
_refine.pdbx_overall_phase_error                 ? 
_refine.pdbx_overall_SU_R_free_Cruickshank_DPI   ? 
_refine.pdbx_overall_SU_R_Blow_DPI               ? 
_refine.pdbx_overall_SU_R_free_Blow_DPI          ? 
# 
_refine_hist.pdbx_refine_id                   'X-RAY DIFFRACTION' 
_refine_hist.cycle_id                         LAST 
_refine_hist.pdbx_number_atoms_protein        444 
_refine_hist.pdbx_number_atoms_nucleic_acid   140 
_refine_hist.pdbx_number_atoms_ligand         0 
_refine_hist.number_atoms_solvent             102 
_refine_hist.number_atoms_total               686 
_refine_hist.d_res_high                       1.85 
_refine_hist.d_res_low                        32.00 
# 
loop_
_refine_ls_restr.type 
_refine_ls_restr.dev_ideal 
_refine_ls_restr.dev_ideal_target 
_refine_ls_restr.weight 
_refine_ls_restr.number 
_refine_ls_restr.pdbx_refine_id 
_refine_ls_restr.pdbx_restraint_function 
c_bond_d       0.019 ?     ? ? 'X-RAY DIFFRACTION' ? 
c_bond_d_na    0.017 1.614 ? ? 'X-RAY DIFFRACTION' ? 
c_angle_deg    1.59  2.603 ? ? 'X-RAY DIFFRACTION' ? 
c_angle_deg_na 1.80  3.444 ? ? 'X-RAY DIFFRACTION' ? 
c_mcangle_it   2.60  5.549 ? ? 'X-RAY DIFFRACTION' ? 
c_mcbond_it    1.61  ?     ? ? 'X-RAY DIFFRACTION' ? 
# 
_refine_ls_shell.pdbx_total_number_of_bins_used   ? 
_refine_ls_shell.d_res_high                       1.85 
_refine_ls_shell.d_res_low                        1.88 
_refine_ls_shell.number_reflns_R_work             ? 
_refine_ls_shell.R_factor_R_work                  0.2790000 
_refine_ls_shell.percent_reflns_obs               99.5 
_refine_ls_shell.R_factor_R_free                  0.3130000 
_refine_ls_shell.R_factor_R_free_error            ? 
_refine_ls_shell.percent_reflns_R_free            ? 
_refine_ls_shell.number_reflns_R_free             53 
_refine_ls_shell.redundancy_reflns_obs            ? 
_refine_ls_shell.pdbx_refine_id                   'X-RAY DIFFRACTION' 
_refine_ls_shell.number_reflns_all                ? 
_refine_ls_shell.R_factor_all                     ? 
# 
_struct.entry_id                  1J75 
_struct.title                     'Crystal Structure of the DNA-Binding Domain Zalpha of DLM-1 Bound to Z-DNA' 
_struct.pdbx_model_details        ? 
_struct.pdbx_CASP_flag            ? 
_struct.pdbx_model_type_details   ? 
# 
_struct_keywords.entry_id        1J75 
_struct_keywords.pdbx_keywords   'IMMUNE SYSTEM/DNA' 
_struct_keywords.text            'PROTEIN-Z-DNA COMPLEX, IMMUNE SYSTEM-DNA COMPLEX' 
# 
loop_
_struct_asym.id 
_struct_asym.pdbx_blank_PDB_chainid_flag 
_struct_asym.pdbx_modified 
_struct_asym.entity_id 
_struct_asym.details 
A N N 1 ? 
B N N 2 ? 
C N N 3 ? 
D N N 3 ? 
# 
loop_
_struct_conf.conf_type_id 
_struct_conf.id 
_struct_conf.pdbx_PDB_helix_id 
_struct_conf.beg_label_comp_id 
_struct_conf.beg_label_asym_id 
_struct_conf.beg_label_seq_id 
_struct_conf.pdbx_beg_PDB_ins_code 
_struct_conf.end_label_comp_id 
_struct_conf.end_label_asym_id 
_struct_conf.end_label_seq_id 
_struct_conf.pdbx_end_PDB_ins_code 
_struct_conf.beg_auth_comp_id 
_struct_conf.beg_auth_asym_id 
_struct_conf.beg_auth_seq_id 
_struct_conf.end_auth_comp_id 
_struct_conf.end_auth_asym_id 
_struct_conf.end_auth_seq_id 
_struct_conf.pdbx_PDB_helix_class 
_struct_conf.details 
_struct_conf.pdbx_PDB_helix_length 
HELX_P HELX_P1 1 ASN B 10 ? GLY B 23 ? ASN A 113 GLY A 126 1 ? 14 
HELX_P HELX_P2 2 ILE B 28 ? GLN B 36 ? ILE A 131 GLN A 139 1 ? 9  
HELX_P HELX_P3 3 PRO B 38 ? GLU B 52 ? PRO A 141 GLU A 155 1 ? 15 
# 
_struct_conf_type.id          HELX_P 
_struct_conf_type.criteria    ? 
_struct_conf_type.reference   ? 
# 
loop_
_struct_conn.id 
_struct_conn.conn_type_id 
_struct_conn.pdbx_leaving_atom_flag 
_struct_conn.pdbx_PDB_id 
_struct_conn.ptnr1_label_asym_id 
_struct_conn.ptnr1_label_comp_id 
_struct_conn.ptnr1_label_seq_id 
_struct_conn.ptnr1_label_atom_id 
_struct_conn.pdbx_ptnr1_label_alt_id 
_struct_conn.pdbx_ptnr1_PDB_ins_code 
_struct_conn.pdbx_ptnr1_standard_comp_id 
_struct_conn.ptnr1_symmetry 
_struct_conn.ptnr2_label_asym_id 
_struct_conn.ptnr2_label_comp_id 
_struct_conn.ptnr2_label_seq_id 
_struct_conn.ptnr2_label_atom_id 
_struct_conn.pdbx_ptnr2_label_alt_id 
_struct_conn.pdbx_ptnr2_PDB_ins_code 
_struct_conn.ptnr1_auth_asym_id 
_struct_conn.ptnr1_auth_comp_id 
_struct_conn.ptnr1_auth_seq_id 
_struct_conn.ptnr2_auth_asym_id 
_struct_conn.ptnr2_auth_comp_id 
_struct_conn.ptnr2_auth_seq_id 
_struct_conn.ptnr2_symmetry 
_struct_conn.pdbx_ptnr3_label_atom_id 
_struct_conn.pdbx_ptnr3_label_seq_id 
_struct_conn.pdbx_ptnr3_label_comp_id 
_struct_conn.pdbx_ptnr3_label_asym_id 
_struct_conn.pdbx_ptnr3_label_alt_id 
_struct_conn.pdbx_ptnr3_PDB_ins_code 
_struct_conn.details 
_struct_conn.pdbx_dist_value 
_struct_conn.pdbx_value_order 
_struct_conn.pdbx_role 
hydrog1  hydrog ? ? A DC 2 N3 ? ? ? 1_555 A DG 7 N1 ? ? B DC 201 B DG 206 11_455 ? ? ? ? ? ? WATSON-CRICK ? ? ? 
hydrog2  hydrog ? ? A DC 2 N4 ? ? ? 1_555 A DG 7 O6 ? ? B DC 201 B DG 206 11_455 ? ? ? ? ? ? WATSON-CRICK ? ? ? 
hydrog3  hydrog ? ? A DC 2 O2 ? ? ? 1_555 A DG 7 N2 ? ? B DC 201 B DG 206 11_455 ? ? ? ? ? ? WATSON-CRICK ? ? ? 
hydrog4  hydrog ? ? A DG 3 N1 ? ? ? 1_555 A DC 6 N3 ? ? B DG 202 B DC 205 11_455 ? ? ? ? ? ? WATSON-CRICK ? ? ? 
hydrog5  hydrog ? ? A DG 3 N2 ? ? ? 1_555 A DC 6 O2 ? ? B DG 202 B DC 205 11_455 ? ? ? ? ? ? WATSON-CRICK ? ? ? 
hydrog6  hydrog ? ? A DG 3 O6 ? ? ? 1_555 A DC 6 N4 ? ? B DG 202 B DC 205 11_455 ? ? ? ? ? ? WATSON-CRICK ? ? ? 
hydrog7  hydrog ? ? A DC 4 N3 ? ? ? 1_555 A DG 5 N1 ? ? B DC 203 B DG 204 11_455 ? ? ? ? ? ? WATSON-CRICK ? ? ? 
hydrog8  hydrog ? ? A DC 4 N4 ? ? ? 1_555 A DG 5 O6 ? ? B DC 203 B DG 204 11_455 ? ? ? ? ? ? WATSON-CRICK ? ? ? 
hydrog9  hydrog ? ? A DC 4 O2 ? ? ? 1_555 A DG 5 N2 ? ? B DC 203 B DG 204 11_455 ? ? ? ? ? ? WATSON-CRICK ? ? ? 
hydrog10 hydrog ? ? A DG 5 N1 ? ? ? 1_555 A DC 4 N3 ? ? B DG 204 B DC 203 11_455 ? ? ? ? ? ? WATSON-CRICK ? ? ? 
hydrog11 hydrog ? ? A DG 5 N2 ? ? ? 1_555 A DC 4 O2 ? ? B DG 204 B DC 203 11_455 ? ? ? ? ? ? WATSON-CRICK ? ? ? 
hydrog12 hydrog ? ? A DG 5 O6 ? ? ? 1_555 A DC 4 N4 ? ? B DG 204 B DC 203 11_455 ? ? ? ? ? ? WATSON-CRICK ? ? ? 
hydrog13 hydrog ? ? A DC 6 N3 ? ? ? 1_555 A DG 3 N1 ? ? B DC 205 B DG 202 11_455 ? ? ? ? ? ? WATSON-CRICK ? ? ? 
hydrog14 hydrog ? ? A DC 6 N4 ? ? ? 1_555 A DG 3 O6 ? ? B DC 205 B DG 202 11_455 ? ? ? ? ? ? WATSON-CRICK ? ? ? 
hydrog15 hydrog ? ? A DC 6 O2 ? ? ? 1_555 A DG 3 N2 ? ? B DC 205 B DG 202 11_455 ? ? ? ? ? ? WATSON-CRICK ? ? ? 
hydrog16 hydrog ? ? A DG 7 N1 ? ? ? 1_555 A DC 2 N3 ? ? B DG 206 B DC 201 11_455 ? ? ? ? ? ? WATSON-CRICK ? ? ? 
hydrog17 hydrog ? ? A DG 7 N2 ? ? ? 1_555 A DC 2 O2 ? ? B DG 206 B DC 201 11_455 ? ? ? ? ? ? WATSON-CRICK ? ? ? 
hydrog18 hydrog ? ? A DG 7 O6 ? ? ? 1_555 A DC 2 N4 ? ? B DG 206 B DC 201 11_455 ? ? ? ? ? ? WATSON-CRICK ? ? ? 
# 
_struct_conn_type.id          hydrog 
_struct_conn_type.criteria    ? 
_struct_conn_type.reference   ? 
# 
_struct_sheet.id               A 
_struct_sheet.type             ? 
_struct_sheet.number_strands   3 
_struct_sheet.details          ? 
# 
loop_
_struct_sheet_order.sheet_id 
_struct_sheet_order.range_id_1 
_struct_sheet_order.range_id_2 
_struct_sheet_order.offset 
_struct_sheet_order.sense 
A 1 2 ? anti-parallel 
A 2 3 ? anti-parallel 
# 
loop_
_struct_sheet_range.sheet_id 
_struct_sheet_range.id 
_struct_sheet_range.beg_label_comp_id 
_struct_sheet_range.beg_label_asym_id 
_struct_sheet_range.beg_label_seq_id 
_struct_sheet_range.pdbx_beg_PDB_ins_code 
_struct_sheet_range.end_label_comp_id 
_struct_sheet_range.end_label_asym_id 
_struct_sheet_range.end_label_seq_id 
_struct_sheet_range.pdbx_end_PDB_ins_code 
_struct_sheet_range.beg_auth_comp_id 
_struct_sheet_range.beg_auth_asym_id 
_struct_sheet_range.beg_auth_seq_id 
_struct_sheet_range.end_auth_comp_id 
_struct_sheet_range.end_auth_asym_id 
_struct_sheet_range.end_auth_seq_id 
A 1 VAL B 26 ? LYS B 27 ? VAL A 129 LYS A 130 
A 2 THR B 62 ? ILE B 65 ? THR A 165 ILE A 168 
A 3 VAL B 55 ? GLU B 59 ? VAL A 158 GLU A 162 
# 
loop_
_pdbx_struct_sheet_hbond.sheet_id 
_pdbx_struct_sheet_hbond.range_id_1 
_pdbx_struct_sheet_hbond.range_id_2 
_pdbx_struct_sheet_hbond.range_1_label_atom_id 
_pdbx_struct_sheet_hbond.range_1_label_comp_id 
_pdbx_struct_sheet_hbond.range_1_label_asym_id 
_pdbx_struct_sheet_hbond.range_1_label_seq_id 
_pdbx_struct_sheet_hbond.range_1_PDB_ins_code 
_pdbx_struct_sheet_hbond.range_1_auth_atom_id 
_pdbx_struct_sheet_hbond.range_1_auth_comp_id 
_pdbx_struct_sheet_hbond.range_1_auth_asym_id 
_pdbx_struct_sheet_hbond.range_1_auth_seq_id 
_pdbx_struct_sheet_hbond.range_2_label_atom_id 
_pdbx_struct_sheet_hbond.range_2_label_comp_id 
_pdbx_struct_sheet_hbond.range_2_label_asym_id 
_pdbx_struct_sheet_hbond.range_2_label_seq_id 
_pdbx_struct_sheet_hbond.range_2_PDB_ins_code 
_pdbx_struct_sheet_hbond.range_2_auth_atom_id 
_pdbx_struct_sheet_hbond.range_2_auth_comp_id 
_pdbx_struct_sheet_hbond.range_2_auth_asym_id 
_pdbx_struct_sheet_hbond.range_2_auth_seq_id 
A 1 2 O VAL B 26 ? O VAL A 129 N TRP B 63 ? N TRP A 166 
A 2 3 N SER B 64 ? N SER A 167 O SER B 56 ? O SER A 159 
# 
_atom_sites.entry_id                    1J75 
_atom_sites.fract_transf_matrix[1][1]   -0.01330005 
_atom_sites.fract_transf_matrix[1][2]   -0.00143295 
_atom_sites.fract_transf_matrix[1][3]   -0.01227106 
_atom_sites.fract_transf_matrix[2][1]   0.00248481 
_atom_sites.fract_transf_matrix[2][2]   0.00627374 
_atom_sites.fract_transf_matrix[2][3]   -0.01685222 
_atom_sites.fract_transf_matrix[3][1]   0.00490567 
_atom_sites.fract_transf_matrix[3][2]   -0.01235109 
_atom_sites.fract_transf_matrix[3][3]   -0.00387473 
_atom_sites.fract_transf_vector[1]      -0.361799 
_atom_sites.fract_transf_vector[2]      -0.267164 
_atom_sites.fract_transf_vector[3]      0.195040 
# 
loop_
_atom_type.symbol 
C 
N 
O 
P 
S 
# 
loop_
_atom_site.group_PDB 
_atom_site.id 
_atom_site.type_symbol 
_atom_site.label_atom_id 
_atom_site.label_alt_id 
_atom_site.label_comp_id 
_atom_site.label_asym_id 
_atom_site.label_entity_id 
_atom_site.label_seq_id 
_atom_site.pdbx_PDB_ins_code 
_atom_site.Cartn_x 
_atom_site.Cartn_y 
_atom_site.Cartn_z 
_atom_site.occupancy 
_atom_site.B_iso_or_equiv 
_atom_site.pdbx_formal_charge 
_atom_site.auth_seq_id 
_atom_site.auth_comp_id 
_atom_site.auth_asym_id 
_atom_site.auth_atom_id 
_atom_site.pdbx_PDB_model_num 
ATOM   1   O "O5'" . DT  A 1 1  ? 10.113  -12.941 6.254   1.00 85.12 ? 200 DT  B "O5'" 1 
ATOM   2   C "C5'" . DT  A 1 1  ? 11.209  -13.364 7.078   1.00 86.21 ? 200 DT  B "C5'" 1 
ATOM   3   C "C4'" . DT  A 1 1  ? 11.293  -12.606 8.398   1.00 85.74 ? 200 DT  B "C4'" 1 
ATOM   4   O "O4'" . DT  A 1 1  ? 10.416  -13.200 9.393   1.00 89.02 ? 200 DT  B "O4'" 1 
ATOM   5   C "C3'" . DT  A 1 1  ? 12.677  -12.637 9.029   1.00 82.47 ? 200 DT  B "C3'" 1 
ATOM   6   O "O3'" . DT  A 1 1  ? 12.940  -11.517 9.873   1.00 69.70 ? 200 DT  B "O3'" 1 
ATOM   7   C "C2'" . DT  A 1 1  ? 12.644  -13.867 9.913   1.00 86.89 ? 200 DT  B "C2'" 1 
ATOM   8   C "C1'" . DT  A 1 1  ? 11.173  -14.019 10.269  1.00 89.87 ? 200 DT  B "C1'" 1 
ATOM   9   N N1    . DT  A 1 1  ? 10.787  -15.449 10.115  1.00 94.52 ? 200 DT  B N1    1 
ATOM   10  C C2    . DT  A 1 1  ? 10.523  -16.218 11.230  1.00 96.61 ? 200 DT  B C2    1 
ATOM   11  O O2    . DT  A 1 1  ? 10.560  -15.799 12.376  1.00 99.33 ? 200 DT  B O2    1 
ATOM   12  N N3    . DT  A 1 1  ? 10.201  -17.517 10.934  1.00 97.08 ? 200 DT  B N3    1 
ATOM   13  C C4    . DT  A 1 1  ? 10.136  -18.119 9.681   1.00 97.83 ? 200 DT  B C4    1 
ATOM   14  O O4    . DT  A 1 1  ? 9.840   -19.308 9.527   1.00 97.90 ? 200 DT  B O4    1 
ATOM   15  C C5    . DT  A 1 1  ? 10.428  -17.256 8.562   1.00 97.92 ? 200 DT  B C5    1 
ATOM   16  C C7    . DT  A 1 1  ? 10.308  -17.771 7.150   1.00 98.00 ? 200 DT  B C7    1 
ATOM   17  C C6    . DT  A 1 1  ? 10.740  -15.981 8.831   1.00 96.36 ? 200 DT  B C6    1 
ATOM   18  P P     . DC  A 1 2  ? 14.412  -10.925 9.885   1.00 49.15 ? 201 DC  B P     1 
ATOM   19  O OP1   . DC  A 1 2  ? 15.335  -11.987 9.484   1.00 82.38 ? 201 DC  B OP1   1 
ATOM   20  O OP2   . DC  A 1 2  ? 14.599  -10.228 11.181  1.00 82.94 ? 201 DC  B OP2   1 
ATOM   21  O "O5'" . DC  A 1 2  ? 14.379  -9.886  8.669   1.00 42.48 ? 201 DC  B "O5'" 1 
ATOM   22  C "C5'" . DC  A 1 2  ? 13.483  -8.783  8.711   1.00 65.22 ? 201 DC  B "C5'" 1 
ATOM   23  C "C4'" . DC  A 1 2  ? 13.266  -8.264  7.308   1.00 53.54 ? 201 DC  B "C4'" 1 
ATOM   24  O "O4'" . DC  A 1 2  ? 14.566  -7.864  6.789   1.00 45.33 ? 201 DC  B "O4'" 1 
ATOM   25  C "C3'" . DC  A 1 2  ? 12.737  -9.316  6.347   1.00 48.05 ? 201 DC  B "C3'" 1 
ATOM   26  O "O3'" . DC  A 1 2  ? 12.009  -8.796  5.284   1.00 53.26 ? 201 DC  B "O3'" 1 
ATOM   27  C "C2'" . DC  A 1 2  ? 14.029  -9.900  5.818   1.00 44.72 ? 201 DC  B "C2'" 1 
ATOM   28  C "C1'" . DC  A 1 2  ? 14.845  -8.616  5.651   1.00 43.42 ? 201 DC  B "C1'" 1 
ATOM   29  N N1    . DC  A 1 2  ? 16.323  -8.782  5.630   1.00 16.50 ? 201 DC  B N1    1 
ATOM   30  C C2    . DC  A 1 2  ? 17.002  -8.800  4.420   1.00 35.69 ? 201 DC  B C2    1 
ATOM   31  O O2    . DC  A 1 2  ? 16.358  -8.724  3.360   1.00 40.87 ? 201 DC  B O2    1 
ATOM   32  N N3    . DC  A 1 2  ? 18.356  -8.927  4.425   1.00 39.55 ? 201 DC  B N3    1 
ATOM   33  C C4    . DC  A 1 2  ? 18.989  -9.028  5.573   1.00 38.37 ? 201 DC  B C4    1 
ATOM   34  N N4    . DC  A 1 2  ? 20.336  -9.159  5.572   1.00 46.27 ? 201 DC  B N4    1 
ATOM   35  C C5    . DC  A 1 2  ? 18.285  -8.996  6.845   1.00 40.81 ? 201 DC  B C5    1 
ATOM   36  C C6    . DC  A 1 2  ? 16.973  -8.887  6.814   1.00 44.42 ? 201 DC  B C6    1 
ATOM   37  P P     . DG  A 1 3  ? 10.413  -8.736  5.281   1.00 22.72 ? 202 DG  B P     1 
ATOM   38  O OP1   . DG  A 1 3  ? 9.831   -9.933  5.905   1.00 48.56 ? 202 DG  B OP1   1 
ATOM   39  O OP2   . DG  A 1 3  ? 10.078  -8.367  3.884   1.00 46.57 ? 202 DG  B OP2   1 
ATOM   40  O "O5'" . DG  A 1 3  ? 10.149  -7.569  6.276   1.00 26.47 ? 202 DG  B "O5'" 1 
ATOM   41  C "C5'" . DG  A 1 3  ? 10.615  -6.279  5.898   1.00 46.75 ? 202 DG  B "C5'" 1 
ATOM   42  C "C4'" . DG  A 1 3  ? 10.243  -5.340  6.999   1.00 53.99 ? 202 DG  B "C4'" 1 
ATOM   43  O "O4'" . DG  A 1 3  ? 10.869  -5.749  8.252   1.00 49.66 ? 202 DG  B "O4'" 1 
ATOM   44  C "C3'" . DG  A 1 3  ? 10.676  -3.928  6.702   1.00 53.40 ? 202 DG  B "C3'" 1 
ATOM   45  O "O3'" . DG  A 1 3  ? 9.605   -3.117  6.316   1.00 48.80 ? 202 DG  B "O3'" 1 
ATOM   46  C "C2'" . DG  A 1 3  ? 11.308  -3.442  8.000   1.00 55.05 ? 202 DG  B "C2'" 1 
ATOM   47  C "C1'" . DG  A 1 3  ? 11.518  -4.654  8.878   1.00 46.69 ? 202 DG  B "C1'" 1 
ATOM   48  N N9    . DG  A 1 3  ? 12.925  -4.982  9.048   1.00 23.42 ? 202 DG  B N9    1 
ATOM   49  C C8    . DG  A 1 3  ? 13.561  -5.358  10.208  1.00 54.30 ? 202 DG  B C8    1 
ATOM   50  N N7    . DG  A 1 3  ? 14.822  -5.628  10.041  1.00 46.13 ? 202 DG  B N7    1 
ATOM   51  C C5    . DG  A 1 3  ? 15.041  -5.412  8.712   1.00 43.85 ? 202 DG  B C5    1 
ATOM   52  C C6    . DG  A 1 3  ? 16.231  -5.549  7.971   1.00 43.33 ? 202 DG  B C6    1 
ATOM   53  O O6    . DG  A 1 3  ? 17.369  -5.885  8.366   1.00 43.41 ? 202 DG  B O6    1 
ATOM   54  N N1    . DG  A 1 3  ? 16.021  -5.253  6.639   1.00 37.56 ? 202 DG  B N1    1 
ATOM   55  C C2    . DG  A 1 3  ? 14.830  -4.881  6.078   1.00 40.80 ? 202 DG  B C2    1 
ATOM   56  N N2    . DG  A 1 3  ? 14.837  -4.657  4.783   1.00 36.74 ? 202 DG  B N2    1 
ATOM   57  N N3    . DG  A 1 3  ? 13.706  -4.765  6.765   1.00 41.01 ? 202 DG  B N3    1 
ATOM   58  C C4    . DG  A 1 3  ? 13.899  -5.038  8.073   1.00 42.50 ? 202 DG  B C4    1 
ATOM   59  P P     . DC  A 1 4  ? 9.663   -2.207  5.036   1.00 16.97 ? 203 DC  B P     1 
ATOM   60  O OP1   . DC  A 1 4  ? 8.317   -1.530  4.973   1.00 43.14 ? 203 DC  B OP1   1 
ATOM   61  O OP2   . DC  A 1 4  ? 10.131  -3.023  3.939   1.00 41.21 ? 203 DC  B OP2   1 
ATOM   62  O "O5'" . DC  A 1 4  ? 10.751  -1.104  5.386   1.00 17.55 ? 203 DC  B "O5'" 1 
ATOM   63  C "C5'" . DC  A 1 4  ? 10.650  0.240   4.889   1.00 46.36 ? 203 DC  B "C5'" 1 
ATOM   64  C "C4'" . DC  A 1 4  ? 11.998  0.714   4.361   1.00 42.77 ? 203 DC  B "C4'" 1 
ATOM   65  O "O4'" . DC  A 1 4  ? 12.971  0.598   5.416   1.00 43.17 ? 203 DC  B "O4'" 1 
ATOM   66  C "C3'" . DC  A 1 4  ? 12.494  -0.085  3.179   1.00 42.82 ? 203 DC  B "C3'" 1 
ATOM   67  O "O3'" . DC  A 1 4  ? 13.115  0.762   2.197   1.00 40.33 ? 203 DC  B "O3'" 1 
ATOM   68  C "C2'" . DC  A 1 4  ? 13.554  -1.009  3.796   1.00 46.41 ? 203 DC  B "C2'" 1 
ATOM   69  C "C1'" . DC  A 1 4  ? 14.108  -0.069  4.881   1.00 47.27 ? 203 DC  B "C1'" 1 
ATOM   70  N N1    . DC  A 1 4  ? 14.856  -0.755  5.946   1.00 16.82 ? 203 DC  B N1    1 
ATOM   71  C C2    . DC  A 1 4  ? 16.160  -1.145  5.669   1.00 42.45 ? 203 DC  B C2    1 
ATOM   72  O O2    . DC  A 1 4  ? 16.646  -0.903  4.535   1.00 38.67 ? 203 DC  B O2    1 
ATOM   73  N N3    . DC  A 1 4  ? 16.844  -1.775  6.636   1.00 41.80 ? 203 DC  B N3    1 
ATOM   74  C C4    . DC  A 1 4  ? 16.280  -2.006  7.820   1.00 44.03 ? 203 DC  B C4    1 
ATOM   75  N N4    . DC  A 1 4  ? 17.018  -2.626  8.766   1.00 46.28 ? 203 DC  B N4    1 
ATOM   76  C C5    . DC  A 1 4  ? 14.948  -1.611  8.096   1.00 45.34 ? 203 DC  B C5    1 
ATOM   77  C C6    . DC  A 1 4  ? 14.267  -1.010  7.137   1.00 36.59 ? 203 DC  B C6    1 
ATOM   78  P P     . DG  A 1 5  ? 12.438  1.213   0.853   1.00 20.65 ? 204 DG  B P     1 
ATOM   79  O OP1   . DG  A 1 5  ? 11.532  0.147   0.332   1.00 52.85 ? 204 DG  B OP1   1 
ATOM   80  O OP2   . DG  A 1 5  ? 13.434  1.786   -0.052  1.00 40.79 ? 204 DG  B OP2   1 
ATOM   81  O "O5'" . DG  A 1 5  ? 11.499  2.379   1.381   1.00 17.41 ? 204 DG  B "O5'" 1 
ATOM   82  C "C5'" . DG  A 1 5  ? 12.069  3.485   1.993   1.00 51.66 ? 204 DG  B "C5'" 1 
ATOM   83  C "C4'" . DG  A 1 5  ? 11.022  4.448   2.443   1.00 43.63 ? 204 DG  B "C4'" 1 
ATOM   84  O "O4'" . DG  A 1 5  ? 10.274  3.796   3.462   1.00 39.99 ? 204 DG  B "O4'" 1 
ATOM   85  C "C3'" . DG  A 1 5  ? 11.614  5.716   3.043   1.00 40.21 ? 204 DG  B "C3'" 1 
ATOM   86  O "O3'" . DG  A 1 5  ? 11.464  6.741   2.118   1.00 43.84 ? 204 DG  B "O3'" 1 
ATOM   87  C "C2'" . DG  A 1 5  ? 10.794  5.962   4.311   1.00 38.05 ? 204 DG  B "C2'" 1 
ATOM   88  C "C1'" . DG  A 1 5  ? 10.078  4.641   4.572   1.00 38.28 ? 204 DG  B "C1'" 1 
ATOM   89  N N9    . DG  A 1 5  ? 10.543  3.943   5.737   1.00 13.28 ? 204 DG  B N9    1 
ATOM   90  C C8    . DG  A 1 5  ? 9.810   3.471   6.773   1.00 37.31 ? 204 DG  B C8    1 
ATOM   91  N N7    . DG  A 1 5  ? 10.549  2.889   7.721   1.00 41.86 ? 204 DG  B N7    1 
ATOM   92  C C5    . DG  A 1 5  ? 11.846  2.973   7.258   1.00 41.47 ? 204 DG  B C5    1 
ATOM   93  C C6    . DG  A 1 5  ? 13.063  2.523   7.824   1.00 45.57 ? 204 DG  B C6    1 
ATOM   94  O O6    . DG  A 1 5  ? 13.251  1.934   8.888   1.00 46.88 ? 204 DG  B O6    1 
ATOM   95  N N1    . DG  A 1 5  ? 14.172  2.842   7.027   1.00 43.78 ? 204 DG  B N1    1 
ATOM   96  C C2    . DG  A 1 5  ? 14.088  3.503   5.847   1.00 42.96 ? 204 DG  B C2    1 
ATOM   97  N N2    . DG  A 1 5  ? 15.239  3.710   5.209   1.00 41.02 ? 204 DG  B N2    1 
ATOM   98  N N3    . DG  A 1 5  ? 12.931  3.913   5.295   1.00 42.57 ? 204 DG  B N3    1 
ATOM   99  C C4    . DG  A 1 5  ? 11.887  3.634   6.061   1.00 41.37 ? 204 DG  B C4    1 
ATOM   100 P P     . DC  A 1 6  ? 12.690  7.739   1.835   1.00 20.05 ? 205 DC  B P     1 
ATOM   101 O OP1   . DC  A 1 6  ? 12.175  8.772   0.951   1.00 49.84 ? 205 DC  B OP1   1 
ATOM   102 O OP2   . DC  A 1 6  ? 13.833  6.920   1.425   1.00 47.23 ? 205 DC  B OP2   1 
ATOM   103 O "O5'" . DC  A 1 6  ? 12.973  8.250   3.337   1.00 19.50 ? 205 DC  B "O5'" 1 
ATOM   104 C "C5'" . DC  A 1 6  ? 13.530  9.525   3.587   1.00 48.97 ? 205 DC  B "C5'" 1 
ATOM   105 C "C4'" . DC  A 1 6  ? 14.903  9.436   4.240   1.00 44.47 ? 205 DC  B "C4'" 1 
ATOM   106 O "O4'" . DC  A 1 6  ? 14.741  9.028   5.613   1.00 40.59 ? 205 DC  B "O4'" 1 
ATOM   107 C "C3'" . DC  A 1 6  ? 15.876  8.408   3.604   1.00 45.58 ? 205 DC  B "C3'" 1 
ATOM   108 O "O3'" . DC  A 1 6  ? 17.210  8.798   3.674   1.00 50.50 ? 205 DC  B "O3'" 1 
ATOM   109 C "C2'" . DC  A 1 6  ? 15.669  7.206   4.484   1.00 49.68 ? 205 DC  B "C2'" 1 
ATOM   110 C "C1'" . DC  A 1 6  ? 15.527  7.884   5.832   1.00 46.38 ? 205 DC  B "C1'" 1 
ATOM   111 N N1    . DC  A 1 6  ? 14.888  7.104   6.913   1.00 16.01 ? 205 DC  B N1    1 
ATOM   112 C C2    . DC  A 1 6  ? 15.755  6.459   7.799   1.00 38.11 ? 205 DC  B C2    1 
ATOM   113 O O2    . DC  A 1 6  ? 16.955  6.624   7.618   1.00 39.83 ? 205 DC  B O2    1 
ATOM   114 N N3    . DC  A 1 6  ? 15.230  5.744   8.842   1.00 38.45 ? 205 DC  B N3    1 
ATOM   115 C C4    . DC  A 1 6  ? 13.890  5.677   8.949   1.00 40.09 ? 205 DC  B C4    1 
ATOM   116 N N4    . DC  A 1 6  ? 13.358  4.966   9.934   1.00 42.08 ? 205 DC  B N4    1 
ATOM   117 C C5    . DC  A 1 6  ? 13.006  6.294   8.016   1.00 38.34 ? 205 DC  B C5    1 
ATOM   118 C C6    . DC  A 1 6  ? 13.528  6.999   7.016   1.00 41.05 ? 205 DC  B C6    1 
ATOM   119 P P     . DG  A 1 7  ? 17.923  9.657   2.543   1.00 28.71 ? 206 DG  B P     1 
ATOM   120 O OP1   . DG  A 1 7  ? 17.537  9.206   1.198   1.00 51.45 ? 206 DG  B OP1   1 
ATOM   121 O OP2   . DG  A 1 7  ? 19.357  9.787   2.940   1.00 50.20 ? 206 DG  B OP2   1 
ATOM   122 O "O5'" . DG  A 1 7  ? 17.240  11.076  2.693   1.00 29.27 ? 206 DG  B "O5'" 1 
ATOM   123 C "C5'" . DG  A 1 7  ? 17.708  11.976  3.704   1.00 51.24 ? 206 DG  B "C5'" 1 
ATOM   124 C "C4'" . DG  A 1 7  ? 16.881  13.217  3.603   1.00 63.18 ? 206 DG  B "C4'" 1 
ATOM   125 O "O4'" . DG  A 1 7  ? 15.491  12.862  3.793   1.00 62.32 ? 206 DG  B "O4'" 1 
ATOM   126 C "C3'" . DG  A 1 7  ? 17.235  14.292  4.593   1.00 72.87 ? 206 DG  B "C3'" 1 
ATOM   127 O "O3'" . DG  A 1 7  ? 17.375  15.563  3.977   1.00 71.58 ? 206 DG  B "O3'" 1 
ATOM   128 C "C2'" . DG  A 1 7  ? 16.067  14.258  5.559   1.00 76.73 ? 206 DG  B "C2'" 1 
ATOM   129 C "C1'" . DG  A 1 7  ? 14.912  13.716  4.723   1.00 63.26 ? 206 DG  B "C1'" 1 
ATOM   130 N N9    . DG  A 1 7  ? 13.973  12.922  5.467   1.00 23.68 ? 206 DG  B N9    1 
ATOM   131 C C8    . DG  A 1 7  ? 12.605  12.810  5.340   1.00 54.91 ? 206 DG  B C8    1 
ATOM   132 N N7    . DG  A 1 7  ? 12.076  11.978  6.197   1.00 46.06 ? 206 DG  B N7    1 
ATOM   133 C C5    . DG  A 1 7  ? 13.176  11.513  6.906   1.00 45.22 ? 206 DG  B C5    1 
ATOM   134 C C6    . DG  A 1 7  ? 13.260  10.596  7.971   1.00 46.86 ? 206 DG  B C6    1 
ATOM   135 O O6    . DG  A 1 7  ? 12.350  9.959   8.519   1.00 40.50 ? 206 DG  B O6    1 
ATOM   136 N N1    . DG  A 1 7  ? 14.589  10.442  8.393   1.00 48.04 ? 206 DG  B N1    1 
ATOM   137 C C2    . DG  A 1 7  ? 15.667  11.089  7.854   1.00 49.10 ? 206 DG  B C2    1 
ATOM   138 N N2    . DG  A 1 7  ? 16.922  10.821  8.350   1.00 46.80 ? 206 DG  B N2    1 
ATOM   139 N N3    . DG  A 1 7  ? 15.582  11.940  6.871   1.00 44.53 ? 206 DG  B N3    1 
ATOM   140 C C4    . DG  A 1 7  ? 14.330  12.089  6.469   1.00 48.18 ? 206 DG  B C4    1 
ATOM   141 N N     . ASN B 2 10 ? -1.944  9.764   -9.990  1.00 65.31 ? 113 ASN A N     1 
ATOM   142 C CA    . ASN B 2 10 ? -1.774  9.717   -8.514  1.00 62.38 ? 113 ASN A CA    1 
ATOM   143 C C     . ASN B 2 10 ? -1.556  8.284   -8.018  1.00 58.62 ? 113 ASN A C     1 
ATOM   144 O O     . ASN B 2 10 ? -2.407  7.385   -8.174  1.00 57.60 ? 113 ASN A O     1 
ATOM   145 C CB    . ASN B 2 10 ? -2.942  10.341  -7.788  1.00 63.50 ? 113 ASN A CB    1 
ATOM   146 C CG    . ASN B 2 10 ? -2.613  10.653  -6.358  1.00 64.94 ? 113 ASN A CG    1 
ATOM   147 O OD1   . ASN B 2 10 ? -1.838  11.585  -6.069  1.00 70.17 ? 113 ASN A OD1   1 
ATOM   148 N ND2   . ASN B 2 10 ? -3.161  9.868   -5.445  1.00 61.06 ? 113 ASN A ND2   1 
ATOM   149 N N     . LEU B 2 11 ? -0.351  8.056   -7.557  1.00 54.76 ? 114 LEU A N     1 
ATOM   150 C CA    . LEU B 2 11 ? 0.035   6.830   -6.937  1.00 51.62 ? 114 LEU A CA    1 
ATOM   151 C C     . LEU B 2 11 ? -0.805  6.520   -5.694  1.00 48.39 ? 114 LEU A C     1 
ATOM   152 O O     . LEU B 2 11 ? -1.205  5.377   -5.465  1.00 43.32 ? 114 LEU A O     1 
ATOM   153 C CB    . LEU B 2 11 ? 1.506   6.930   -6.570  1.00 51.08 ? 114 LEU A CB    1 
ATOM   154 C CG    . LEU B 2 11 ? 2.129   5.658   -6.006  1.00 47.55 ? 114 LEU A CG    1 
ATOM   155 C CD1   . LEU B 2 11 ? 1.882   4.475   -6.912  1.00 47.13 ? 114 LEU A CD1   1 
ATOM   156 C CD2   . LEU B 2 11 ? 3.637   5.925   -5.835  1.00 47.25 ? 114 LEU A CD2   1 
ATOM   157 N N     . GLU B 2 12 ? -1.057  7.551   -4.908  1.00 45.93 ? 115 GLU A N     1 
ATOM   158 C CA    . GLU B 2 12 ? -1.843  7.403   -3.695  1.00 45.80 ? 115 GLU A CA    1 
ATOM   159 C C     . GLU B 2 12 ? -3.223  6.747   -3.969  1.00 44.79 ? 115 GLU A C     1 
ATOM   160 O O     . GLU B 2 12 ? -3.620  5.797   -3.270  1.00 39.90 ? 115 GLU A O     1 
ATOM   161 C CB    . GLU B 2 12 ? -1.933  8.749   -2.996  1.00 47.28 ? 115 GLU A CB    1 
ATOM   162 C CG    . GLU B 2 12 ? -2.485  8.736   -1.584  1.00 51.77 ? 115 GLU A CG    1 
ATOM   163 C CD    . GLU B 2 12 ? -2.838  10.124  -1.087  1.00 56.52 ? 115 GLU A CD    1 
ATOM   164 O OE1   . GLU B 2 12 ? -1.931  10.953  -1.003  1.00 58.13 ? 115 GLU A OE1   1 
ATOM   165 O OE2   . GLU B 2 12 ? -4.040  10.369  -0.799  1.00 65.85 ? 115 GLU A OE2   1 
ATOM   166 N N     . GLN B 2 13 ? -3.940  7.222   -4.982  1.00 46.49 ? 116 GLN A N     1 
ATOM   167 C CA    . GLN B 2 13 ? -5.255  6.665   -5.296  1.00 49.25 ? 116 GLN A CA    1 
ATOM   168 C C     . GLN B 2 13 ? -5.128  5.250   -5.796  1.00 46.47 ? 116 GLN A C     1 
ATOM   169 O O     . GLN B 2 13 ? -5.946  4.411   -5.471  1.00 45.96 ? 116 GLN A O     1 
ATOM   170 C CB    . GLN B 2 13 ? -6.048  7.524   -6.277  1.00 52.88 ? 116 GLN A CB    1 
ATOM   171 C CG    . GLN B 2 13 ? -6.615  8.804   -5.644  1.00 56.82 ? 116 GLN A CG    1 
ATOM   172 C CD    . GLN B 2 13 ? -7.515  8.517   -4.429  1.00 65.28 ? 116 GLN A CD    1 
ATOM   173 O OE1   . GLN B 2 13 ? -8.354  7.594   -4.458  1.00 65.72 ? 116 GLN A OE1   1 
ATOM   174 N NE2   . GLN B 2 13 ? -7.328  9.301   -3.353  1.00 67.07 ? 116 GLN A NE2   1 
ATOM   175 N N     . LYS B 2 14 ? -4.086  4.989   -6.588  1.00 44.36 ? 117 LYS A N     1 
ATOM   176 C CA    . LYS B 2 14 ? -3.887  3.653   -7.127  1.00 44.08 ? 117 LYS A CA    1 
ATOM   177 C C     . LYS B 2 14 ? -3.604  2.641   -6.003  1.00 40.42 ? 117 LYS A C     1 
ATOM   178 O O     . LYS B 2 14 ? -4.054  1.524   -6.026  1.00 37.92 ? 117 LYS A O     1 
ATOM   179 C CB    . LYS B 2 14 ? -2.749  3.662   -8.128  1.00 45.72 ? 117 LYS A CB    1 
ATOM   180 C CG    . LYS B 2 14 ? -2.654  2.357   -8.890  1.00 51.81 ? 117 LYS A CG    1 
ATOM   181 C CD    . LYS B 2 14 ? -3.972  2.013   -9.592  1.00 57.83 ? 117 LYS A CD    1 
ATOM   182 C CE    . LYS B 2 14 ? -4.224  0.515   -9.696  1.00 63.65 ? 117 LYS A CE    1 
ATOM   183 N NZ    . LYS B 2 14 ? -3.430  -0.135  -10.800 1.00 69.15 ? 117 LYS A NZ    1 
ATOM   184 N N     . ILE B 2 15 ? -2.812  3.075   -5.035  1.00 36.12 ? 118 ILE A N     1 
ATOM   185 C CA    . ILE B 2 15 ? -2.494  2.202   -3.890  1.00 34.29 ? 118 ILE A CA    1 
ATOM   186 C C     . ILE B 2 15 ? -3.765  1.895   -3.118  1.00 34.24 ? 118 ILE A C     1 
ATOM   187 O O     . ILE B 2 15 ? -4.051  0.736   -2.779  1.00 32.91 ? 118 ILE A O     1 
ATOM   188 C CB    . ILE B 2 15 ? -1.520  2.908   -2.987  1.00 34.32 ? 118 ILE A CB    1 
ATOM   189 C CG1   . ILE B 2 15 ? -0.144  2.909   -3.630  1.00 33.01 ? 118 ILE A CG1   1 
ATOM   190 C CG2   . ILE B 2 15 ? -1.447  2.233   -1.643  1.00 30.28 ? 118 ILE A CG2   1 
ATOM   191 C CD1   . ILE B 2 15 ? 0.853   3.770   -2.873  1.00 31.55 ? 118 ILE A CD1   1 
ATOM   192 N N     . LEU B 2 16 ? -4.536  2.919   -2.866  1.00 35.94 ? 119 LEU A N     1 
ATOM   193 C CA    . LEU B 2 16 ? -5.759  2.752   -2.100  1.00 38.32 ? 119 LEU A CA    1 
ATOM   194 C C     . LEU B 2 16 ? -6.740  1.817   -2.810  1.00 38.25 ? 119 LEU A C     1 
ATOM   195 O O     . LEU B 2 16 ? -7.388  0.994   -2.161  1.00 38.15 ? 119 LEU A O     1 
ATOM   196 C CB    . LEU B 2 16 ? -6.407  4.079   -1.843  1.00 40.38 ? 119 LEU A CB    1 
ATOM   197 C CG    . LEU B 2 16 ? -5.689  4.962   -0.849  1.00 41.50 ? 119 LEU A CG    1 
ATOM   198 C CD1   . LEU B 2 16 ? -6.386  6.274   -0.707  1.00 46.99 ? 119 LEU A CD1   1 
ATOM   199 C CD2   . LEU B 2 16 ? -5.545  4.289   0.538   1.00 43.88 ? 119 LEU A CD2   1 
ATOM   200 N N     . GLN B 2 17 ? -6.821  1.940   -4.119  1.00 40.20 ? 120 GLN A N     1 
ATOM   201 C CA    . GLN B 2 17 ? -7.705  1.108   -4.922  1.00 42.28 ? 120 GLN A CA    1 
ATOM   202 C C     . GLN B 2 17 ? -7.289  -0.344  -4.833  1.00 39.65 ? 120 GLN A C     1 
ATOM   203 O O     . GLN B 2 17 ? -8.099  -1.203  -4.638  1.00 40.43 ? 120 GLN A O     1 
ATOM   204 C CB    . GLN B 2 17 ? -7.677  1.548   -6.384  1.00 43.41 ? 120 GLN A CB    1 
ATOM   205 C CG    . GLN B 2 17 ? -8.385  0.631   -7.396  1.00 49.63 ? 120 GLN A CG    1 
ATOM   206 C CD    . GLN B 2 17 ? -7.417  -0.160  -8.297  1.00 51.07 ? 120 GLN A CD    1 
ATOM   207 O OE1   . GLN B 2 17 ? -6.723  0.422   -9.086  1.00 56.72 ? 120 GLN A OE1   1 
ATOM   208 N NE2   . GLN B 2 17 ? -7.404  -1.507  -8.169  1.00 50.75 ? 120 GLN A NE2   1 
ATOM   209 N N     . VAL B 2 18 ? -5.998  -0.590  -5.046  1.00 38.23 ? 121 VAL A N     1 
ATOM   210 C CA    . VAL B 2 18 ? -5.449  -1.911  -4.959  1.00 35.74 ? 121 VAL A CA    1 
ATOM   211 C C     . VAL B 2 18 ? -5.779  -2.569  -3.612  1.00 35.01 ? 121 VAL A C     1 
ATOM   212 O O     . VAL B 2 18 ? -6.306  -3.685  -3.570  1.00 34.34 ? 121 VAL A O     1 
ATOM   213 C CB    . VAL B 2 18 ? -3.905  -1.938  -5.242  1.00 35.20 ? 121 VAL A CB    1 
ATOM   214 C CG1   . VAL B 2 18 ? -3.350  -3.320  -5.056  1.00 34.92 ? 121 VAL A CG1   1 
ATOM   215 C CG2   . VAL B 2 18 ? -3.608  -1.497  -6.647  1.00 38.98 ? 121 VAL A CG2   1 
ATOM   216 N N     . LEU B 2 19 ? -5.506  -1.873  -2.534  1.00 33.29 ? 122 LEU A N     1 
ATOM   217 C CA    . LEU B 2 19 ? -5.746  -2.358  -1.188  1.00 33.10 ? 122 LEU A CA    1 
ATOM   218 C C     . LEU B 2 19 ? -7.218  -2.615  -0.872  1.00 37.03 ? 122 LEU A C     1 
ATOM   219 O O     . LEU B 2 19 ? -7.577  -3.615  -0.232  1.00 36.49 ? 122 LEU A O     1 
ATOM   220 C CB    . LEU B 2 19 ? -5.144  -1.404  -0.153  1.00 34.68 ? 122 LEU A CB    1 
ATOM   221 C CG    . LEU B 2 19 ? -3.631  -1.226  -0.104  1.00 33.91 ? 122 LEU A CG    1 
ATOM   222 C CD1   . LEU B 2 19 ? -3.277  -0.193  0.914   1.00 31.80 ? 122 LEU A CD1   1 
ATOM   223 C CD2   . LEU B 2 19 ? -2.853  -2.516  0.234   1.00 34.40 ? 122 LEU A CD2   1 
ATOM   224 N N     . SER B 2 20 ? -8.061  -1.712  -1.343  1.00 37.39 ? 123 SER A N     1 
ATOM   225 C CA    . SER B 2 20 ? -9.513  -1.800  -1.125  1.00 37.90 ? 123 SER A CA    1 
ATOM   226 C C     . SER B 2 20 ? -10.112 -2.964  -1.897  1.00 38.74 ? 123 SER A C     1 
ATOM   227 O O     . SER B 2 20 ? -10.842 -3.764  -1.350  1.00 41.69 ? 123 SER A O     1 
ATOM   228 C CB    . SER B 2 20 ? -10.119 -0.488  -1.604  1.00 40.41 ? 123 SER A CB    1 
ATOM   229 O OG    . SER B 2 20 ? -9.801  0.569   -0.737  1.00 40.01 ? 123 SER A OG    1 
ATOM   230 N N     . ASP B 2 21 ? -9.751  -3.081  -3.173  1.00 38.89 ? 124 ASP A N     1 
ATOM   231 C CA    . ASP B 2 21 ? -10.183 -4.188  -4.004  1.00 41.63 ? 124 ASP A CA    1 
ATOM   232 C C     . ASP B 2 21 ? -9.754  -5.527  -3.406  1.00 41.65 ? 124 ASP A C     1 
ATOM   233 O O     . ASP B 2 21 ? -10.544 -6.502  -3.350  1.00 38.61 ? 124 ASP A O     1 
ATOM   234 C CB    . ASP B 2 21 ? -9.639  -4.055  -5.418  1.00 41.86 ? 124 ASP A CB    1 
ATOM   235 C CG    . ASP B 2 21 ? -10.350 -3.007  -6.225  1.00 45.53 ? 124 ASP A CG    1 
ATOM   236 O OD1   . ASP B 2 21 ? -11.316 -2.421  -5.698  1.00 49.64 ? 124 ASP A OD1   1 
ATOM   237 O OD2   . ASP B 2 21 ? -10.022 -2.694  -7.368  1.00 46.47 ? 124 ASP A OD2   1 
ATOM   238 N N     . ASP B 2 22 ? -8.504  -5.616  -2.996  1.00 38.80 ? 125 ASP A N     1 
ATOM   239 C CA    . ASP B 2 22 ? -8.024  -6.852  -2.378  1.00 38.30 ? 125 ASP A CA    1 
ATOM   240 C C     . ASP B 2 22 ? -8.817  -7.153  -1.140  1.00 42.73 ? 125 ASP A C     1 
ATOM   241 O O     . ASP B 2 22 ? -9.345  -8.286  -0.955  1.00 43.30 ? 125 ASP A O     1 
ATOM   242 C CB    . ASP B 2 22 ? -6.546  -6.741  -1.994  1.00 37.54 ? 125 ASP A CB    1 
ATOM   243 C CG    . ASP B 2 22 ? -5.972  -8.071  -1.514  1.00 35.31 ? 125 ASP A CG    1 
ATOM   244 O OD1   . ASP B 2 22 ? -6.302  -8.489  -0.422  1.00 34.95 ? 125 ASP A OD1   1 
ATOM   245 O OD2   . ASP B 2 22 ? -5.167  -8.737  -2.220  1.00 38.09 ? 125 ASP A OD2   1 
ATOM   246 N N     . GLY B 2 23 ? -8.903  -6.177  -0.239  1.00 43.16 ? 126 GLY A N     1 
ATOM   247 C CA    . GLY B 2 23 ? -9.684  -6.387  0.997   1.00 45.01 ? 126 GLY A CA    1 
ATOM   248 C C     . GLY B 2 23 ? -8.884  -6.960  2.169   1.00 44.44 ? 126 GLY A C     1 
ATOM   249 O O     . GLY B 2 23 ? -9.296  -6.846  3.346   1.00 46.06 ? 126 GLY A O     1 
ATOM   250 N N     . GLY B 2 24 ? -7.745  -7.582  1.876   1.00 39.33 ? 127 GLY A N     1 
ATOM   251 C CA    . GLY B 2 24 ? -6.929  -8.156  2.912   1.00 37.55 ? 127 GLY A CA    1 
ATOM   252 C C     . GLY B 2 24 ? -5.483  -7.651  2.862   1.00 38.06 ? 127 GLY A C     1 
ATOM   253 O O     . GLY B 2 24 ? -5.178  -6.695  2.185   1.00 33.69 ? 127 GLY A O     1 
ATOM   254 N N     . PRO B 2 25 ? -4.620  -8.295  3.621   1.00 40.57 ? 128 PRO A N     1 
ATOM   255 C CA    . PRO B 2 25 ? -3.216  -7.914  3.725   1.00 38.99 ? 128 PRO A CA    1 
ATOM   256 C C     . PRO B 2 25 ? -2.523  -8.172  2.391   1.00 37.94 ? 128 PRO A C     1 
ATOM   257 O O     . PRO B 2 25 ? -2.655  -9.259  1.823   1.00 35.54 ? 128 PRO A O     1 
ATOM   258 C CB    . PRO B 2 25 ? -2.679  -8.804  4.831   1.00 41.59 ? 128 PRO A CB    1 
ATOM   259 C CG    . PRO B 2 25 ? -3.924  -9.353  5.553   1.00 42.42 ? 128 PRO A CG    1 
ATOM   260 C CD    . PRO B 2 25 ? -4.982  -9.407  4.560   1.00 42.23 ? 128 PRO A CD    1 
ATOM   261 N N     . VAL B 2 26 ? -1.859  -7.121  1.893   1.00 32.88 ? 129 VAL A N     1 
ATOM   262 C CA    . VAL B 2 26 ? -1.191  -7.179  0.603   1.00 32.28 ? 129 VAL A CA    1 
ATOM   263 C C     . VAL B 2 26 ? 0.288   -6.939  0.780   1.00 32.54 ? 129 VAL A C     1 
ATOM   264 O O     . VAL B 2 26 ? 0.707   -6.004  1.477   1.00 31.38 ? 129 VAL A O     1 
ATOM   265 C CB    . VAL B 2 26 ? -1.800  -6.128  -0.346  1.00 30.27 ? 129 VAL A CB    1 
ATOM   266 C CG1   . VAL B 2 26 ? -1.124  -6.174  -1.758  1.00 29.47 ? 129 VAL A CG1   1 
ATOM   267 C CG2   . VAL B 2 26 ? -3.312  -6.298  -0.479  1.00 34.09 ? 129 VAL A CG2   1 
ATOM   268 N N     . LYS B 2 27 ? 1.099   -7.797  0.177   1.00 31.77 ? 130 LYS A N     1 
ATOM   269 C CA    . LYS B 2 27 ? 2.549   -7.675  0.255   1.00 34.15 ? 130 LYS A CA    1 
ATOM   270 C C     . LYS B 2 27 ? 3.088   -6.556  -0.635  1.00 32.77 ? 130 LYS A C     1 
ATOM   271 O O     . LYS B 2 27 ? 2.516   -6.303  -1.709  1.00 32.56 ? 130 LYS A O     1 
ATOM   272 C CB    . LYS B 2 27 ? 3.174   -8.973  -0.173  1.00 35.87 ? 130 LYS A CB    1 
ATOM   273 C CG    . LYS B 2 27 ? 2.947   -10.156 0.820   1.00 42.87 ? 130 LYS A CG    1 
ATOM   274 C CD    . LYS B 2 27 ? 3.661   -9.848  2.102   1.00 50.72 ? 130 LYS A CD    1 
ATOM   275 C CE    . LYS B 2 27 ? 4.081   -11.066 2.860   1.00 55.73 ? 130 LYS A CE    1 
ATOM   276 N NZ    . LYS B 2 27 ? 3.041   -11.532 3.815   1.00 56.95 ? 130 LYS A NZ    1 
ATOM   277 N N     . ILE B 2 28 ? 4.171   -5.921  -0.227  1.00 33.39 ? 131 ILE A N     1 
ATOM   278 C CA    . ILE B 2 28 ? 4.774   -4.822  -1.005  1.00 31.29 ? 131 ILE A CA    1 
ATOM   279 C C     . ILE B 2 28 ? 5.055   -5.280  -2.395  1.00 31.32 ? 131 ILE A C     1 
ATOM   280 O O     . ILE B 2 28 ? 4.798   -4.546  -3.356  1.00 33.07 ? 131 ILE A O     1 
ATOM   281 C CB    . ILE B 2 28 ? 6.013   -4.214  -0.310  1.00 32.59 ? 131 ILE A CB    1 
ATOM   282 C CG1   . ILE B 2 28 ? 6.538   -2.996  -1.084  1.00 33.56 ? 131 ILE A CG1   1 
ATOM   283 C CG2   . ILE B 2 28 ? 7.122   -5.261  -0.081  1.00 33.70 ? 131 ILE A CG2   1 
ATOM   284 C CD1   . ILE B 2 28 ? 5.612   -1.825  -1.114  1.00 35.09 ? 131 ILE A CD1   1 
ATOM   285 N N     . GLY B 2 29 ? 5.528   -6.512  -2.547  1.00 30.91 ? 132 GLY A N     1 
ATOM   286 C CA    . GLY B 2 29 ? 5.851   -7.079  -3.823  1.00 35.50 ? 132 GLY A CA    1 
ATOM   287 C C     . GLY B 2 29 ? 4.617   -7.135  -4.743  1.00 36.25 ? 132 GLY A C     1 
ATOM   288 O O     . GLY B 2 29 ? 4.699   -6.878  -5.965  1.00 34.98 ? 132 GLY A O     1 
ATOM   289 N N     . GLN B 2 30 ? 3.493   -7.461  -4.151  1.00 32.97 ? 133 GLN A N     1 
ATOM   290 C CA    . GLN B 2 30 ? 2.243   -7.513  -4.935  1.00 34.43 ? 133 GLN A CA    1 
ATOM   291 C C     . GLN B 2 30 ? 1.817   -6.128  -5.355  1.00 33.24 ? 133 GLN A C     1 
ATOM   292 O O     . GLN B 2 30 ? 1.225   -5.969  -6.448  1.00 33.45 ? 133 GLN A O     1 
ATOM   293 C CB    . GLN B 2 30 ? 1.168   -8.211  -4.108  1.00 35.70 ? 133 GLN A CB    1 
ATOM   294 C CG    . GLN B 2 30 ? 1.554   -9.625  -3.695  1.00 35.05 ? 133 GLN A CG    1 
ATOM   295 C CD    . GLN B 2 30 ? 0.473   -10.290 -2.829  1.00 37.86 ? 133 GLN A CD    1 
ATOM   296 O OE1   . GLN B 2 30 ? 0.017   -9.698  -1.875  1.00 31.93 ? 133 GLN A OE1   1 
ATOM   297 N NE2   . GLN B 2 30 ? 0.101   -11.554 -3.168  1.00 33.24 ? 133 GLN A NE2   1 
ATOM   298 N N     . LEU B 2 31 ? 2.068   -5.120  -4.539  1.00 32.48 ? 134 LEU A N     1 
ATOM   299 C CA    . LEU B 2 31 ? 1.765   -3.730  -4.917  1.00 32.79 ? 134 LEU A CA    1 
ATOM   300 C C     . LEU B 2 31 ? 2.646   -3.238  -6.083  1.00 33.04 ? 134 LEU A C     1 
ATOM   301 O O     . LEU B 2 31 ? 2.195   -2.478  -6.917  1.00 32.79 ? 134 LEU A O     1 
ATOM   302 C CB    . LEU B 2 31 ? 1.870   -2.782  -3.711  1.00 33.37 ? 134 LEU A CB    1 
ATOM   303 C CG    . LEU B 2 31 ? 0.799   -2.962  -2.632  1.00 33.01 ? 134 LEU A CG    1 
ATOM   304 C CD1   . LEU B 2 31 ? 1.226   -2.250  -1.414  1.00 35.00 ? 134 LEU A CD1   1 
ATOM   305 C CD2   . LEU B 2 31 ? -0.516  -2.397  -3.054  1.00 34.94 ? 134 LEU A CD2   1 
ATOM   306 N N     . VAL B 2 32 ? 3.914   -3.648  -6.105  1.00 35.82 ? 135 VAL A N     1 
ATOM   307 C CA    . VAL B 2 32 ? 4.783   -3.331  -7.254  1.00 37.33 ? 135 VAL A CA    1 
ATOM   308 C C     . VAL B 2 32 ? 4.171   -3.775  -8.570  1.00 38.90 ? 135 VAL A C     1 
ATOM   309 O O     . VAL B 2 32 ? 4.105   -3.003  -9.530  1.00 39.61 ? 135 VAL A O     1 
ATOM   310 C CB    . VAL B 2 32 ? 6.147   -4.042  -7.157  1.00 40.16 ? 135 VAL A CB    1 
ATOM   311 C CG1   . VAL B 2 32 ? 6.991   -3.766  -8.374  1.00 41.50 ? 135 VAL A CG1   1 
ATOM   312 C CG2   . VAL B 2 32 ? 6.869   -3.637  -5.888  1.00 37.57 ? 135 VAL A CG2   1 
ATOM   313 N N     . LYS B 2 33 ? 3.703   -5.034  -8.635  1.00 37.35 ? 136 LYS A N     1 
ATOM   314 C CA    . LYS B 2 33 ? 3.103   -5.515  -9.883  1.00 41.54 ? 136 LYS A CA    1 
ATOM   315 C C     . LYS B 2 33 ? 1.886   -4.738  -10.285 1.00 43.62 ? 136 LYS A C     1 
ATOM   316 O O     . LYS B 2 33 ? 1.648   -4.448  -11.472 1.00 46.20 ? 136 LYS A O     1 
ATOM   317 C CB    . LYS B 2 33 ? 2.702   -7.010  -9.774  1.00 41.55 ? 136 LYS A CB    1 
ATOM   318 C CG    . LYS B 2 33 ? 3.897   -7.929  -9.674  1.00 45.08 ? 136 LYS A CG    1 
ATOM   319 C CD    . LYS B 2 33 ? 3.486   -9.408  -9.807  1.00 49.71 ? 136 LYS A CD    1 
ATOM   320 C CE    . LYS B 2 33 ? 4.654   -10.338 -9.819  1.00 54.14 ? 136 LYS A CE    1 
ATOM   321 N NZ    . LYS B 2 33 ? 5.444   -10.247 -8.573  1.00 59.92 ? 136 LYS A NZ    1 
ATOM   322 N N     . LYS B 2 34 ? 1.066   -4.431  -9.265  1.00 41.59 ? 137 LYS A N     1 
ATOM   323 C CA    . LYS B 2 34 ? -0.199  -3.784  -9.459  1.00 43.02 ? 137 LYS A CA    1 
ATOM   324 C C     . LYS B 2 34 ? -0.061  -2.293  -9.758  1.00 44.31 ? 137 LYS A C     1 
ATOM   325 O O     . LYS B 2 34 ? -0.815  -1.760  -10.566 1.00 45.42 ? 137 LYS A O     1 
ATOM   326 C CB    . LYS B 2 34 ? -1.056  -4.011  -8.193  1.00 42.81 ? 137 LYS A CB    1 
ATOM   327 C CG    . LYS B 2 34 ? -1.763  -5.357  -8.140  1.00 46.34 ? 137 LYS A CG    1 
ATOM   328 C CD    . LYS B 2 34 ? -3.010  -5.387  -9.019  1.00 52.36 ? 137 LYS A CD    1 
ATOM   329 C CE    . LYS B 2 34 ? -3.724  -6.721  -8.962  1.00 58.67 ? 137 LYS A CE    1 
ATOM   330 N NZ    . LYS B 2 34 ? -5.115  -6.627  -9.572  1.00 59.98 ? 137 LYS A NZ    1 
ATOM   331 N N     . CYS B 2 35 ? 0.914   -1.628  -9.114  1.00 43.25 ? 138 CYS A N     1 
ATOM   332 C CA    . CYS B 2 35 ? 1.129   -0.204  -9.277  1.00 42.79 ? 138 CYS A CA    1 
ATOM   333 C C     . CYS B 2 35 ? 2.244   0.161   -10.247 1.00 43.94 ? 138 CYS A C     1 
ATOM   334 O O     . CYS B 2 35 ? 2.356   1.319   -10.684 1.00 46.78 ? 138 CYS A O     1 
ATOM   335 C CB    . CYS B 2 35 ? 1.426   0.446   -7.923  1.00 40.74 ? 138 CYS A CB    1 
ATOM   336 S SG    . CYS B 2 35 ? 0.102   0.188   -6.719  1.00 37.83 ? 138 CYS A SG    1 
ATOM   337 N N     . GLN B 2 36 ? 3.087   -0.787  -10.572 1.00 47.47 ? 139 GLN A N     1 
ATOM   338 C CA    . GLN B 2 36 ? 4.126   -0.574  -11.607 1.00 49.50 ? 139 GLN A CA    1 
ATOM   339 C C     . GLN B 2 36 ? 5.103   0.551   -11.292 1.00 48.95 ? 139 GLN A C     1 
ATOM   340 O O     . GLN B 2 36 ? 5.494   1.350   -12.175 1.00 51.05 ? 139 GLN A O     1 
ATOM   341 C CB    . GLN B 2 36 ? 3.446   -0.412  -12.975 1.00 50.94 ? 139 GLN A CB    1 
ATOM   342 C CG    . GLN B 2 36 ? 2.736   -1.710  -13.369 1.00 54.68 ? 139 GLN A CG    1 
ATOM   343 C CD    . GLN B 2 36 ? 1.861   -1.593  -14.598 1.00 62.77 ? 139 GLN A CD    1 
ATOM   344 O OE1   . GLN B 2 36 ? 1.121   -2.545  -14.927 1.00 64.09 ? 139 GLN A OE1   1 
ATOM   345 N NE2   . GLN B 2 36 ? 1.938   -0.448  -15.285 1.00 66.17 ? 139 GLN A NE2   1 
ATOM   346 N N     . VAL B 2 37 ? 5.528   0.596   -10.031 1.00 45.61 ? 140 VAL A N     1 
ATOM   347 C CA    . VAL B 2 37 ? 6.501   1.504   -9.530  1.00 47.65 ? 140 VAL A CA    1 
ATOM   348 C C     . VAL B 2 37 ? 7.290   0.701   -8.526  1.00 46.62 ? 140 VAL A C     1 
ATOM   349 O O     . VAL B 2 37 ? 6.816   -0.309  -7.979  1.00 43.79 ? 140 VAL A O     1 
ATOM   350 C CB    . VAL B 2 37 ? 5.889   2.773   -8.850  1.00 47.09 ? 140 VAL A CB    1 
ATOM   351 C CG1   . VAL B 2 37 ? 4.981   3.494   -9.838  1.00 48.77 ? 140 VAL A CG1   1 
ATOM   352 C CG2   . VAL B 2 37 ? 5.167   2.353   -7.611  1.00 47.98 ? 140 VAL A CG2   1 
ATOM   353 N N     . PRO B 2 38 ? 8.490   1.162   -8.288  1.00 47.88 ? 141 PRO A N     1 
ATOM   354 C CA    . PRO B 2 38 ? 9.437   0.545   -7.359  1.00 48.21 ? 141 PRO A CA    1 
ATOM   355 C C     . PRO B 2 38 ? 8.999   0.568   -5.935  1.00 43.79 ? 141 PRO A C     1 
ATOM   356 O O     . PRO B 2 38 ? 8.216   1.412   -5.506  1.00 46.85 ? 141 PRO A O     1 
ATOM   357 C CB    . PRO B 2 38 ? 10.661  1.472   -7.508  1.00 49.62 ? 141 PRO A CB    1 
ATOM   358 C CG    . PRO B 2 38 ? 10.489  2.020   -8.812  1.00 51.87 ? 141 PRO A CG    1 
ATOM   359 C CD    . PRO B 2 38 ? 9.094   2.325   -8.953  1.00 49.98 ? 141 PRO A CD    1 
ATOM   360 N N     . LYS B 2 39 ? 9.532   -0.368  -5.187  1.00 43.03 ? 142 LYS A N     1 
ATOM   361 C CA    . LYS B 2 39 ? 9.172   -0.549  -3.770  1.00 42.67 ? 142 LYS A CA    1 
ATOM   362 C C     . LYS B 2 39 ? 9.419   0.715   -2.942  1.00 42.30 ? 142 LYS A C     1 
ATOM   363 O O     . LYS B 2 39 ? 8.587   1.112   -2.120  1.00 37.11 ? 142 LYS A O     1 
ATOM   364 C CB    . LYS B 2 39 ? 10.000  -1.684  -3.229  1.00 43.64 ? 142 LYS A CB    1 
ATOM   365 C CG    . LYS B 2 39 ? 9.736   -2.047  -1.799  1.00 46.82 ? 142 LYS A CG    1 
ATOM   366 N N     . LYS B 2 40 ? 10.608  1.316   -3.120  1.00 42.18 ? 143 LYS A N     1 
ATOM   367 C CA    . LYS B 2 40 ? 10.935  2.542   -2.385  1.00 42.83 ? 143 LYS A CA    1 
ATOM   368 C C     . LYS B 2 40 ? 9.845   3.591   -2.593  1.00 41.60 ? 143 LYS A C     1 
ATOM   369 O O     . LYS B 2 40 ? 9.381   4.231   -1.649  1.00 40.86 ? 143 LYS A O     1 
ATOM   370 C CB    . LYS B 2 40 ? 12.309  3.070   -2.864  1.00 44.57 ? 143 LYS A CB    1 
ATOM   371 C CG    . LYS B 2 40 ? 12.873  4.272   -2.047  1.00 50.88 ? 143 LYS A CG    1 
ATOM   372 C CD    . LYS B 2 40 ? 14.119  4.958   -2.815  1.00 55.24 ? 143 LYS A CD    1 
ATOM   373 C CE    . LYS B 2 40 ? 15.118  5.765   -1.945  1.00 64.27 ? 143 LYS A CE    1 
ATOM   374 N NZ    . LYS B 2 40 ? 16.539  5.093   -1.773  1.00 59.68 ? 143 LYS A NZ    1 
ATOM   375 N N     . THR B 2 41 ? 9.462   3.804   -3.835  1.00 41.73 ? 144 THR A N     1 
ATOM   376 C CA    . THR B 2 41 ? 8.426   4.781   -4.147  1.00 43.42 ? 144 THR A CA    1 
ATOM   377 C C     . THR B 2 41 ? 7.108   4.473   -3.472  1.00 39.36 ? 144 THR A C     1 
ATOM   378 O O     . THR B 2 41 ? 6.425   5.353   -3.001  1.00 37.97 ? 144 THR A O     1 
ATOM   379 C CB    . THR B 2 41 ? 8.205   4.811   -5.650  1.00 45.00 ? 144 THR A CB    1 
ATOM   380 O OG1   . THR B 2 41 ? 9.447   5.179   -6.285  1.00 49.48 ? 144 THR A OG1   1 
ATOM   381 C CG2   . THR B 2 41 ? 7.247   5.915   -6.042  1.00 45.73 ? 144 THR A CG2   1 
ATOM   382 N N     . LEU B 2 42 ? 6.747   3.194   -3.432  1.00 38.12 ? 145 LEU A N     1 
ATOM   383 C CA    . LEU B 2 42 ? 5.527   2.784   -2.763  1.00 37.20 ? 145 LEU A CA    1 
ATOM   384 C C     . LEU B 2 42 ? 5.607   3.048   -1.289  1.00 36.06 ? 145 LEU A C     1 
ATOM   385 O O     . LEU B 2 42 ? 4.672   3.564   -0.689  1.00 36.40 ? 145 LEU A O     1 
ATOM   386 C CB    . LEU B 2 42 ? 5.268   1.295   -2.970  1.00 36.63 ? 145 LEU A CB    1 
ATOM   387 C CG    . LEU B 2 42 ? 4.739   0.959   -4.379  1.00 37.05 ? 145 LEU A CG    1 
ATOM   388 C CD1   . LEU B 2 42 ? 4.663   -0.579  -4.521  1.00 36.18 ? 145 LEU A CD1   1 
ATOM   389 C CD2   . LEU B 2 42 ? 3.441   1.616   -4.695  1.00 39.41 ? 145 LEU A CD2   1 
ATOM   390 N N     . ASN B 2 43 ? 6.727   2.677   -0.695  1.00 34.45 ? 146 ASN A N     1 
ATOM   391 C CA    . ASN B 2 43 ? 6.868   2.823   0.751   1.00 35.16 ? 146 ASN A CA    1 
ATOM   392 C C     . ASN B 2 43 ? 6.837   4.273   1.203   1.00 34.63 ? 146 ASN A C     1 
ATOM   393 O O     . ASN B 2 43 ? 6.264   4.577   2.223   1.00 33.85 ? 146 ASN A O     1 
ATOM   394 C CB    . ASN B 2 43 ? 8.116   2.096   1.268   1.00 35.36 ? 146 ASN A CB    1 
ATOM   395 C CG    . ASN B 2 43 ? 7.883   0.609   1.417   1.00 36.77 ? 146 ASN A CG    1 
ATOM   396 O OD1   . ASN B 2 43 ? 6.796   0.182   1.736   1.00 38.10 ? 146 ASN A OD1   1 
ATOM   397 N ND2   . ASN B 2 43 ? 8.952   -0.186  1.179   1.00 35.96 ? 146 ASN A ND2   1 
ATOM   398 N N     . GLN B 2 44 ? 7.395   5.169   0.391   1.00 36.56 ? 147 GLN A N     1 
ATOM   399 C CA    . GLN B 2 44 ? 7.319   6.590   0.772   1.00 38.87 ? 147 GLN A CA    1 
ATOM   400 C C     . GLN B 2 44 ? 5.835   6.993   0.973   1.00 37.94 ? 147 GLN A C     1 
ATOM   401 O O     . GLN B 2 44 ? 5.476   7.667   1.919   1.00 38.57 ? 147 GLN A O     1 
ATOM   402 C CB    . GLN B 2 44 ? 7.973   7.485   -0.269  1.00 41.44 ? 147 GLN A CB    1 
ATOM   403 C CG    . GLN B 2 44 ? 9.446   7.174   -0.581  1.00 43.96 ? 147 GLN A CG    1 
ATOM   404 C CD    . GLN B 2 44 ? 9.963   7.980   -1.768  1.00 47.54 ? 147 GLN A CD    1 
ATOM   405 O OE1   . GLN B 2 44 ? 9.334   8.012   -2.837  1.00 51.16 ? 147 GLN A OE1   1 
ATOM   406 N NE2   . GLN B 2 44 ? 11.123  8.609   -1.604  1.00 47.42 ? 147 GLN A NE2   1 
ATOM   407 N N     . VAL B 2 45 ? 4.977   6.581   0.053   1.00 38.74 ? 148 VAL A N     1 
ATOM   408 C CA    . VAL B 2 45 ? 3.542   6.880   0.120   1.00 39.07 ? 148 VAL A CA    1 
ATOM   409 C C     . VAL B 2 45 ? 2.846   6.071   1.212   1.00 38.30 ? 148 VAL A C     1 
ATOM   410 O O     . VAL B 2 45 ? 2.112   6.615   2.041   1.00 37.65 ? 148 VAL A O     1 
ATOM   411 C CB    . VAL B 2 45 ? 2.837   6.595   -1.226  1.00 39.76 ? 148 VAL A CB    1 
ATOM   412 C CG1   . VAL B 2 45 ? 1.304   6.952   -1.127  1.00 40.33 ? 148 VAL A CG1   1 
ATOM   413 C CG2   . VAL B 2 45 ? 3.470   7.341   -2.340  1.00 41.43 ? 148 VAL A CG2   1 
ATOM   414 N N     . LEU B 2 46 ? 3.109   4.755   1.248   1.00 35.46 ? 149 LEU A N     1 
ATOM   415 C CA    . LEU B 2 46 ? 2.511   3.883   2.264   1.00 34.28 ? 149 LEU A CA    1 
ATOM   416 C C     . LEU B 2 46 ? 2.741   4.337   3.670   1.00 35.24 ? 149 LEU A C     1 
ATOM   417 O O     . LEU B 2 46 ? 1.809   4.397   4.475   1.00 36.10 ? 149 LEU A O     1 
ATOM   418 C CB    . LEU B 2 46 ? 3.062   2.473   2.145   1.00 33.19 ? 149 LEU A CB    1 
ATOM   419 C CG    . LEU B 2 46 ? 2.479   1.671   0.972   1.00 33.62 ? 149 LEU A CG    1 
ATOM   420 C CD1   . LEU B 2 46 ? 3.274   0.433   0.719   1.00 33.96 ? 149 LEU A CD1   1 
ATOM   421 C CD2   . LEU B 2 46 ? 0.988   1.331   1.241   1.00 34.24 ? 149 LEU A CD2   1 
ATOM   422 N N     . TYR B 2 47 ? 3.996   4.692   3.997   1.00 36.66 ? 150 TYR A N     1 
ATOM   423 C CA    . TYR B 2 47 ? 4.290   5.108   5.351   1.00 37.01 ? 150 TYR A CA    1 
ATOM   424 C C     . TYR B 2 47 ? 3.636   6.462   5.660   1.00 40.67 ? 150 TYR A C     1 
ATOM   425 O O     . TYR B 2 47 ? 3.259   6.748   6.801   1.00 41.17 ? 150 TYR A O     1 
ATOM   426 C CB    . TYR B 2 47 ? 5.782   5.120   5.643   1.00 38.30 ? 150 TYR A CB    1 
ATOM   427 C CG    . TYR B 2 47 ? 6.283   3.712   5.936   1.00 35.27 ? 150 TYR A CG    1 
ATOM   428 C CD1   . TYR B 2 47 ? 6.104   3.159   7.187   1.00 37.83 ? 150 TYR A CD1   1 
ATOM   429 C CD2   . TYR B 2 47 ? 6.829   2.936   4.941   1.00 34.08 ? 150 TYR A CD2   1 
ATOM   430 C CE1   . TYR B 2 47 ? 6.493   1.854   7.465   1.00 39.78 ? 150 TYR A CE1   1 
ATOM   431 C CE2   . TYR B 2 47 ? 7.257   1.618   5.222   1.00 35.29 ? 150 TYR A CE2   1 
ATOM   432 C CZ    . TYR B 2 47 ? 7.081   1.095   6.476   1.00 35.56 ? 150 TYR A CZ    1 
ATOM   433 O OH    . TYR B 2 47 ? 7.482   -0.182  6.749   1.00 41.58 ? 150 TYR A OH    1 
ATOM   434 N N     . ARG B 2 48 ? 3.499   7.273   4.642   1.00 42.13 ? 151 ARG A N     1 
ATOM   435 C CA    . ARG B 2 48 ? 2.818   8.531   4.849   1.00 45.55 ? 151 ARG A CA    1 
ATOM   436 C C     . ARG B 2 48 ? 1.340   8.246   5.148   1.00 44.32 ? 151 ARG A C     1 
ATOM   437 O O     . ARG B 2 48 ? 0.802   8.683   6.160   1.00 44.17 ? 151 ARG A O     1 
ATOM   438 C CB    . ARG B 2 48 ? 2.941   9.433   3.645   1.00 45.79 ? 151 ARG A CB    1 
ATOM   439 C CG    . ARG B 2 48 ? 2.503   10.796  4.043   1.00 51.78 ? 151 ARG A CG    1 
ATOM   440 C CD    . ARG B 2 48 ? 2.368   11.821  2.962   1.00 57.30 ? 151 ARG A CD    1 
ATOM   441 N NE    . ARG B 2 48 ? 2.169   11.395  1.595   1.00 58.77 ? 151 ARG A NE    1 
ATOM   442 C CZ    . ARG B 2 48 ? 0.990   11.171  1.018   1.00 64.63 ? 151 ARG A CZ    1 
ATOM   443 N NH1   . ARG B 2 48 ? 0.950   10.854  -0.274  1.00 65.91 ? 151 ARG A NH1   1 
ATOM   444 N NH2   . ARG B 2 48 ? -0.148  11.242  1.704   1.00 66.45 ? 151 ARG A NH2   1 
ATOM   445 N N     . LEU B 2 49 ? 0.722   7.437   4.290   1.00 44.21 ? 152 LEU A N     1 
ATOM   446 C CA    . LEU B 2 49 ? -0.676  7.062   4.486   1.00 44.59 ? 152 LEU A CA    1 
ATOM   447 C C     . LEU B 2 49 ? -0.873  6.468   5.873   1.00 46.04 ? 152 LEU A C     1 
ATOM   448 O O     . LEU B 2 49 ? -1.877  6.760   6.543   1.00 47.11 ? 152 LEU A O     1 
ATOM   449 C CB    . LEU B 2 49 ? -1.193  6.114   3.396   1.00 44.19 ? 152 LEU A CB    1 
ATOM   450 C CG    . LEU B 2 49 ? -1.278  6.693   1.993   1.00 44.45 ? 152 LEU A CG    1 
ATOM   451 C CD1   . LEU B 2 49 ? -1.653  5.555   0.983   1.00 46.49 ? 152 LEU A CD1   1 
ATOM   452 C CD2   . LEU B 2 49 ? -2.291  7.805   1.940   1.00 46.91 ? 152 LEU A CD2   1 
ATOM   453 N N     . LYS B 2 50 ? 0.088   5.682   6.334   1.00 44.73 ? 153 LYS A N     1 
ATOM   454 C CA    . LYS B 2 50 ? -0.007  5.041   7.625   1.00 47.99 ? 153 LYS A CA    1 
ATOM   455 C C     . LYS B 2 50 ? 0.000   6.065   8.769   1.00 50.89 ? 153 LYS A C     1 
ATOM   456 O O     . LYS B 2 50 ? -0.735  5.931   9.737   1.00 53.11 ? 153 LYS A O     1 
ATOM   457 C CB    . LYS B 2 50 ? 1.087   3.999   7.852   1.00 47.14 ? 153 LYS A CB    1 
ATOM   458 C CG    . LYS B 2 50 ? 1.320   3.686   9.307   1.00 51.50 ? 153 LYS A CG    1 
ATOM   459 C CD    . LYS B 2 50 ? 2.140   2.452   9.548   1.00 54.02 ? 153 LYS A CD    1 
ATOM   460 C CE    . LYS B 2 50 ? 2.628   2.413   10.994  1.00 58.95 ? 153 LYS A CE    1 
ATOM   461 N NZ    . LYS B 2 50 ? 1.644   3.009   12.006  1.00 60.56 ? 153 LYS A NZ    1 
ATOM   462 N N     . LYS B 2 51 ? 0.822   7.081   8.629   1.00 53.48 ? 154 LYS A N     1 
ATOM   463 C CA    . LYS B 2 51 ? 0.945   8.109   9.637   1.00 57.00 ? 154 LYS A CA    1 
ATOM   464 C C     . LYS B 2 51 ? -0.343  8.937   9.654   1.00 59.38 ? 154 LYS A C     1 
ATOM   465 O O     . LYS B 2 51 ? -0.639  9.633   10.629  1.00 60.75 ? 154 LYS A O     1 
ATOM   466 C CB    . LYS B 2 51 ? 2.105   9.010   9.305   1.00 58.67 ? 154 LYS A CB    1 
ATOM   467 C CG    . LYS B 2 51 ? 2.526   9.924   10.427  1.00 64.72 ? 154 LYS A CG    1 
ATOM   468 C CD    . LYS B 2 51 ? 3.621   10.839  9.956   1.00 71.26 ? 154 LYS A CD    1 
ATOM   469 C CE    . LYS B 2 51 ? 3.258   12.278  10.192  1.00 77.48 ? 154 LYS A CE    1 
ATOM   470 N NZ    . LYS B 2 51 ? 2.983   12.585  11.644  1.00 81.54 ? 154 LYS A NZ    1 
ATOM   471 N N     . GLU B 2 52 ? -1.077  8.862   8.557   1.00 60.68 ? 155 GLU A N     1 
ATOM   472 C CA    . GLU B 2 52 ? -2.354  9.526   8.412   1.00 62.93 ? 155 GLU A CA    1 
ATOM   473 C C     . GLU B 2 52 ? -3.498  8.606   8.822   1.00 63.86 ? 155 GLU A C     1 
ATOM   474 O O     . GLU B 2 52 ? -4.647  8.934   8.581   1.00 64.40 ? 155 GLU A O     1 
ATOM   475 C CB    . GLU B 2 52 ? -2.553  9.989   6.957   1.00 62.39 ? 155 GLU A CB    1 
ATOM   476 C CG    . GLU B 2 52 ? -1.609  11.071  6.458   1.00 63.94 ? 155 GLU A CG    1 
ATOM   477 C CD    . GLU B 2 52 ? -1.793  11.391  4.978   1.00 63.48 ? 155 GLU A CD    1 
ATOM   478 O OE1   . GLU B 2 52 ? -2.804  10.973  4.403   1.00 69.42 ? 155 GLU A OE1   1 
ATOM   479 O OE2   . GLU B 2 52 ? -0.936  12.071  4.373   1.00 65.21 ? 155 GLU A OE2   1 
ATOM   480 N N     . ASP B 2 53 ? -3.195  7.459   9.431   1.00 64.23 ? 156 ASP A N     1 
ATOM   481 C CA    . ASP B 2 53 ? -4.227  6.489   9.841   1.00 64.96 ? 156 ASP A CA    1 
ATOM   482 C C     . ASP B 2 53 ? -5.110  6.026   8.656   1.00 62.79 ? 156 ASP A C     1 
ATOM   483 O O     . ASP B 2 53 ? -6.257  5.638   8.843   1.00 63.16 ? 156 ASP A O     1 
ATOM   484 C CB    . ASP B 2 53 ? -5.119  7.060   10.961  1.00 67.28 ? 156 ASP A CB    1 
ATOM   485 C CG    . ASP B 2 53 ? -4.497  6.938   12.346  1.00 72.45 ? 156 ASP A CG    1 
ATOM   486 O OD1   . ASP B 2 53 ? -3.482  6.217   12.525  1.00 74.24 ? 156 ASP A OD1   1 
ATOM   487 O OD2   . ASP B 2 53 ? -4.964  7.538   13.338  1.00 80.77 ? 156 ASP A OD2   1 
ATOM   488 N N     . ARG B 2 54 ? -4.556  6.030   7.454   1.00 59.60 ? 157 ARG A N     1 
ATOM   489 C CA    . ARG B 2 54 ? -5.303  5.658   6.240   1.00 56.63 ? 157 ARG A CA    1 
ATOM   490 C C     . ARG B 2 54 ? -5.000  4.281   5.659   1.00 52.87 ? 157 ARG A C     1 
ATOM   491 O O     . ARG B 2 54 ? -5.682  3.864   4.721   1.00 49.38 ? 157 ARG A O     1 
ATOM   492 C CB    . ARG B 2 54 ? -5.036  6.695   5.186   1.00 56.77 ? 157 ARG A CB    1 
ATOM   493 C CG    . ARG B 2 54 ? -5.307  8.068   5.697   1.00 61.53 ? 157 ARG A CG    1 
ATOM   494 C CD    . ARG B 2 54 ? -6.406  8.768   4.980   1.00 68.76 ? 157 ARG A CD    1 
ATOM   495 N NE    . ARG B 2 54 ? -5.894  9.292   3.717   1.00 70.92 ? 157 ARG A NE    1 
ATOM   496 C CZ    . ARG B 2 54 ? -6.386  8.971   2.536   1.00 72.06 ? 157 ARG A CZ    1 
ATOM   497 N NH1   . ARG B 2 54 ? -7.437  8.111   2.437   1.00 68.78 ? 157 ARG A NH1   1 
ATOM   498 N NH2   . ARG B 2 54 ? -5.853  9.532   1.455   1.00 69.26 ? 157 ARG A NH2   1 
ATOM   499 N N     . VAL B 2 55 ? -3.933  3.633   6.175   1.00 48.91 ? 158 VAL A N     1 
ATOM   500 C CA    . VAL B 2 55 ? -3.634  2.263   5.895   1.00 46.42 ? 158 VAL A CA    1 
ATOM   501 C C     . VAL B 2 55 ? -3.010  1.754   7.158   1.00 48.54 ? 158 VAL A C     1 
ATOM   502 O O     . VAL B 2 55 ? -2.719  2.529   8.058   1.00 47.80 ? 158 VAL A O     1 
ATOM   503 C CB    . VAL B 2 55 ? -2.670  2.118   4.692   1.00 44.16 ? 158 VAL A CB    1 
ATOM   504 C CG1   . VAL B 2 55 ? -3.396  2.574   3.428   1.00 39.24 ? 158 VAL A CG1   1 
ATOM   505 C CG2   . VAL B 2 55 ? -1.462  2.917   4.918   1.00 41.53 ? 158 VAL A CG2   1 
ATOM   506 N N     . SER B 2 56 ? -2.802  0.451   7.250   1.00 48.20 ? 159 SER A N     1 
ATOM   507 C CA    . SER B 2 56 ? -2.171  -0.160  8.404   1.00 50.63 ? 159 SER A CA    1 
ATOM   508 C C     . SER B 2 56 ? -1.226  -1.181  7.884   1.00 48.50 ? 159 SER A C     1 
ATOM   509 O O     . SER B 2 56 ? -1.329  -1.579  6.716   1.00 46.04 ? 159 SER A O     1 
ATOM   510 C CB    . SER B 2 56 ? -3.213  -0.857  9.299   1.00 53.05 ? 159 SER A CB    1 
ATOM   511 O OG    . SER B 2 56 ? -3.802  -1.900  8.564   1.00 59.07 ? 159 SER A OG    1 
ATOM   512 N N     . SER B 2 57 ? -0.308  -1.601  8.736   1.00 49.73 ? 160 SER A N     1 
ATOM   513 C CA    . SER B 2 57 ? 0.655   -2.606  8.404   1.00 49.79 ? 160 SER A CA    1 
ATOM   514 C C     . SER B 2 57 ? 0.549   -3.635  9.487   1.00 51.80 ? 160 SER A C     1 
ATOM   515 O O     . SER B 2 57 ? 1.264   -3.534  10.506  1.00 52.87 ? 160 SER A O     1 
ATOM   516 C CB    . SER B 2 57 ? 2.053   -1.998  8.395   1.00 50.47 ? 160 SER A CB    1 
ATOM   517 O OG    . SER B 2 57 ? 2.959   -2.822  7.718   1.00 50.43 ? 160 SER A OG    1 
ATOM   518 N N     . PRO B 2 58 ? -0.326  -4.620  9.305   1.00 51.53 ? 161 PRO A N     1 
ATOM   519 C CA    . PRO B 2 58 ? -0.517  -5.654  10.321  1.00 54.58 ? 161 PRO A CA    1 
ATOM   520 C C     . PRO B 2 58 ? 0.683   -6.559  10.438  1.00 54.51 ? 161 PRO A C     1 
ATOM   521 O O     . PRO B 2 58 ? 0.813   -7.243  11.417  1.00 55.91 ? 161 PRO A O     1 
ATOM   522 C CB    . PRO B 2 58 ? -1.726  -6.443  9.791   1.00 52.82 ? 161 PRO A CB    1 
ATOM   523 C CG    . PRO B 2 58 ? -1.602  -6.283  8.342   1.00 52.43 ? 161 PRO A CG    1 
ATOM   524 C CD    . PRO B 2 58 ? -1.221  -4.829  8.173   1.00 50.72 ? 161 PRO A CD    1 
ATOM   525 N N     . GLU B 2 59 ? 1.501   -6.569  9.402   1.00 54.11 ? 162 GLU A N     1 
ATOM   526 C CA    . GLU B 2 59 ? 2.747   -7.309  9.362   1.00 56.02 ? 162 GLU A CA    1 
ATOM   527 C C     . GLU B 2 59 ? 3.767   -6.496  8.618   1.00 54.01 ? 162 GLU A C     1 
ATOM   528 O O     . GLU B 2 59 ? 3.439   -5.628  7.859   1.00 50.50 ? 162 GLU A O     1 
ATOM   529 C CB    . GLU B 2 59 ? 2.586   -8.545  8.524   1.00 56.20 ? 162 GLU A CB    1 
ATOM   530 C CG    . GLU B 2 59 ? 2.266   -9.803  9.238   1.00 63.46 ? 162 GLU A CG    1 
ATOM   531 C CD    . GLU B 2 59 ? 2.203   -10.952 8.267   1.00 66.89 ? 162 GLU A CD    1 
ATOM   532 O OE1   . GLU B 2 59 ? 3.197   -11.146 7.549   1.00 70.67 ? 162 GLU A OE1   1 
ATOM   533 O OE2   . GLU B 2 59 ? 1.158   -11.630 8.207   1.00 71.28 ? 162 GLU A OE2   1 
ATOM   534 N N     . PRO B 2 60 ? 5.029   -6.845  8.785   1.00 55.47 ? 163 PRO A N     1 
ATOM   535 C CA    . PRO B 2 60 ? 6.095   -6.104  8.115   1.00 52.54 ? 163 PRO A CA    1 
ATOM   536 C C     . PRO B 2 60 ? 6.005   -6.247  6.591   1.00 46.57 ? 163 PRO A C     1 
ATOM   537 O O     . PRO B 2 60 ? 5.810   -7.333  6.059   1.00 43.91 ? 163 PRO A O     1 
ATOM   538 C CB    . PRO B 2 60 ? 7.343   -6.766  8.656   1.00 56.45 ? 163 PRO A CB    1 
ATOM   539 C CG    . PRO B 2 60 ? 6.892   -8.127  8.985   1.00 58.31 ? 163 PRO A CG    1 
ATOM   540 C CD    . PRO B 2 60 ? 5.550   -7.954  9.595   1.00 57.62 ? 163 PRO A CD    1 
ATOM   541 N N     . ALA B 2 61 ? 6.131   -5.106  5.922   1.00 42.20 ? 164 ALA A N     1 
ATOM   542 C CA    . ALA B 2 61 ? 6.057   -5.009  4.462   1.00 38.85 ? 164 ALA A CA    1 
ATOM   543 C C     . ALA B 2 61 ? 4.743   -5.574  3.957   1.00 36.77 ? 164 ALA A C     1 
ATOM   544 O O     . ALA B 2 61 ? 4.667   -6.049  2.829   1.00 35.64 ? 164 ALA A O     1 
ATOM   545 C CB    . ALA B 2 61 ? 7.210   -5.663  3.797   1.00 39.96 ? 164 ALA A CB    1 
ATOM   546 N N     . THR B 2 62 ? 3.733   -5.543  4.802   1.00 35.99 ? 165 THR A N     1 
ATOM   547 C CA    . THR B 2 62 ? 2.387   -6.001  4.414   1.00 35.35 ? 165 THR A CA    1 
ATOM   548 C C     . THR B 2 62 ? 1.399   -4.920  4.741   1.00 35.43 ? 165 THR A C     1 
ATOM   549 O O     . THR B 2 62 ? 1.500   -4.287  5.801   1.00 34.55 ? 165 THR A O     1 
ATOM   550 C CB    . THR B 2 62 ? 2.030   -7.270  5.182   1.00 38.24 ? 165 THR A CB    1 
ATOM   551 O OG1   . THR B 2 62 ? 3.073   -8.240  4.961   1.00 38.53 ? 165 THR A OG1   1 
ATOM   552 C CG2   . THR B 2 62 ? 0.806   -7.903  4.592   1.00 37.58 ? 165 THR A CG2   1 
ATOM   553 N N     . TRP B 2 63 ? 0.432   -4.655  3.820   1.00 32.62 ? 166 TRP A N     1 
ATOM   554 C CA    . TRP B 2 63 ? -0.408  -3.488  3.965   1.00 33.06 ? 166 TRP A CA    1 
ATOM   555 C C     . TRP B 2 63 ? -1.871  -3.790  3.727   1.00 33.77 ? 166 TRP A C     1 
ATOM   556 O O     . TRP B 2 63 ? -2.212  -4.676  2.949   1.00 33.69 ? 166 TRP A O     1 
ATOM   557 C CB    . TRP B 2 63 ? 0.065   -2.412  2.974   1.00 33.42 ? 166 TRP A CB    1 
ATOM   558 C CG    . TRP B 2 63 ? 1.510   -2.009  3.234   1.00 31.99 ? 166 TRP A CG    1 
ATOM   559 C CD1   . TRP B 2 63 ? 2.627   -2.598  2.734   1.00 34.63 ? 166 TRP A CD1   1 
ATOM   560 C CD2   . TRP B 2 63 ? 1.957   -1.025  4.150   1.00 35.87 ? 166 TRP A CD2   1 
ATOM   561 N NE1   . TRP B 2 63 ? 3.752   -2.005  3.248   1.00 33.57 ? 166 TRP A NE1   1 
ATOM   562 C CE2   . TRP B 2 63 ? 3.375   -1.036  4.118   1.00 36.86 ? 166 TRP A CE2   1 
ATOM   563 C CE3   . TRP B 2 63 ? 1.321   -0.056  4.944   1.00 35.36 ? 166 TRP A CE3   1 
ATOM   564 C CZ2   . TRP B 2 63 ? 4.162   -0.117  4.869   1.00 39.91 ? 166 TRP A CZ2   1 
ATOM   565 C CZ3   . TRP B 2 63 ? 2.106   0.802   5.684   1.00 38.42 ? 166 TRP A CZ3   1 
ATOM   566 C CH2   . TRP B 2 63 ? 3.498   0.745   5.662   1.00 39.92 ? 166 TRP A CH2   1 
ATOM   567 N N     . SER B 2 64 ? -2.730  -3.073  4.445   1.00 34.52 ? 167 SER A N     1 
ATOM   568 C CA    . SER B 2 64 ? -4.160  -3.243  4.242   1.00 38.65 ? 167 SER A CA    1 
ATOM   569 C C     . SER B 2 64 ? -4.884  -1.910  4.461   1.00 40.16 ? 167 SER A C     1 
ATOM   570 O O     . SER B 2 64 ? -4.312  -0.973  4.974   1.00 42.23 ? 167 SER A O     1 
ATOM   571 C CB    . SER B 2 64 ? -4.730  -4.308  5.211   1.00 40.13 ? 167 SER A CB    1 
ATOM   572 O OG    . SER B 2 64 ? -4.612  -3.858  6.524   1.00 43.98 ? 167 SER A OG    1 
ATOM   573 N N     . ILE B 2 65 ? -6.165  -1.884  4.179   1.00 45.41 ? 168 ILE A N     1 
ATOM   574 C CA    . ILE B 2 65 ? -6.917  -0.655  4.306   1.00 47.33 ? 168 ILE A CA    1 
ATOM   575 C C     . ILE B 2 65 ? -7.245  -0.397  5.784   1.00 48.77 ? 168 ILE A C     1 
ATOM   576 O O     . ILE B 2 65 ? -7.632  -1.302  6.531   1.00 48.27 ? 168 ILE A O     1 
ATOM   577 C CB    . ILE B 2 65 ? -8.238  -0.701  3.516   1.00 48.75 ? 168 ILE A CB    1 
ATOM   578 C CG1   . ILE B 2 65 ? -8.097  -0.269  2.059   1.00 51.99 ? 168 ILE A CG1   1 
ATOM   579 C CG2   . ILE B 2 65 ? -9.217  0.278   4.166   1.00 52.58 ? 168 ILE A CG2   1 
ATOM   580 C CD1   . ILE B 2 65 ? -7.909  1.268   1.829   1.00 48.55 ? 168 ILE A CD1   1 
ATOM   581 N N     . GLY B 2 66 ? -7.119  0.862   6.168   1.00 49.93 ? 169 GLY A N     1 
ATOM   582 C CA    . GLY B 2 66 ? -7.365  1.297   7.515   1.00 53.51 ? 169 GLY A CA    1 
ATOM   583 C C     . GLY B 2 66 ? -6.102  1.338   8.347   1.00 55.16 ? 169 GLY A C     1 
ATOM   584 O O     . GLY B 2 66 ? -5.517  0.266   8.603   1.00 57.12 ? 169 GLY A O     1 
HETATM 585 O O     . HOH C 3 .  ? 10.510  5.254   10.454  1.00 45.10 ? 304 HOH B O     1 
HETATM 586 O O     . HOH C 3 .  ? 14.086  -8.309  1.894   1.00 45.56 ? 305 HOH B O     1 
HETATM 587 O O     . HOH C 3 .  ? 14.041  -3.458  1.036   1.00 42.75 ? 306 HOH B O     1 
HETATM 588 O O     . HOH C 3 .  ? 12.411  -4.355  3.209   1.00 35.24 ? 307 HOH B O     1 
HETATM 589 O O     . HOH C 3 .  ? 9.466   11.270  6.011   1.00 50.22 ? 321 HOH B O     1 
HETATM 590 O O     . HOH C 3 .  ? 9.725   -3.131  1.076   1.00 48.22 ? 329 HOH B O     1 
HETATM 591 O O     . HOH C 3 .  ? 15.490  4.805   2.366   1.00 39.92 ? 332 HOH B O     1 
HETATM 592 O O     . HOH C 3 .  ? 8.448   6.144   8.844   1.00 58.77 ? 333 HOH B O     1 
HETATM 593 O O     . HOH C 3 .  ? 17.624  -11.337 9.991   1.00 57.72 ? 340 HOH B O     1 
HETATM 594 O O     . HOH C 3 .  ? 20.027  9.559   5.527   1.00 54.26 ? 342 HOH B O     1 
HETATM 595 O O     . HOH C 3 .  ? 19.483  12.141  7.035   1.00 48.92 ? 343 HOH B O     1 
HETATM 596 O O     . HOH C 3 .  ? 11.739  -6.841  2.382   1.00 41.73 ? 344 HOH B O     1 
HETATM 597 O O     . HOH C 3 .  ? 6.955   -8.820  2.408   1.00 57.95 ? 345 HOH B O     1 
HETATM 598 O O     . HOH C 3 .  ? 15.804  8.037   -0.062  1.00 55.23 ? 349 HOH B O     1 
HETATM 599 O O     . HOH C 3 .  ? 9.711   10.584  0.628   1.00 55.62 ? 354 HOH B O     1 
HETATM 600 O O     . HOH C 3 .  ? 10.350  -7.827  9.926   1.00 59.73 ? 355 HOH B O     1 
HETATM 601 O O     . HOH C 3 .  ? 16.447  -5.298  12.746  1.00 70.18 ? 361 HOH B O     1 
HETATM 602 O O     . HOH C 3 .  ? 17.364  -1.415  17.772  1.00 84.01 ? 362 HOH B O     1 
HETATM 603 O O     . HOH C 3 .  ? 15.525  2.879   0.290   1.00 53.57 ? 373 HOH B O     1 
HETATM 604 O O     . HOH C 3 .  ? 22.569  12.082  3.635   1.00 79.48 ? 388 HOH B O     1 
HETATM 605 O O     . HOH C 3 .  ? 21.143  12.223  1.463   1.00 79.03 ? 389 HOH B O     1 
HETATM 606 O O     . HOH C 3 .  ? 14.218  -1.470  -1.439  1.00 64.53 ? 390 HOH B O     1 
HETATM 607 O O     . HOH C 3 .  ? 15.421  -3.502  16.512  0.5  67.88 ? 391 HOH B O     1 
HETATM 608 O O     . HOH C 3 .  ? 18.981  9.257   -1.128  1.00 59.61 ? 395 HOH B O     1 
HETATM 609 O O     . HOH D 3 .  ? -6.282  -4.480  1.836   1.00 43.75 ? 301 HOH A O     1 
HETATM 610 O O     . HOH D 3 .  ? -6.592  -10.181 -4.458  1.00 47.48 ? 302 HOH A O     1 
HETATM 611 O O     . HOH D 3 .  ? 6.523   -2.192  2.735   1.00 34.30 ? 303 HOH A O     1 
HETATM 612 O O     . HOH D 3 .  ? -5.999  -5.496  -5.622  1.00 35.47 ? 308 HOH A O     1 
HETATM 613 O O     . HOH D 3 .  ? -3.899  -7.455  -4.550  1.00 39.23 ? 309 HOH A O     1 
HETATM 614 O O     . HOH D 3 .  ? -4.907  -10.501 0.946   1.00 36.99 ? 310 HOH A O     1 
HETATM 615 O O     . HOH D 3 .  ? -0.023  -8.272  -7.510  1.00 39.06 ? 311 HOH A O     1 
HETATM 616 O O     . HOH D 3 .  ? 9.340   5.774   -9.316  1.00 51.97 ? 312 HOH A O     1 
HETATM 617 O O     . HOH D 3 .  ? 6.834   8.111   -3.384  1.00 46.73 ? 313 HOH A O     1 
HETATM 618 O O     . HOH D 3 .  ? -7.047  -7.006  5.919   1.00 51.95 ? 314 HOH A O     1 
HETATM 619 O O     . HOH D 3 .  ? -7.702  -7.916  -5.589  1.00 37.53 ? 315 HOH A O     1 
HETATM 620 O O     . HOH D 3 .  ? -6.408  -5.183  -8.055  1.00 67.03 ? 316 HOH A O     1 
HETATM 621 O O     . HOH D 3 .  ? 5.668   11.917  4.536   1.00 55.50 ? 317 HOH A O     1 
HETATM 622 O O     . HOH D 3 .  ? -0.702  -5.515  -13.675 1.00 55.29 ? 318 HOH A O     1 
HETATM 623 O O     . HOH D 3 .  ? -0.795  -8.448  -10.260 1.00 48.77 ? 319 HOH A O     1 
HETATM 624 O O     . HOH D 3 .  ? 9.191   9.752   3.811   1.00 48.30 ? 320 HOH A O     1 
HETATM 625 O O     . HOH D 3 .  ? -2.277  -8.727  -5.799  1.00 46.99 ? 322 HOH A O     1 
HETATM 626 O O     . HOH D 3 .  ? -9.842  -7.909  -7.329  1.00 54.17 ? 323 HOH A O     1 
HETATM 627 O O     . HOH D 3 .  ? 5.751   -10.605 -2.346  1.00 39.81 ? 324 HOH A O     1 
HETATM 628 O O     . HOH D 3 .  ? 4.566   10.591  0.893   1.00 51.89 ? 325 HOH A O     1 
HETATM 629 O O     . HOH D 3 .  ? 6.762   -8.647  -1.075  1.00 40.16 ? 326 HOH A O     1 
HETATM 630 O O     . HOH D 3 .  ? 4.465   -10.529 -6.053  1.00 51.12 ? 327 HOH A O     1 
HETATM 631 O O     . HOH D 3 .  ? 11.175  -2.458  -6.526  1.00 46.28 ? 328 HOH A O     1 
HETATM 632 O O     . HOH D 3 .  ? -8.217  5.343   3.204   1.00 45.96 ? 330 HOH A O     1 
HETATM 633 O O     . HOH D 3 .  ? 5.724   -2.353  7.420   1.00 49.38 ? 331 HOH A O     1 
HETATM 634 O O     . HOH D 3 .  ? 7.254   -7.715  -7.395  1.00 45.59 ? 334 HOH A O     1 
HETATM 635 O O     . HOH D 3 .  ? 7.234   -12.027 -9.712  0.50 53.92 ? 335 HOH A O     1 
HETATM 636 O O     . HOH D 3 .  ? -2.546  3.426   10.496  1.00 56.83 ? 336 HOH A O     1 
HETATM 637 O O     . HOH D 3 .  ? 4.995   -12.080 11.008  1.00 63.04 ? 337 HOH A O     1 
HETATM 638 O O     . HOH D 3 .  ? -11.889 -7.346  -5.773  0.50 81.10 ? 338 HOH A O     1 
HETATM 639 O O     . HOH D 3 .  ? -0.202  -11.414 0.728   0.50 50.92 ? 339 HOH A O     1 
HETATM 640 O O     . HOH D 3 .  ? -8.258  4.640   13.719  1.00 60.25 ? 341 HOH A O     1 
HETATM 641 O O     . HOH D 3 .  ? -5.274  -5.362  8.872   1.00 76.79 ? 346 HOH A O     1 
HETATM 642 O O     . HOH D 3 .  ? 6.079   9.431   6.554   1.00 58.51 ? 347 HOH A O     1 
HETATM 643 O O     . HOH D 3 .  ? 7.213   8.279   4.287   1.00 52.53 ? 348 HOH A O     1 
HETATM 644 O O     . HOH D 3 .  ? 8.723   7.010   6.907   1.00 51.18 ? 350 HOH A O     1 
HETATM 645 O O     . HOH D 3 .  ? -6.922  -3.952  -11.436 1.00 69.76 ? 351 HOH A O     1 
HETATM 646 O O     . HOH D 3 .  ? -8.762  0.026   10.470  1.00 59.67 ? 352 HOH A O     1 
HETATM 647 O O     . HOH D 3 .  ? 6.189   8.970   9.364   1.00 74.29 ? 353 HOH A O     1 
HETATM 648 O O     . HOH D 3 .  ? 3.291   14.774  1.457   1.00 70.40 ? 356 HOH A O     1 
HETATM 649 O O     . HOH D 3 .  ? 0.782   14.949  1.343   1.00 70.82 ? 357 HOH A O     1 
HETATM 650 O O     . HOH D 3 .  ? 5.196   7.563   -8.917  1.00 67.41 ? 358 HOH A O     1 
HETATM 651 O O     . HOH D 3 .  ? 4.281   11.919  -10.072 1.00 65.84 ? 359 HOH A O     1 
HETATM 652 O O     . HOH D 3 .  ? 6.276   10.290  -9.700  1.00 69.39 ? 360 HOH A O     1 
HETATM 653 O O     . HOH D 3 .  ? 8.071   -11.699 0.162   1.00 54.02 ? 363 HOH A O     1 
HETATM 654 O O     . HOH D 3 .  ? -0.479  15.479  -8.112  1.00 74.42 ? 364 HOH A O     1 
HETATM 655 O O     . HOH D 3 .  ? -0.349  12.843  -9.899  1.00 69.82 ? 365 HOH A O     1 
HETATM 656 O O     . HOH D 3 .  ? 0.084   12.548  -15.002 1.00 79.89 ? 366 HOH A O     1 
HETATM 657 O O     . HOH D 3 .  ? 1.273   10.027  -8.268  1.00 55.00 ? 367 HOH A O     1 
HETATM 658 O O     . HOH D 3 .  ? 3.944   -4.200  10.929  1.00 68.65 ? 368 HOH A O     1 
HETATM 659 O O     . HOH D 3 .  ? -3.628  10.031  -13.562 1.00 72.33 ? 369 HOH A O     1 
HETATM 660 O O     . HOH D 3 .  ? -11.611 -1.749  -8.846  1.00 72.91 ? 370 HOH A O     1 
HETATM 661 O O     . HOH D 3 .  ? 4.344   5.843   9.137   1.00 58.53 ? 371 HOH A O     1 
HETATM 662 O O     . HOH D 3 .  ? -8.588  5.611   -5.847  1.00 56.83 ? 372 HOH A O     1 
HETATM 663 O O     . HOH D 3 .  ? 10.687  7.567   -5.698  1.00 58.69 ? 374 HOH A O     1 
HETATM 664 O O     . HOH D 3 .  ? 8.862   9.171   -8.619  1.00 69.81 ? 375 HOH A O     1 
HETATM 665 O O     . HOH D 3 .  ? 12.646  10.040  -3.969  1.00 69.27 ? 376 HOH A O     1 
HETATM 666 O O     . HOH D 3 .  ? 5.208   10.345  -2.096  1.00 70.40 ? 377 HOH A O     1 
HETATM 667 O O     . HOH D 3 .  ? -2.700  13.169  -4.890  1.00 56.17 ? 378 HOH A O     1 
HETATM 668 O O     . HOH D 3 .  ? -2.443  12.096  -15.757 1.00 70.89 ? 379 HOH A O     1 
HETATM 669 O O     . HOH D 3 .  ? 0.423   3.298   -11.325 1.00 69.59 ? 380 HOH A O     1 
HETATM 670 O O     . HOH D 3 .  ? 0.489   12.550  13.522  1.00 72.59 ? 381 HOH A O     1 
HETATM 671 O O     . HOH D 3 .  ? 0.287   10.108  -5.360  1.00 59.27 ? 382 HOH A O     1 
HETATM 672 O O     . HOH D 3 .  ? -0.812  6.217   -10.643 1.00 69.31 ? 383 HOH A O     1 
HETATM 673 O O     . HOH D 3 .  ? -2.810  5.404   -13.348 1.00 67.76 ? 384 HOH A O     1 
HETATM 674 O O     . HOH D 3 .  ? -1.924  6.076   -15.994 1.00 85.66 ? 385 HOH A O     1 
HETATM 675 O O     . HOH D 3 .  ? -4.572  5.379   -15.463 1.00 85.02 ? 386 HOH A O     1 
HETATM 676 O O     . HOH D 3 .  ? -9.063  -9.161  5.956   1.00 65.42 ? 387 HOH A O     1 
HETATM 677 O O     . HOH D 3 .  ? 1.110   -7.373  14.103  1.00 92.31 ? 392 HOH A O     1 
HETATM 678 O O     . HOH D 3 .  ? -3.746  0.824   11.999  1.00 59.74 ? 393 HOH A O     1 
HETATM 679 O O     . HOH D 3 .  ? -6.888  -1.868  9.576   1.00 67.87 ? 394 HOH A O     1 
HETATM 680 O O     . HOH D 3 .  ? -0.388  -1.029  11.245  1.00 76.30 ? 396 HOH A O     1 
HETATM 681 O O     . HOH D 3 .  ? 6.664   -10.315 6.048   1.00 75.91 ? 397 HOH A O     1 
HETATM 682 O O     . HOH D 3 .  ? -9.110  -5.399  -9.565  1.00 65.42 ? 398 HOH A O     1 
HETATM 683 O O     . HOH D 3 .  ? 2.951   6.238   12.648  0.5  75.78 ? 399 HOH A O     1 
HETATM 684 O O     . HOH D 3 .  ? 13.065  4.797   -7.550  1.00 79.39 ? 400 HOH A O     1 
HETATM 685 O O     . HOH D 3 .  ? 2.628   11.182  -2.249  1.00 59.15 ? 401 HOH A O     1 
HETATM 686 O O     . HOH D 3 .  ? 3.864   -8.461  14.378  1.00 69.43 ? 402 HOH A O     1 
# 
loop_
_pdbx_poly_seq_scheme.asym_id 
_pdbx_poly_seq_scheme.entity_id 
_pdbx_poly_seq_scheme.seq_id 
_pdbx_poly_seq_scheme.mon_id 
_pdbx_poly_seq_scheme.ndb_seq_num 
_pdbx_poly_seq_scheme.pdb_seq_num 
_pdbx_poly_seq_scheme.auth_seq_num 
_pdbx_poly_seq_scheme.pdb_mon_id 
_pdbx_poly_seq_scheme.auth_mon_id 
_pdbx_poly_seq_scheme.pdb_strand_id 
_pdbx_poly_seq_scheme.pdb_ins_code 
_pdbx_poly_seq_scheme.hetero 
A 1 1  DT  1  200 200 DT  T   B . n 
A 1 2  DC  2  201 201 DC  C   B . n 
A 1 3  DG  3  202 202 DG  G   B . n 
A 1 4  DC  4  203 203 DC  C   B . n 
A 1 5  DG  5  204 204 DG  G   B . n 
A 1 6  DC  6  205 205 DC  C   B . n 
A 1 7  DG  7  206 206 DG  G   B . n 
B 2 1  GLY 1  104 ?   ?   ?   A . n 
B 2 2  SER 2  105 ?   ?   ?   A . n 
B 2 3  HIS 3  106 ?   ?   ?   A . n 
B 2 4  MET 4  107 ?   ?   ?   A . n 
B 2 5  LEU 5  108 ?   ?   ?   A . n 
B 2 6  SER 6  109 ?   ?   ?   A . n 
B 2 7  THR 7  110 ?   ?   ?   A . n 
B 2 8  GLY 8  111 ?   ?   ?   A . n 
B 2 9  ASP 9  112 ?   ?   ?   A . n 
B 2 10 ASN 10 113 113 ASN ASN A . n 
B 2 11 LEU 11 114 114 LEU LEU A . n 
B 2 12 GLU 12 115 115 GLU GLU A . n 
B 2 13 GLN 13 116 116 GLN GLN A . n 
B 2 14 LYS 14 117 117 LYS LYS A . n 
B 2 15 ILE 15 118 118 ILE ILE A . n 
B 2 16 LEU 16 119 119 LEU LEU A . n 
B 2 17 GLN 17 120 120 GLN GLN A . n 
B 2 18 VAL 18 121 121 VAL VAL A . n 
B 2 19 LEU 19 122 122 LEU LEU A . n 
B 2 20 SER 20 123 123 SER SER A . n 
B 2 21 ASP 21 124 124 ASP ASP A . n 
B 2 22 ASP 22 125 125 ASP ASP A . n 
B 2 23 GLY 23 126 126 GLY GLY A . n 
B 2 24 GLY 24 127 127 GLY GLY A . n 
B 2 25 PRO 25 128 128 PRO PRO A . n 
B 2 26 VAL 26 129 129 VAL VAL A . n 
B 2 27 LYS 27 130 130 LYS LYS A . n 
B 2 28 ILE 28 131 131 ILE ILE A . n 
B 2 29 GLY 29 132 132 GLY GLY A . n 
B 2 30 GLN 30 133 133 GLN GLN A . n 
B 2 31 LEU 31 134 134 LEU LEU A . n 
B 2 32 VAL 32 135 135 VAL VAL A . n 
B 2 33 LYS 33 136 136 LYS LYS A . n 
B 2 34 LYS 34 137 137 LYS LYS A . n 
B 2 35 CYS 35 138 138 CYS CYS A . n 
B 2 36 GLN 36 139 139 GLN GLN A . n 
B 2 37 VAL 37 140 140 VAL VAL A . n 
B 2 38 PRO 38 141 141 PRO PRO A . n 
B 2 39 LYS 39 142 142 LYS LYS A . n 
B 2 40 LYS 40 143 143 LYS LYS A . n 
B 2 41 THR 41 144 144 THR THR A . n 
B 2 42 LEU 42 145 145 LEU LEU A . n 
B 2 43 ASN 43 146 146 ASN ASN A . n 
B 2 44 GLN 44 147 147 GLN GLN A . n 
B 2 45 VAL 45 148 148 VAL VAL A . n 
B 2 46 LEU 46 149 149 LEU LEU A . n 
B 2 47 TYR 47 150 150 TYR TYR A . n 
B 2 48 ARG 48 151 151 ARG ARG A . n 
B 2 49 LEU 49 152 152 LEU LEU A . n 
B 2 50 LYS 50 153 153 LYS LYS A . n 
B 2 51 LYS 51 154 154 LYS LYS A . n 
B 2 52 GLU 52 155 155 GLU GLU A . n 
B 2 53 ASP 53 156 156 ASP ASP A . n 
B 2 54 ARG 54 157 157 ARG ARG A . n 
B 2 55 VAL 55 158 158 VAL VAL A . n 
B 2 56 SER 56 159 159 SER SER A . n 
B 2 57 SER 57 160 160 SER SER A . n 
B 2 58 PRO 58 161 161 PRO PRO A . n 
B 2 59 GLU 59 162 162 GLU GLU A . n 
B 2 60 PRO 60 163 163 PRO PRO A . n 
B 2 61 ALA 61 164 164 ALA ALA A . n 
B 2 62 THR 62 165 165 THR THR A . n 
B 2 63 TRP 63 166 166 TRP TRP A . n 
B 2 64 SER 64 167 167 SER SER A . n 
B 2 65 ILE 65 168 168 ILE ILE A . n 
B 2 66 GLY 66 169 169 GLY GLY A . n 
B 2 67 GLY 67 170 ?   ?   ?   A . n 
# 
loop_
_pdbx_nonpoly_scheme.asym_id 
_pdbx_nonpoly_scheme.entity_id 
_pdbx_nonpoly_scheme.mon_id 
_pdbx_nonpoly_scheme.ndb_seq_num 
_pdbx_nonpoly_scheme.pdb_seq_num 
_pdbx_nonpoly_scheme.auth_seq_num 
_pdbx_nonpoly_scheme.pdb_mon_id 
_pdbx_nonpoly_scheme.auth_mon_id 
_pdbx_nonpoly_scheme.pdb_strand_id 
_pdbx_nonpoly_scheme.pdb_ins_code 
C 3 HOH 1  304 304 HOH HOH B . 
C 3 HOH 2  305 305 HOH HOH B . 
C 3 HOH 3  306 306 HOH HOH B . 
C 3 HOH 4  307 307 HOH HOH B . 
C 3 HOH 5  321 321 HOH HOH B . 
C 3 HOH 6  329 329 HOH HOH B . 
C 3 HOH 7  332 332 HOH HOH B . 
C 3 HOH 8  333 333 HOH HOH B . 
C 3 HOH 9  340 340 HOH HOH B . 
C 3 HOH 10 342 342 HOH HOH B . 
C 3 HOH 11 343 343 HOH HOH B . 
C 3 HOH 12 344 344 HOH HOH B . 
C 3 HOH 13 345 345 HOH HOH B . 
C 3 HOH 14 349 349 HOH HOH B . 
C 3 HOH 15 354 354 HOH HOH B . 
C 3 HOH 16 355 355 HOH HOH B . 
C 3 HOH 17 361 361 HOH HOH B . 
C 3 HOH 18 362 362 HOH HOH B . 
C 3 HOH 19 373 373 HOH HOH B . 
C 3 HOH 20 388 388 HOH HOH B . 
C 3 HOH 21 389 389 HOH HOH B . 
C 3 HOH 22 390 390 HOH HOH B . 
C 3 HOH 23 391 391 HOH HOH B . 
C 3 HOH 24 395 395 HOH HOH B . 
D 3 HOH 1  301 301 HOH HOH A . 
D 3 HOH 2  302 302 HOH HOH A . 
D 3 HOH 3  303 303 HOH HOH A . 
D 3 HOH 4  308 308 HOH HOH A . 
D 3 HOH 5  309 309 HOH HOH A . 
D 3 HOH 6  310 310 HOH HOH A . 
D 3 HOH 7  311 311 HOH HOH A . 
D 3 HOH 8  312 312 HOH HOH A . 
D 3 HOH 9  313 313 HOH HOH A . 
D 3 HOH 10 314 314 HOH HOH A . 
D 3 HOH 11 315 315 HOH HOH A . 
D 3 HOH 12 316 316 HOH HOH A . 
D 3 HOH 13 317 317 HOH HOH A . 
D 3 HOH 14 318 318 HOH HOH A . 
D 3 HOH 15 319 319 HOH HOH A . 
D 3 HOH 16 320 320 HOH HOH A . 
D 3 HOH 17 322 322 HOH HOH A . 
D 3 HOH 18 323 323 HOH HOH A . 
D 3 HOH 19 324 324 HOH HOH A . 
D 3 HOH 20 325 325 HOH HOH A . 
D 3 HOH 21 326 326 HOH HOH A . 
D 3 HOH 22 327 327 HOH HOH A . 
D 3 HOH 23 328 328 HOH HOH A . 
D 3 HOH 24 330 330 HOH HOH A . 
D 3 HOH 25 331 331 HOH HOH A . 
D 3 HOH 26 334 334 HOH HOH A . 
D 3 HOH 27 335 335 HOH HOH A . 
D 3 HOH 28 336 336 HOH HOH A . 
D 3 HOH 29 337 337 HOH HOH A . 
D 3 HOH 30 338 338 HOH HOH A . 
D 3 HOH 31 339 339 HOH HOH A . 
D 3 HOH 32 341 341 HOH HOH A . 
D 3 HOH 33 346 346 HOH HOH A . 
D 3 HOH 34 347 347 HOH HOH A . 
D 3 HOH 35 348 348 HOH HOH A . 
D 3 HOH 36 350 350 HOH HOH A . 
D 3 HOH 37 351 351 HOH HOH A . 
D 3 HOH 38 352 352 HOH HOH A . 
D 3 HOH 39 353 353 HOH HOH A . 
D 3 HOH 40 356 356 HOH HOH A . 
D 3 HOH 41 357 357 HOH HOH A . 
D 3 HOH 42 358 358 HOH HOH A . 
D 3 HOH 43 359 359 HOH HOH A . 
D 3 HOH 44 360 360 HOH HOH A . 
D 3 HOH 45 363 363 HOH HOH A . 
D 3 HOH 46 364 364 HOH HOH A . 
D 3 HOH 47 365 365 HOH HOH A . 
D 3 HOH 48 366 366 HOH HOH A . 
D 3 HOH 49 367 367 HOH HOH A . 
D 3 HOH 50 368 368 HOH HOH A . 
D 3 HOH 51 369 369 HOH HOH A . 
D 3 HOH 52 370 370 HOH HOH A . 
D 3 HOH 53 371 371 HOH HOH A . 
D 3 HOH 54 372 372 HOH HOH A . 
D 3 HOH 55 374 374 HOH HOH A . 
D 3 HOH 56 375 375 HOH HOH A . 
D 3 HOH 57 376 376 HOH HOH A . 
D 3 HOH 58 377 377 HOH HOH A . 
D 3 HOH 59 378 378 HOH HOH A . 
D 3 HOH 60 379 379 HOH HOH A . 
D 3 HOH 61 380 380 HOH HOH A . 
D 3 HOH 62 381 381 HOH HOH A . 
D 3 HOH 63 382 382 HOH HOH A . 
D 3 HOH 64 383 383 HOH HOH A . 
D 3 HOH 65 384 384 HOH HOH A . 
D 3 HOH 66 385 385 HOH HOH A . 
D 3 HOH 67 386 386 HOH HOH A . 
D 3 HOH 68 387 387 HOH HOH A . 
D 3 HOH 69 392 392 HOH HOH A . 
D 3 HOH 70 393 393 HOH HOH A . 
D 3 HOH 71 394 394 HOH HOH A . 
D 3 HOH 72 396 396 HOH HOH A . 
D 3 HOH 73 397 397 HOH HOH A . 
D 3 HOH 74 398 398 HOH HOH A . 
D 3 HOH 75 399 399 HOH HOH A . 
D 3 HOH 76 400 400 HOH HOH A . 
D 3 HOH 77 401 401 HOH HOH A . 
D 3 HOH 78 402 402 HOH HOH A . 
# 
_pdbx_struct_assembly.id                   1 
_pdbx_struct_assembly.details              author_defined_assembly 
_pdbx_struct_assembly.method_details       ? 
_pdbx_struct_assembly.oligomeric_details   tetrameric 
_pdbx_struct_assembly.oligomeric_count     4 
# 
_pdbx_struct_assembly_gen.assembly_id       1 
_pdbx_struct_assembly_gen.oper_expression   1,2 
_pdbx_struct_assembly_gen.asym_id_list      A,B,C,D 
# 
loop_
_pdbx_struct_oper_list.id 
_pdbx_struct_oper_list.type 
_pdbx_struct_oper_list.name 
_pdbx_struct_oper_list.symmetry_operation 
_pdbx_struct_oper_list.matrix[1][1] 
_pdbx_struct_oper_list.matrix[1][2] 
_pdbx_struct_oper_list.matrix[1][3] 
_pdbx_struct_oper_list.vector[1] 
_pdbx_struct_oper_list.matrix[2][1] 
_pdbx_struct_oper_list.matrix[2][2] 
_pdbx_struct_oper_list.matrix[2][3] 
_pdbx_struct_oper_list.vector[2] 
_pdbx_struct_oper_list.matrix[3][1] 
_pdbx_struct_oper_list.matrix[3][2] 
_pdbx_struct_oper_list.matrix[3][3] 
_pdbx_struct_oper_list.vector[3] 
1 'identity operation'         1_555  x,y,z           1.0000000000  0.0000000000 0.0000000000  0.0000000000  0.0000000000 1.0000000000  0.0000000000  0.0000000000 0.0000000000  0.0000000000  1.0000000000 0.0000000000 
2 'crystal symmetry operation' 11_455 -x+y-1,y,-z+1/2 -0.9625268945 0.0946134474 -0.2541461645 34.7982878060 0.0946134474 -0.7611165580 -0.6416773961 2.9660728182 -0.2541461645 -0.6416773961 0.7236434525 6.2351139066 
# 
loop_
_pdbx_struct_special_symmetry.id 
_pdbx_struct_special_symmetry.PDB_model_num 
_pdbx_struct_special_symmetry.auth_asym_id 
_pdbx_struct_special_symmetry.auth_comp_id 
_pdbx_struct_special_symmetry.auth_seq_id 
_pdbx_struct_special_symmetry.PDB_ins_code 
_pdbx_struct_special_symmetry.label_asym_id 
_pdbx_struct_special_symmetry.label_comp_id 
_pdbx_struct_special_symmetry.label_seq_id 
1 1 B HOH 391 ? C HOH . 
2 1 A HOH 335 ? D HOH . 
3 1 A HOH 338 ? D HOH . 
4 1 A HOH 339 ? D HOH . 
5 1 A HOH 399 ? D HOH . 
# 
loop_
_pdbx_audit_revision_history.ordinal 
_pdbx_audit_revision_history.data_content_type 
_pdbx_audit_revision_history.major_revision 
_pdbx_audit_revision_history.minor_revision 
_pdbx_audit_revision_history.revision_date 
1 'Structure model' 1 0 2001-09-01 
2 'Structure model' 1 1 2008-04-27 
3 'Structure model' 1 2 2011-07-13 
4 'Structure model' 1 3 2011-11-16 
5 'Structure model' 1 4 2023-08-16 
# 
_pdbx_audit_revision_details.ordinal             1 
_pdbx_audit_revision_details.revision_ordinal    1 
_pdbx_audit_revision_details.data_content_type   'Structure model' 
_pdbx_audit_revision_details.provider            repository 
_pdbx_audit_revision_details.type                'Initial release' 
_pdbx_audit_revision_details.description         ? 
_pdbx_audit_revision_details.details             ? 
# 
loop_
_pdbx_audit_revision_group.ordinal 
_pdbx_audit_revision_group.revision_ordinal 
_pdbx_audit_revision_group.data_content_type 
_pdbx_audit_revision_group.group 
1 2 'Structure model' 'Version format compliance' 
2 3 'Structure model' 'Version format compliance' 
3 4 'Structure model' 'Atomic model'              
4 5 'Structure model' Advisory                    
5 5 'Structure model' 'Data collection'           
6 5 'Structure model' 'Database references'       
7 5 'Structure model' 'Refinement description'    
# 
loop_
_pdbx_audit_revision_category.ordinal 
_pdbx_audit_revision_category.revision_ordinal 
_pdbx_audit_revision_category.data_content_type 
_pdbx_audit_revision_category.category 
1 5 'Structure model' chem_comp_atom                
2 5 'Structure model' chem_comp_bond                
3 5 'Structure model' database_2                    
4 5 'Structure model' diffrn_source                 
5 5 'Structure model' pdbx_initial_refinement_model 
6 5 'Structure model' pdbx_validate_close_contact   
7 5 'Structure model' struct_ref_seq_dif            
# 
loop_
_pdbx_audit_revision_item.ordinal 
_pdbx_audit_revision_item.revision_ordinal 
_pdbx_audit_revision_item.data_content_type 
_pdbx_audit_revision_item.item 
1 5 'Structure model' '_database_2.pdbx_DOI'                        
2 5 'Structure model' '_database_2.pdbx_database_accession'         
3 5 'Structure model' '_diffrn_source.pdbx_synchrotron_site'        
4 5 'Structure model' '_pdbx_validate_close_contact.auth_asym_id_1' 
5 5 'Structure model' '_pdbx_validate_close_contact.auth_asym_id_2' 
6 5 'Structure model' '_pdbx_validate_close_contact.auth_seq_id_1'  
7 5 'Structure model' '_pdbx_validate_close_contact.auth_seq_id_2'  
8 5 'Structure model' '_struct_ref_seq_dif.details'                 
# 
loop_
_software.name 
_software.classification 
_software.version 
_software.citation_id 
_software.pdbx_ordinal 
EPMR      phasing          .   ? 1 
CNS       refinement       1.0 ? 2 
DENZO     'data reduction' .   ? 3 
SCALEPACK 'data scaling'   .   ? 4 
# 
loop_
_pdbx_validate_close_contact.id 
_pdbx_validate_close_contact.PDB_model_num 
_pdbx_validate_close_contact.auth_atom_id_1 
_pdbx_validate_close_contact.auth_asym_id_1 
_pdbx_validate_close_contact.auth_comp_id_1 
_pdbx_validate_close_contact.auth_seq_id_1 
_pdbx_validate_close_contact.PDB_ins_code_1 
_pdbx_validate_close_contact.label_alt_id_1 
_pdbx_validate_close_contact.auth_atom_id_2 
_pdbx_validate_close_contact.auth_asym_id_2 
_pdbx_validate_close_contact.auth_comp_id_2 
_pdbx_validate_close_contact.auth_seq_id_2 
_pdbx_validate_close_contact.PDB_ins_code_2 
_pdbx_validate_close_contact.label_alt_id_2 
_pdbx_validate_close_contact.dist 
1 1 O   B HOH 333 ? ? O A HOH 350 ? ? 2.14 
2 1 OD1 A ASN 113 ? ? O A HOH 378 ? ? 2.15 
# 
loop_
_pdbx_validate_rmsd_angle.id 
_pdbx_validate_rmsd_angle.PDB_model_num 
_pdbx_validate_rmsd_angle.auth_atom_id_1 
_pdbx_validate_rmsd_angle.auth_asym_id_1 
_pdbx_validate_rmsd_angle.auth_comp_id_1 
_pdbx_validate_rmsd_angle.auth_seq_id_1 
_pdbx_validate_rmsd_angle.PDB_ins_code_1 
_pdbx_validate_rmsd_angle.label_alt_id_1 
_pdbx_validate_rmsd_angle.auth_atom_id_2 
_pdbx_validate_rmsd_angle.auth_asym_id_2 
_pdbx_validate_rmsd_angle.auth_comp_id_2 
_pdbx_validate_rmsd_angle.auth_seq_id_2 
_pdbx_validate_rmsd_angle.PDB_ins_code_2 
_pdbx_validate_rmsd_angle.label_alt_id_2 
_pdbx_validate_rmsd_angle.auth_atom_id_3 
_pdbx_validate_rmsd_angle.auth_asym_id_3 
_pdbx_validate_rmsd_angle.auth_comp_id_3 
_pdbx_validate_rmsd_angle.auth_seq_id_3 
_pdbx_validate_rmsd_angle.PDB_ins_code_3 
_pdbx_validate_rmsd_angle.label_alt_id_3 
_pdbx_validate_rmsd_angle.angle_value 
_pdbx_validate_rmsd_angle.angle_target_value 
_pdbx_validate_rmsd_angle.angle_deviation 
_pdbx_validate_rmsd_angle.angle_standard_deviation 
_pdbx_validate_rmsd_angle.linker_flag 
1 1 "O4'" B DT 200 ? ? "C1'" B DT 200 ? ? N1 B DT 200 ? ? 110.66 108.30 2.36 0.30 N 
2 1 "O4'" B DC 203 ? ? "C1'" B DC 203 ? ? N1 B DC 203 ? ? 110.63 108.30 2.33 0.30 N 
# 
loop_
_pdbx_unobs_or_zero_occ_atoms.id 
_pdbx_unobs_or_zero_occ_atoms.PDB_model_num 
_pdbx_unobs_or_zero_occ_atoms.polymer_flag 
_pdbx_unobs_or_zero_occ_atoms.occupancy_flag 
_pdbx_unobs_or_zero_occ_atoms.auth_asym_id 
_pdbx_unobs_or_zero_occ_atoms.auth_comp_id 
_pdbx_unobs_or_zero_occ_atoms.auth_seq_id 
_pdbx_unobs_or_zero_occ_atoms.PDB_ins_code 
_pdbx_unobs_or_zero_occ_atoms.auth_atom_id 
_pdbx_unobs_or_zero_occ_atoms.label_alt_id 
_pdbx_unobs_or_zero_occ_atoms.label_asym_id 
_pdbx_unobs_or_zero_occ_atoms.label_comp_id 
_pdbx_unobs_or_zero_occ_atoms.label_seq_id 
_pdbx_unobs_or_zero_occ_atoms.label_atom_id 
1 1 Y 1 A LYS 142 ? CD ? B LYS 39 CD 
2 1 Y 1 A LYS 142 ? CE ? B LYS 39 CE 
3 1 Y 1 A LYS 142 ? NZ ? B LYS 39 NZ 
# 
loop_
_pdbx_unobs_or_zero_occ_residues.id 
_pdbx_unobs_or_zero_occ_residues.PDB_model_num 
_pdbx_unobs_or_zero_occ_residues.polymer_flag 
_pdbx_unobs_or_zero_occ_residues.occupancy_flag 
_pdbx_unobs_or_zero_occ_residues.auth_asym_id 
_pdbx_unobs_or_zero_occ_residues.auth_comp_id 
_pdbx_unobs_or_zero_occ_residues.auth_seq_id 
_pdbx_unobs_or_zero_occ_residues.PDB_ins_code 
_pdbx_unobs_or_zero_occ_residues.label_asym_id 
_pdbx_unobs_or_zero_occ_residues.label_comp_id 
_pdbx_unobs_or_zero_occ_residues.label_seq_id 
1  1 Y 1 A GLY 104 ? B GLY 1  
2  1 Y 1 A SER 105 ? B SER 2  
3  1 Y 1 A HIS 106 ? B HIS 3  
4  1 Y 1 A MET 107 ? B MET 4  
5  1 Y 1 A LEU 108 ? B LEU 5  
6  1 Y 1 A SER 109 ? B SER 6  
7  1 Y 1 A THR 110 ? B THR 7  
8  1 Y 1 A GLY 111 ? B GLY 8  
9  1 Y 1 A ASP 112 ? B ASP 9  
10 1 Y 1 A GLY 170 ? B GLY 67 
# 
loop_
_chem_comp_atom.comp_id 
_chem_comp_atom.atom_id 
_chem_comp_atom.type_symbol 
_chem_comp_atom.pdbx_aromatic_flag 
_chem_comp_atom.pdbx_stereo_config 
_chem_comp_atom.pdbx_ordinal 
ALA N      N N N 1   
ALA CA     C N S 2   
ALA C      C N N 3   
ALA O      O N N 4   
ALA CB     C N N 5   
ALA OXT    O N N 6   
ALA H      H N N 7   
ALA H2     H N N 8   
ALA HA     H N N 9   
ALA HB1    H N N 10  
ALA HB2    H N N 11  
ALA HB3    H N N 12  
ALA HXT    H N N 13  
ARG N      N N N 14  
ARG CA     C N S 15  
ARG C      C N N 16  
ARG O      O N N 17  
ARG CB     C N N 18  
ARG CG     C N N 19  
ARG CD     C N N 20  
ARG NE     N N N 21  
ARG CZ     C N N 22  
ARG NH1    N N N 23  
ARG NH2    N N N 24  
ARG OXT    O N N 25  
ARG H      H N N 26  
ARG H2     H N N 27  
ARG HA     H N N 28  
ARG HB2    H N N 29  
ARG HB3    H N N 30  
ARG HG2    H N N 31  
ARG HG3    H N N 32  
ARG HD2    H N N 33  
ARG HD3    H N N 34  
ARG HE     H N N 35  
ARG HH11   H N N 36  
ARG HH12   H N N 37  
ARG HH21   H N N 38  
ARG HH22   H N N 39  
ARG HXT    H N N 40  
ASN N      N N N 41  
ASN CA     C N S 42  
ASN C      C N N 43  
ASN O      O N N 44  
ASN CB     C N N 45  
ASN CG     C N N 46  
ASN OD1    O N N 47  
ASN ND2    N N N 48  
ASN OXT    O N N 49  
ASN H      H N N 50  
ASN H2     H N N 51  
ASN HA     H N N 52  
ASN HB2    H N N 53  
ASN HB3    H N N 54  
ASN HD21   H N N 55  
ASN HD22   H N N 56  
ASN HXT    H N N 57  
ASP N      N N N 58  
ASP CA     C N S 59  
ASP C      C N N 60  
ASP O      O N N 61  
ASP CB     C N N 62  
ASP CG     C N N 63  
ASP OD1    O N N 64  
ASP OD2    O N N 65  
ASP OXT    O N N 66  
ASP H      H N N 67  
ASP H2     H N N 68  
ASP HA     H N N 69  
ASP HB2    H N N 70  
ASP HB3    H N N 71  
ASP HD2    H N N 72  
ASP HXT    H N N 73  
CYS N      N N N 74  
CYS CA     C N R 75  
CYS C      C N N 76  
CYS O      O N N 77  
CYS CB     C N N 78  
CYS SG     S N N 79  
CYS OXT    O N N 80  
CYS H      H N N 81  
CYS H2     H N N 82  
CYS HA     H N N 83  
CYS HB2    H N N 84  
CYS HB3    H N N 85  
CYS HG     H N N 86  
CYS HXT    H N N 87  
DC  OP3    O N N 88  
DC  P      P N N 89  
DC  OP1    O N N 90  
DC  OP2    O N N 91  
DC  "O5'"  O N N 92  
DC  "C5'"  C N N 93  
DC  "C4'"  C N R 94  
DC  "O4'"  O N N 95  
DC  "C3'"  C N S 96  
DC  "O3'"  O N N 97  
DC  "C2'"  C N N 98  
DC  "C1'"  C N R 99  
DC  N1     N N N 100 
DC  C2     C N N 101 
DC  O2     O N N 102 
DC  N3     N N N 103 
DC  C4     C N N 104 
DC  N4     N N N 105 
DC  C5     C N N 106 
DC  C6     C N N 107 
DC  HOP3   H N N 108 
DC  HOP2   H N N 109 
DC  "H5'"  H N N 110 
DC  "H5''" H N N 111 
DC  "H4'"  H N N 112 
DC  "H3'"  H N N 113 
DC  "HO3'" H N N 114 
DC  "H2'"  H N N 115 
DC  "H2''" H N N 116 
DC  "H1'"  H N N 117 
DC  H41    H N N 118 
DC  H42    H N N 119 
DC  H5     H N N 120 
DC  H6     H N N 121 
DG  OP3    O N N 122 
DG  P      P N N 123 
DG  OP1    O N N 124 
DG  OP2    O N N 125 
DG  "O5'"  O N N 126 
DG  "C5'"  C N N 127 
DG  "C4'"  C N R 128 
DG  "O4'"  O N N 129 
DG  "C3'"  C N S 130 
DG  "O3'"  O N N 131 
DG  "C2'"  C N N 132 
DG  "C1'"  C N R 133 
DG  N9     N Y N 134 
DG  C8     C Y N 135 
DG  N7     N Y N 136 
DG  C5     C Y N 137 
DG  C6     C N N 138 
DG  O6     O N N 139 
DG  N1     N N N 140 
DG  C2     C N N 141 
DG  N2     N N N 142 
DG  N3     N N N 143 
DG  C4     C Y N 144 
DG  HOP3   H N N 145 
DG  HOP2   H N N 146 
DG  "H5'"  H N N 147 
DG  "H5''" H N N 148 
DG  "H4'"  H N N 149 
DG  "H3'"  H N N 150 
DG  "HO3'" H N N 151 
DG  "H2'"  H N N 152 
DG  "H2''" H N N 153 
DG  "H1'"  H N N 154 
DG  H8     H N N 155 
DG  H1     H N N 156 
DG  H21    H N N 157 
DG  H22    H N N 158 
DT  OP3    O N N 159 
DT  P      P N N 160 
DT  OP1    O N N 161 
DT  OP2    O N N 162 
DT  "O5'"  O N N 163 
DT  "C5'"  C N N 164 
DT  "C4'"  C N R 165 
DT  "O4'"  O N N 166 
DT  "C3'"  C N S 167 
DT  "O3'"  O N N 168 
DT  "C2'"  C N N 169 
DT  "C1'"  C N R 170 
DT  N1     N N N 171 
DT  C2     C N N 172 
DT  O2     O N N 173 
DT  N3     N N N 174 
DT  C4     C N N 175 
DT  O4     O N N 176 
DT  C5     C N N 177 
DT  C7     C N N 178 
DT  C6     C N N 179 
DT  HOP3   H N N 180 
DT  HOP2   H N N 181 
DT  "H5'"  H N N 182 
DT  "H5''" H N N 183 
DT  "H4'"  H N N 184 
DT  "H3'"  H N N 185 
DT  "HO3'" H N N 186 
DT  "H2'"  H N N 187 
DT  "H2''" H N N 188 
DT  "H1'"  H N N 189 
DT  H3     H N N 190 
DT  H71    H N N 191 
DT  H72    H N N 192 
DT  H73    H N N 193 
DT  H6     H N N 194 
GLN N      N N N 195 
GLN CA     C N S 196 
GLN C      C N N 197 
GLN O      O N N 198 
GLN CB     C N N 199 
GLN CG     C N N 200 
GLN CD     C N N 201 
GLN OE1    O N N 202 
GLN NE2    N N N 203 
GLN OXT    O N N 204 
GLN H      H N N 205 
GLN H2     H N N 206 
GLN HA     H N N 207 
GLN HB2    H N N 208 
GLN HB3    H N N 209 
GLN HG2    H N N 210 
GLN HG3    H N N 211 
GLN HE21   H N N 212 
GLN HE22   H N N 213 
GLN HXT    H N N 214 
GLU N      N N N 215 
GLU CA     C N S 216 
GLU C      C N N 217 
GLU O      O N N 218 
GLU CB     C N N 219 
GLU CG     C N N 220 
GLU CD     C N N 221 
GLU OE1    O N N 222 
GLU OE2    O N N 223 
GLU OXT    O N N 224 
GLU H      H N N 225 
GLU H2     H N N 226 
GLU HA     H N N 227 
GLU HB2    H N N 228 
GLU HB3    H N N 229 
GLU HG2    H N N 230 
GLU HG3    H N N 231 
GLU HE2    H N N 232 
GLU HXT    H N N 233 
GLY N      N N N 234 
GLY CA     C N N 235 
GLY C      C N N 236 
GLY O      O N N 237 
GLY OXT    O N N 238 
GLY H      H N N 239 
GLY H2     H N N 240 
GLY HA2    H N N 241 
GLY HA3    H N N 242 
GLY HXT    H N N 243 
HIS N      N N N 244 
HIS CA     C N S 245 
HIS C      C N N 246 
HIS O      O N N 247 
HIS CB     C N N 248 
HIS CG     C Y N 249 
HIS ND1    N Y N 250 
HIS CD2    C Y N 251 
HIS CE1    C Y N 252 
HIS NE2    N Y N 253 
HIS OXT    O N N 254 
HIS H      H N N 255 
HIS H2     H N N 256 
HIS HA     H N N 257 
HIS HB2    H N N 258 
HIS HB3    H N N 259 
HIS HD1    H N N 260 
HIS HD2    H N N 261 
HIS HE1    H N N 262 
HIS HE2    H N N 263 
HIS HXT    H N N 264 
HOH O      O N N 265 
HOH H1     H N N 266 
HOH H2     H N N 267 
ILE N      N N N 268 
ILE CA     C N S 269 
ILE C      C N N 270 
ILE O      O N N 271 
ILE CB     C N S 272 
ILE CG1    C N N 273 
ILE CG2    C N N 274 
ILE CD1    C N N 275 
ILE OXT    O N N 276 
ILE H      H N N 277 
ILE H2     H N N 278 
ILE HA     H N N 279 
ILE HB     H N N 280 
ILE HG12   H N N 281 
ILE HG13   H N N 282 
ILE HG21   H N N 283 
ILE HG22   H N N 284 
ILE HG23   H N N 285 
ILE HD11   H N N 286 
ILE HD12   H N N 287 
ILE HD13   H N N 288 
ILE HXT    H N N 289 
LEU N      N N N 290 
LEU CA     C N S 291 
LEU C      C N N 292 
LEU O      O N N 293 
LEU CB     C N N 294 
LEU CG     C N N 295 
LEU CD1    C N N 296 
LEU CD2    C N N 297 
LEU OXT    O N N 298 
LEU H      H N N 299 
LEU H2     H N N 300 
LEU HA     H N N 301 
LEU HB2    H N N 302 
LEU HB3    H N N 303 
LEU HG     H N N 304 
LEU HD11   H N N 305 
LEU HD12   H N N 306 
LEU HD13   H N N 307 
LEU HD21   H N N 308 
LEU HD22   H N N 309 
LEU HD23   H N N 310 
LEU HXT    H N N 311 
LYS N      N N N 312 
LYS CA     C N S 313 
LYS C      C N N 314 
LYS O      O N N 315 
LYS CB     C N N 316 
LYS CG     C N N 317 
LYS CD     C N N 318 
LYS CE     C N N 319 
LYS NZ     N N N 320 
LYS OXT    O N N 321 
LYS H      H N N 322 
LYS H2     H N N 323 
LYS HA     H N N 324 
LYS HB2    H N N 325 
LYS HB3    H N N 326 
LYS HG2    H N N 327 
LYS HG3    H N N 328 
LYS HD2    H N N 329 
LYS HD3    H N N 330 
LYS HE2    H N N 331 
LYS HE3    H N N 332 
LYS HZ1    H N N 333 
LYS HZ2    H N N 334 
LYS HZ3    H N N 335 
LYS HXT    H N N 336 
MET N      N N N 337 
MET CA     C N S 338 
MET C      C N N 339 
MET O      O N N 340 
MET CB     C N N 341 
MET CG     C N N 342 
MET SD     S N N 343 
MET CE     C N N 344 
MET OXT    O N N 345 
MET H      H N N 346 
MET H2     H N N 347 
MET HA     H N N 348 
MET HB2    H N N 349 
MET HB3    H N N 350 
MET HG2    H N N 351 
MET HG3    H N N 352 
MET HE1    H N N 353 
MET HE2    H N N 354 
MET HE3    H N N 355 
MET HXT    H N N 356 
PRO N      N N N 357 
PRO CA     C N S 358 
PRO C      C N N 359 
PRO O      O N N 360 
PRO CB     C N N 361 
PRO CG     C N N 362 
PRO CD     C N N 363 
PRO OXT    O N N 364 
PRO H      H N N 365 
PRO HA     H N N 366 
PRO HB2    H N N 367 
PRO HB3    H N N 368 
PRO HG2    H N N 369 
PRO HG3    H N N 370 
PRO HD2    H N N 371 
PRO HD3    H N N 372 
PRO HXT    H N N 373 
SER N      N N N 374 
SER CA     C N S 375 
SER C      C N N 376 
SER O      O N N 377 
SER CB     C N N 378 
SER OG     O N N 379 
SER OXT    O N N 380 
SER H      H N N 381 
SER H2     H N N 382 
SER HA     H N N 383 
SER HB2    H N N 384 
SER HB3    H N N 385 
SER HG     H N N 386 
SER HXT    H N N 387 
THR N      N N N 388 
THR CA     C N S 389 
THR C      C N N 390 
THR O      O N N 391 
THR CB     C N R 392 
THR OG1    O N N 393 
THR CG2    C N N 394 
THR OXT    O N N 395 
THR H      H N N 396 
THR H2     H N N 397 
THR HA     H N N 398 
THR HB     H N N 399 
THR HG1    H N N 400 
THR HG21   H N N 401 
THR HG22   H N N 402 
THR HG23   H N N 403 
THR HXT    H N N 404 
TRP N      N N N 405 
TRP CA     C N S 406 
TRP C      C N N 407 
TRP O      O N N 408 
TRP CB     C N N 409 
TRP CG     C Y N 410 
TRP CD1    C Y N 411 
TRP CD2    C Y N 412 
TRP NE1    N Y N 413 
TRP CE2    C Y N 414 
TRP CE3    C Y N 415 
TRP CZ2    C Y N 416 
TRP CZ3    C Y N 417 
TRP CH2    C Y N 418 
TRP OXT    O N N 419 
TRP H      H N N 420 
TRP H2     H N N 421 
TRP HA     H N N 422 
TRP HB2    H N N 423 
TRP HB3    H N N 424 
TRP HD1    H N N 425 
TRP HE1    H N N 426 
TRP HE3    H N N 427 
TRP HZ2    H N N 428 
TRP HZ3    H N N 429 
TRP HH2    H N N 430 
TRP HXT    H N N 431 
TYR N      N N N 432 
TYR CA     C N S 433 
TYR C      C N N 434 
TYR O      O N N 435 
TYR CB     C N N 436 
TYR CG     C Y N 437 
TYR CD1    C Y N 438 
TYR CD2    C Y N 439 
TYR CE1    C Y N 440 
TYR CE2    C Y N 441 
TYR CZ     C Y N 442 
TYR OH     O N N 443 
TYR OXT    O N N 444 
TYR H      H N N 445 
TYR H2     H N N 446 
TYR HA     H N N 447 
TYR HB2    H N N 448 
TYR HB3    H N N 449 
TYR HD1    H N N 450 
TYR HD2    H N N 451 
TYR HE1    H N N 452 
TYR HE2    H N N 453 
TYR HH     H N N 454 
TYR HXT    H N N 455 
VAL N      N N N 456 
VAL CA     C N S 457 
VAL C      C N N 458 
VAL O      O N N 459 
VAL CB     C N N 460 
VAL CG1    C N N 461 
VAL CG2    C N N 462 
VAL OXT    O N N 463 
VAL H      H N N 464 
VAL H2     H N N 465 
VAL HA     H N N 466 
VAL HB     H N N 467 
VAL HG11   H N N 468 
VAL HG12   H N N 469 
VAL HG13   H N N 470 
VAL HG21   H N N 471 
VAL HG22   H N N 472 
VAL HG23   H N N 473 
VAL HXT    H N N 474 
# 
loop_
_chem_comp_bond.comp_id 
_chem_comp_bond.atom_id_1 
_chem_comp_bond.atom_id_2 
_chem_comp_bond.value_order 
_chem_comp_bond.pdbx_aromatic_flag 
_chem_comp_bond.pdbx_stereo_config 
_chem_comp_bond.pdbx_ordinal 
ALA N     CA     sing N N 1   
ALA N     H      sing N N 2   
ALA N     H2     sing N N 3   
ALA CA    C      sing N N 4   
ALA CA    CB     sing N N 5   
ALA CA    HA     sing N N 6   
ALA C     O      doub N N 7   
ALA C     OXT    sing N N 8   
ALA CB    HB1    sing N N 9   
ALA CB    HB2    sing N N 10  
ALA CB    HB3    sing N N 11  
ALA OXT   HXT    sing N N 12  
ARG N     CA     sing N N 13  
ARG N     H      sing N N 14  
ARG N     H2     sing N N 15  
ARG CA    C      sing N N 16  
ARG CA    CB     sing N N 17  
ARG CA    HA     sing N N 18  
ARG C     O      doub N N 19  
ARG C     OXT    sing N N 20  
ARG CB    CG     sing N N 21  
ARG CB    HB2    sing N N 22  
ARG CB    HB3    sing N N 23  
ARG CG    CD     sing N N 24  
ARG CG    HG2    sing N N 25  
ARG CG    HG3    sing N N 26  
ARG CD    NE     sing N N 27  
ARG CD    HD2    sing N N 28  
ARG CD    HD3    sing N N 29  
ARG NE    CZ     sing N N 30  
ARG NE    HE     sing N N 31  
ARG CZ    NH1    sing N N 32  
ARG CZ    NH2    doub N N 33  
ARG NH1   HH11   sing N N 34  
ARG NH1   HH12   sing N N 35  
ARG NH2   HH21   sing N N 36  
ARG NH2   HH22   sing N N 37  
ARG OXT   HXT    sing N N 38  
ASN N     CA     sing N N 39  
ASN N     H      sing N N 40  
ASN N     H2     sing N N 41  
ASN CA    C      sing N N 42  
ASN CA    CB     sing N N 43  
ASN CA    HA     sing N N 44  
ASN C     O      doub N N 45  
ASN C     OXT    sing N N 46  
ASN CB    CG     sing N N 47  
ASN CB    HB2    sing N N 48  
ASN CB    HB3    sing N N 49  
ASN CG    OD1    doub N N 50  
ASN CG    ND2    sing N N 51  
ASN ND2   HD21   sing N N 52  
ASN ND2   HD22   sing N N 53  
ASN OXT   HXT    sing N N 54  
ASP N     CA     sing N N 55  
ASP N     H      sing N N 56  
ASP N     H2     sing N N 57  
ASP CA    C      sing N N 58  
ASP CA    CB     sing N N 59  
ASP CA    HA     sing N N 60  
ASP C     O      doub N N 61  
ASP C     OXT    sing N N 62  
ASP CB    CG     sing N N 63  
ASP CB    HB2    sing N N 64  
ASP CB    HB3    sing N N 65  
ASP CG    OD1    doub N N 66  
ASP CG    OD2    sing N N 67  
ASP OD2   HD2    sing N N 68  
ASP OXT   HXT    sing N N 69  
CYS N     CA     sing N N 70  
CYS N     H      sing N N 71  
CYS N     H2     sing N N 72  
CYS CA    C      sing N N 73  
CYS CA    CB     sing N N 74  
CYS CA    HA     sing N N 75  
CYS C     O      doub N N 76  
CYS C     OXT    sing N N 77  
CYS CB    SG     sing N N 78  
CYS CB    HB2    sing N N 79  
CYS CB    HB3    sing N N 80  
CYS SG    HG     sing N N 81  
CYS OXT   HXT    sing N N 82  
DC  OP3   P      sing N N 83  
DC  OP3   HOP3   sing N N 84  
DC  P     OP1    doub N N 85  
DC  P     OP2    sing N N 86  
DC  P     "O5'"  sing N N 87  
DC  OP2   HOP2   sing N N 88  
DC  "O5'" "C5'"  sing N N 89  
DC  "C5'" "C4'"  sing N N 90  
DC  "C5'" "H5'"  sing N N 91  
DC  "C5'" "H5''" sing N N 92  
DC  "C4'" "O4'"  sing N N 93  
DC  "C4'" "C3'"  sing N N 94  
DC  "C4'" "H4'"  sing N N 95  
DC  "O4'" "C1'"  sing N N 96  
DC  "C3'" "O3'"  sing N N 97  
DC  "C3'" "C2'"  sing N N 98  
DC  "C3'" "H3'"  sing N N 99  
DC  "O3'" "HO3'" sing N N 100 
DC  "C2'" "C1'"  sing N N 101 
DC  "C2'" "H2'"  sing N N 102 
DC  "C2'" "H2''" sing N N 103 
DC  "C1'" N1     sing N N 104 
DC  "C1'" "H1'"  sing N N 105 
DC  N1    C2     sing N N 106 
DC  N1    C6     sing N N 107 
DC  C2    O2     doub N N 108 
DC  C2    N3     sing N N 109 
DC  N3    C4     doub N N 110 
DC  C4    N4     sing N N 111 
DC  C4    C5     sing N N 112 
DC  N4    H41    sing N N 113 
DC  N4    H42    sing N N 114 
DC  C5    C6     doub N N 115 
DC  C5    H5     sing N N 116 
DC  C6    H6     sing N N 117 
DG  OP3   P      sing N N 118 
DG  OP3   HOP3   sing N N 119 
DG  P     OP1    doub N N 120 
DG  P     OP2    sing N N 121 
DG  P     "O5'"  sing N N 122 
DG  OP2   HOP2   sing N N 123 
DG  "O5'" "C5'"  sing N N 124 
DG  "C5'" "C4'"  sing N N 125 
DG  "C5'" "H5'"  sing N N 126 
DG  "C5'" "H5''" sing N N 127 
DG  "C4'" "O4'"  sing N N 128 
DG  "C4'" "C3'"  sing N N 129 
DG  "C4'" "H4'"  sing N N 130 
DG  "O4'" "C1'"  sing N N 131 
DG  "C3'" "O3'"  sing N N 132 
DG  "C3'" "C2'"  sing N N 133 
DG  "C3'" "H3'"  sing N N 134 
DG  "O3'" "HO3'" sing N N 135 
DG  "C2'" "C1'"  sing N N 136 
DG  "C2'" "H2'"  sing N N 137 
DG  "C2'" "H2''" sing N N 138 
DG  "C1'" N9     sing N N 139 
DG  "C1'" "H1'"  sing N N 140 
DG  N9    C8     sing Y N 141 
DG  N9    C4     sing Y N 142 
DG  C8    N7     doub Y N 143 
DG  C8    H8     sing N N 144 
DG  N7    C5     sing Y N 145 
DG  C5    C6     sing N N 146 
DG  C5    C4     doub Y N 147 
DG  C6    O6     doub N N 148 
DG  C6    N1     sing N N 149 
DG  N1    C2     sing N N 150 
DG  N1    H1     sing N N 151 
DG  C2    N2     sing N N 152 
DG  C2    N3     doub N N 153 
DG  N2    H21    sing N N 154 
DG  N2    H22    sing N N 155 
DG  N3    C4     sing N N 156 
DT  OP3   P      sing N N 157 
DT  OP3   HOP3   sing N N 158 
DT  P     OP1    doub N N 159 
DT  P     OP2    sing N N 160 
DT  P     "O5'"  sing N N 161 
DT  OP2   HOP2   sing N N 162 
DT  "O5'" "C5'"  sing N N 163 
DT  "C5'" "C4'"  sing N N 164 
DT  "C5'" "H5'"  sing N N 165 
DT  "C5'" "H5''" sing N N 166 
DT  "C4'" "O4'"  sing N N 167 
DT  "C4'" "C3'"  sing N N 168 
DT  "C4'" "H4'"  sing N N 169 
DT  "O4'" "C1'"  sing N N 170 
DT  "C3'" "O3'"  sing N N 171 
DT  "C3'" "C2'"  sing N N 172 
DT  "C3'" "H3'"  sing N N 173 
DT  "O3'" "HO3'" sing N N 174 
DT  "C2'" "C1'"  sing N N 175 
DT  "C2'" "H2'"  sing N N 176 
DT  "C2'" "H2''" sing N N 177 
DT  "C1'" N1     sing N N 178 
DT  "C1'" "H1'"  sing N N 179 
DT  N1    C2     sing N N 180 
DT  N1    C6     sing N N 181 
DT  C2    O2     doub N N 182 
DT  C2    N3     sing N N 183 
DT  N3    C4     sing N N 184 
DT  N3    H3     sing N N 185 
DT  C4    O4     doub N N 186 
DT  C4    C5     sing N N 187 
DT  C5    C7     sing N N 188 
DT  C5    C6     doub N N 189 
DT  C7    H71    sing N N 190 
DT  C7    H72    sing N N 191 
DT  C7    H73    sing N N 192 
DT  C6    H6     sing N N 193 
GLN N     CA     sing N N 194 
GLN N     H      sing N N 195 
GLN N     H2     sing N N 196 
GLN CA    C      sing N N 197 
GLN CA    CB     sing N N 198 
GLN CA    HA     sing N N 199 
GLN C     O      doub N N 200 
GLN C     OXT    sing N N 201 
GLN CB    CG     sing N N 202 
GLN CB    HB2    sing N N 203 
GLN CB    HB3    sing N N 204 
GLN CG    CD     sing N N 205 
GLN CG    HG2    sing N N 206 
GLN CG    HG3    sing N N 207 
GLN CD    OE1    doub N N 208 
GLN CD    NE2    sing N N 209 
GLN NE2   HE21   sing N N 210 
GLN NE2   HE22   sing N N 211 
GLN OXT   HXT    sing N N 212 
GLU N     CA     sing N N 213 
GLU N     H      sing N N 214 
GLU N     H2     sing N N 215 
GLU CA    C      sing N N 216 
GLU CA    CB     sing N N 217 
GLU CA    HA     sing N N 218 
GLU C     O      doub N N 219 
GLU C     OXT    sing N N 220 
GLU CB    CG     sing N N 221 
GLU CB    HB2    sing N N 222 
GLU CB    HB3    sing N N 223 
GLU CG    CD     sing N N 224 
GLU CG    HG2    sing N N 225 
GLU CG    HG3    sing N N 226 
GLU CD    OE1    doub N N 227 
GLU CD    OE2    sing N N 228 
GLU OE2   HE2    sing N N 229 
GLU OXT   HXT    sing N N 230 
GLY N     CA     sing N N 231 
GLY N     H      sing N N 232 
GLY N     H2     sing N N 233 
GLY CA    C      sing N N 234 
GLY CA    HA2    sing N N 235 
GLY CA    HA3    sing N N 236 
GLY C     O      doub N N 237 
GLY C     OXT    sing N N 238 
GLY OXT   HXT    sing N N 239 
HIS N     CA     sing N N 240 
HIS N     H      sing N N 241 
HIS N     H2     sing N N 242 
HIS CA    C      sing N N 243 
HIS CA    CB     sing N N 244 
HIS CA    HA     sing N N 245 
HIS C     O      doub N N 246 
HIS C     OXT    sing N N 247 
HIS CB    CG     sing N N 248 
HIS CB    HB2    sing N N 249 
HIS CB    HB3    sing N N 250 
HIS CG    ND1    sing Y N 251 
HIS CG    CD2    doub Y N 252 
HIS ND1   CE1    doub Y N 253 
HIS ND1   HD1    sing N N 254 
HIS CD2   NE2    sing Y N 255 
HIS CD2   HD2    sing N N 256 
HIS CE1   NE2    sing Y N 257 
HIS CE1   HE1    sing N N 258 
HIS NE2   HE2    sing N N 259 
HIS OXT   HXT    sing N N 260 
HOH O     H1     sing N N 261 
HOH O     H2     sing N N 262 
ILE N     CA     sing N N 263 
ILE N     H      sing N N 264 
ILE N     H2     sing N N 265 
ILE CA    C      sing N N 266 
ILE CA    CB     sing N N 267 
ILE CA    HA     sing N N 268 
ILE C     O      doub N N 269 
ILE C     OXT    sing N N 270 
ILE CB    CG1    sing N N 271 
ILE CB    CG2    sing N N 272 
ILE CB    HB     sing N N 273 
ILE CG1   CD1    sing N N 274 
ILE CG1   HG12   sing N N 275 
ILE CG1   HG13   sing N N 276 
ILE CG2   HG21   sing N N 277 
ILE CG2   HG22   sing N N 278 
ILE CG2   HG23   sing N N 279 
ILE CD1   HD11   sing N N 280 
ILE CD1   HD12   sing N N 281 
ILE CD1   HD13   sing N N 282 
ILE OXT   HXT    sing N N 283 
LEU N     CA     sing N N 284 
LEU N     H      sing N N 285 
LEU N     H2     sing N N 286 
LEU CA    C      sing N N 287 
LEU CA    CB     sing N N 288 
LEU CA    HA     sing N N 289 
LEU C     O      doub N N 290 
LEU C     OXT    sing N N 291 
LEU CB    CG     sing N N 292 
LEU CB    HB2    sing N N 293 
LEU CB    HB3    sing N N 294 
LEU CG    CD1    sing N N 295 
LEU CG    CD2    sing N N 296 
LEU CG    HG     sing N N 297 
LEU CD1   HD11   sing N N 298 
LEU CD1   HD12   sing N N 299 
LEU CD1   HD13   sing N N 300 
LEU CD2   HD21   sing N N 301 
LEU CD2   HD22   sing N N 302 
LEU CD2   HD23   sing N N 303 
LEU OXT   HXT    sing N N 304 
LYS N     CA     sing N N 305 
LYS N     H      sing N N 306 
LYS N     H2     sing N N 307 
LYS CA    C      sing N N 308 
LYS CA    CB     sing N N 309 
LYS CA    HA     sing N N 310 
LYS C     O      doub N N 311 
LYS C     OXT    sing N N 312 
LYS CB    CG     sing N N 313 
LYS CB    HB2    sing N N 314 
LYS CB    HB3    sing N N 315 
LYS CG    CD     sing N N 316 
LYS CG    HG2    sing N N 317 
LYS CG    HG3    sing N N 318 
LYS CD    CE     sing N N 319 
LYS CD    HD2    sing N N 320 
LYS CD    HD3    sing N N 321 
LYS CE    NZ     sing N N 322 
LYS CE    HE2    sing N N 323 
LYS CE    HE3    sing N N 324 
LYS NZ    HZ1    sing N N 325 
LYS NZ    HZ2    sing N N 326 
LYS NZ    HZ3    sing N N 327 
LYS OXT   HXT    sing N N 328 
MET N     CA     sing N N 329 
MET N     H      sing N N 330 
MET N     H2     sing N N 331 
MET CA    C      sing N N 332 
MET CA    CB     sing N N 333 
MET CA    HA     sing N N 334 
MET C     O      doub N N 335 
MET C     OXT    sing N N 336 
MET CB    CG     sing N N 337 
MET CB    HB2    sing N N 338 
MET CB    HB3    sing N N 339 
MET CG    SD     sing N N 340 
MET CG    HG2    sing N N 341 
MET CG    HG3    sing N N 342 
MET SD    CE     sing N N 343 
MET CE    HE1    sing N N 344 
MET CE    HE2    sing N N 345 
MET CE    HE3    sing N N 346 
MET OXT   HXT    sing N N 347 
PRO N     CA     sing N N 348 
PRO N     CD     sing N N 349 
PRO N     H      sing N N 350 
PRO CA    C      sing N N 351 
PRO CA    CB     sing N N 352 
PRO CA    HA     sing N N 353 
PRO C     O      doub N N 354 
PRO C     OXT    sing N N 355 
PRO CB    CG     sing N N 356 
PRO CB    HB2    sing N N 357 
PRO CB    HB3    sing N N 358 
PRO CG    CD     sing N N 359 
PRO CG    HG2    sing N N 360 
PRO CG    HG3    sing N N 361 
PRO CD    HD2    sing N N 362 
PRO CD    HD3    sing N N 363 
PRO OXT   HXT    sing N N 364 
SER N     CA     sing N N 365 
SER N     H      sing N N 366 
SER N     H2     sing N N 367 
SER CA    C      sing N N 368 
SER CA    CB     sing N N 369 
SER CA    HA     sing N N 370 
SER C     O      doub N N 371 
SER C     OXT    sing N N 372 
SER CB    OG     sing N N 373 
SER CB    HB2    sing N N 374 
SER CB    HB3    sing N N 375 
SER OG    HG     sing N N 376 
SER OXT   HXT    sing N N 377 
THR N     CA     sing N N 378 
THR N     H      sing N N 379 
THR N     H2     sing N N 380 
THR CA    C      sing N N 381 
THR CA    CB     sing N N 382 
THR CA    HA     sing N N 383 
THR C     O      doub N N 384 
THR C     OXT    sing N N 385 
THR CB    OG1    sing N N 386 
THR CB    CG2    sing N N 387 
THR CB    HB     sing N N 388 
THR OG1   HG1    sing N N 389 
THR CG2   HG21   sing N N 390 
THR CG2   HG22   sing N N 391 
THR CG2   HG23   sing N N 392 
THR OXT   HXT    sing N N 393 
TRP N     CA     sing N N 394 
TRP N     H      sing N N 395 
TRP N     H2     sing N N 396 
TRP CA    C      sing N N 397 
TRP CA    CB     sing N N 398 
TRP CA    HA     sing N N 399 
TRP C     O      doub N N 400 
TRP C     OXT    sing N N 401 
TRP CB    CG     sing N N 402 
TRP CB    HB2    sing N N 403 
TRP CB    HB3    sing N N 404 
TRP CG    CD1    doub Y N 405 
TRP CG    CD2    sing Y N 406 
TRP CD1   NE1    sing Y N 407 
TRP CD1   HD1    sing N N 408 
TRP CD2   CE2    doub Y N 409 
TRP CD2   CE3    sing Y N 410 
TRP NE1   CE2    sing Y N 411 
TRP NE1   HE1    sing N N 412 
TRP CE2   CZ2    sing Y N 413 
TRP CE3   CZ3    doub Y N 414 
TRP CE3   HE3    sing N N 415 
TRP CZ2   CH2    doub Y N 416 
TRP CZ2   HZ2    sing N N 417 
TRP CZ3   CH2    sing Y N 418 
TRP CZ3   HZ3    sing N N 419 
TRP CH2   HH2    sing N N 420 
TRP OXT   HXT    sing N N 421 
TYR N     CA     sing N N 422 
TYR N     H      sing N N 423 
TYR N     H2     sing N N 424 
TYR CA    C      sing N N 425 
TYR CA    CB     sing N N 426 
TYR CA    HA     sing N N 427 
TYR C     O      doub N N 428 
TYR C     OXT    sing N N 429 
TYR CB    CG     sing N N 430 
TYR CB    HB2    sing N N 431 
TYR CB    HB3    sing N N 432 
TYR CG    CD1    doub Y N 433 
TYR CG    CD2    sing Y N 434 
TYR CD1   CE1    sing Y N 435 
TYR CD1   HD1    sing N N 436 
TYR CD2   CE2    doub Y N 437 
TYR CD2   HD2    sing N N 438 
TYR CE1   CZ     doub Y N 439 
TYR CE1   HE1    sing N N 440 
TYR CE2   CZ     sing Y N 441 
TYR CE2   HE2    sing N N 442 
TYR CZ    OH     sing N N 443 
TYR OH    HH     sing N N 444 
TYR OXT   HXT    sing N N 445 
VAL N     CA     sing N N 446 
VAL N     H      sing N N 447 
VAL N     H2     sing N N 448 
VAL CA    C      sing N N 449 
VAL CA    CB     sing N N 450 
VAL CA    HA     sing N N 451 
VAL C     O      doub N N 452 
VAL C     OXT    sing N N 453 
VAL CB    CG1    sing N N 454 
VAL CB    CG2    sing N N 455 
VAL CB    HB     sing N N 456 
VAL CG1   HG11   sing N N 457 
VAL CG1   HG12   sing N N 458 
VAL CG1   HG13   sing N N 459 
VAL CG2   HG21   sing N N 460 
VAL CG2   HG22   sing N N 461 
VAL CG2   HG23   sing N N 462 
VAL OXT   HXT    sing N N 463 
# 
_ndb_struct_conf_na.entry_id   1J75 
_ndb_struct_conf_na.feature    'z-form double helix' 
# 
loop_
_ndb_struct_na_base_pair.model_number 
_ndb_struct_na_base_pair.i_label_asym_id 
_ndb_struct_na_base_pair.i_label_comp_id 
_ndb_struct_na_base_pair.i_label_seq_id 
_ndb_struct_na_base_pair.i_symmetry 
_ndb_struct_na_base_pair.j_label_asym_id 
_ndb_struct_na_base_pair.j_label_comp_id 
_ndb_struct_na_base_pair.j_label_seq_id 
_ndb_struct_na_base_pair.j_symmetry 
_ndb_struct_na_base_pair.shear 
_ndb_struct_na_base_pair.stretch 
_ndb_struct_na_base_pair.stagger 
_ndb_struct_na_base_pair.buckle 
_ndb_struct_na_base_pair.propeller 
_ndb_struct_na_base_pair.opening 
_ndb_struct_na_base_pair.pair_number 
_ndb_struct_na_base_pair.pair_name 
_ndb_struct_na_base_pair.i_auth_asym_id 
_ndb_struct_na_base_pair.i_auth_seq_id 
_ndb_struct_na_base_pair.i_PDB_ins_code 
_ndb_struct_na_base_pair.j_auth_asym_id 
_ndb_struct_na_base_pair.j_auth_seq_id 
_ndb_struct_na_base_pair.j_PDB_ins_code 
_ndb_struct_na_base_pair.hbond_type_28 
_ndb_struct_na_base_pair.hbond_type_12 
1 A DC 2 1_555 A DG 7 11_455 -0.170 -0.158 -0.068 0.732   -7.188 -5.122 1 B_DC201:DG206_B B 201 ? B 206 ? 19 1 
1 A DG 3 1_555 A DC 6 11_455 0.402  -0.184 0.225  3.584   -9.300 0.492  2 B_DG202:DC205_B B 202 ? B 205 ? 19 1 
1 A DC 4 1_555 A DG 5 11_455 -0.324 -0.048 -0.123 11.764  -6.146 -2.625 3 B_DC203:DG204_B B 203 ? B 204 ? 19 1 
1 A DG 5 1_555 A DC 4 11_455 0.324  -0.048 -0.123 -11.764 -6.146 -2.624 4 B_DG204:DC203_B B 204 ? B 203 ? 19 1 
1 A DC 6 1_555 A DG 3 11_455 -0.402 -0.184 0.225  -3.584  -9.300 0.492  5 B_DC205:DG202_B B 205 ? B 202 ? 19 1 
1 A DG 7 1_555 A DC 2 11_455 0.170  -0.158 -0.068 -0.732  -7.188 -5.122 6 B_DG206:DC201_B B 206 ? B 201 ? 19 1 
# 
loop_
_ndb_struct_na_base_pair_step.model_number 
_ndb_struct_na_base_pair_step.i_label_asym_id_1 
_ndb_struct_na_base_pair_step.i_label_comp_id_1 
_ndb_struct_na_base_pair_step.i_label_seq_id_1 
_ndb_struct_na_base_pair_step.i_symmetry_1 
_ndb_struct_na_base_pair_step.j_label_asym_id_1 
_ndb_struct_na_base_pair_step.j_label_comp_id_1 
_ndb_struct_na_base_pair_step.j_label_seq_id_1 
_ndb_struct_na_base_pair_step.j_symmetry_1 
_ndb_struct_na_base_pair_step.i_label_asym_id_2 
_ndb_struct_na_base_pair_step.i_label_comp_id_2 
_ndb_struct_na_base_pair_step.i_label_seq_id_2 
_ndb_struct_na_base_pair_step.i_symmetry_2 
_ndb_struct_na_base_pair_step.j_label_asym_id_2 
_ndb_struct_na_base_pair_step.j_label_comp_id_2 
_ndb_struct_na_base_pair_step.j_label_seq_id_2 
_ndb_struct_na_base_pair_step.j_symmetry_2 
_ndb_struct_na_base_pair_step.shift 
_ndb_struct_na_base_pair_step.slide 
_ndb_struct_na_base_pair_step.rise 
_ndb_struct_na_base_pair_step.tilt 
_ndb_struct_na_base_pair_step.roll 
_ndb_struct_na_base_pair_step.twist 
_ndb_struct_na_base_pair_step.x_displacement 
_ndb_struct_na_base_pair_step.y_displacement 
_ndb_struct_na_base_pair_step.helical_rise 
_ndb_struct_na_base_pair_step.inclination 
_ndb_struct_na_base_pair_step.tip 
_ndb_struct_na_base_pair_step.helical_twist 
_ndb_struct_na_base_pair_step.step_number 
_ndb_struct_na_base_pair_step.step_name 
_ndb_struct_na_base_pair_step.i_auth_asym_id_1 
_ndb_struct_na_base_pair_step.i_auth_seq_id_1 
_ndb_struct_na_base_pair_step.i_PDB_ins_code_1 
_ndb_struct_na_base_pair_step.j_auth_asym_id_1 
_ndb_struct_na_base_pair_step.j_auth_seq_id_1 
_ndb_struct_na_base_pair_step.j_PDB_ins_code_1 
_ndb_struct_na_base_pair_step.i_auth_asym_id_2 
_ndb_struct_na_base_pair_step.i_auth_seq_id_2 
_ndb_struct_na_base_pair_step.i_PDB_ins_code_2 
_ndb_struct_na_base_pair_step.j_auth_asym_id_2 
_ndb_struct_na_base_pair_step.j_auth_seq_id_2 
_ndb_struct_na_base_pair_step.j_PDB_ins_code_2 
1 A DC 2 1_555 A DG 7 11_455 A DG 3 1_555 A DC 6 11_455 0.124  4.947  3.383 -2.426 -9.939  -9.082  -3.864 -3.609 5.861 47.126 
-11.504 -13.673 1 BB_DC201DG202:DC205DG206_BB B 201 ? B 206 ? B 202 ? B 205 ? 
1 A DG 3 1_555 A DC 6 11_455 A DC 4 1_555 A DG 5 11_455 0.157  -1.601 3.283 1.659  -10.177 -44.895 2.883  0.337  2.867 13.122 
2.139   -46.004 2 BB_DG202DC203:DG204DC205_BB B 202 ? B 205 ? B 203 ? B 204 ? 
1 A DC 4 1_555 A DG 5 11_455 A DG 5 1_555 A DC 4 11_455 0.000  5.580  3.917 0.000  -9.375  -10.923 -6.777 0.000  6.603 40.744 
0.000   -14.385 3 BB_DC203DG204:DC203DG204_BB B 203 ? B 204 ? B 204 ? B 203 ? 
1 A DG 5 1_555 A DC 4 11_455 A DC 6 1_555 A DG 3 11_455 -0.157 -1.601 3.283 -1.659 -10.177 -44.895 2.883  -0.337 2.867 13.122 
-2.139  -46.004 4 BB_DG204DC205:DG202DC203_BB B 204 ? B 203 ? B 205 ? B 202 ? 
1 A DC 6 1_555 A DG 3 11_455 A DG 7 1_555 A DC 2 11_455 -0.124 4.947  3.383 2.426  -9.939  -9.082  -3.864 3.610  5.861 47.126 
11.504  -13.673 5 BB_DC205DG206:DC201DG202_BB B 205 ? B 202 ? B 206 ? B 201 ? 
# 
_pdbx_entity_nonpoly.entity_id   3 
_pdbx_entity_nonpoly.name        water 
_pdbx_entity_nonpoly.comp_id     HOH 
# 
_pdbx_initial_refinement_model.id               1 
_pdbx_initial_refinement_model.entity_id_list   ? 
_pdbx_initial_refinement_model.type             'experimental model' 
_pdbx_initial_refinement_model.source_name      PDB 
_pdbx_initial_refinement_model.accession_code   1QBJ 
_pdbx_initial_refinement_model.details          'PDB ENTRY 1QBJ' 
# 
